data_2KCD
#
_entry.id   2KCD
#
_entity_poly.entity_id   1
_entity_poly.type   'polypeptide(L)'
_entity_poly.pdbx_seq_one_letter_code
;MTLELQLKHYITNLFNLPRDEKWECESIEEVADDILPDQYVRLGPLSNKILQTNTYYSDTLHKSNIYPFILYYQKQLIAI
GFIDENHDMDFLYLHNTVMPLLDQRYLLTGGQLEHHHHHH
;
_entity_poly.pdbx_strand_id   A
#
# COMPACT_ATOMS: atom_id res chain seq x y z
N MET A 1 13.80 8.57 -4.89
CA MET A 1 13.75 7.08 -4.92
C MET A 1 13.03 6.59 -3.66
N THR A 2 12.35 7.49 -2.99
CA THR A 2 11.61 7.13 -1.72
C THR A 2 10.43 6.19 -2.02
N LEU A 3 10.29 5.17 -1.21
CA LEU A 3 9.18 4.19 -1.39
C LEU A 3 7.83 4.88 -1.20
N GLU A 4 7.74 5.75 -0.23
CA GLU A 4 6.46 6.45 0.05
C GLU A 4 6.10 7.37 -1.14
N LEU A 5 7.09 7.98 -1.72
CA LEU A 5 6.82 8.89 -2.88
C LEU A 5 6.26 8.09 -4.04
N GLN A 6 6.81 6.93 -4.29
CA GLN A 6 6.32 6.09 -5.42
C GLN A 6 4.88 5.66 -5.11
N LEU A 7 4.60 5.39 -3.86
CA LEU A 7 3.24 4.95 -3.48
C LEU A 7 2.24 6.06 -3.77
N LYS A 8 2.58 7.28 -3.43
CA LYS A 8 1.66 8.41 -3.68
C LYS A 8 1.48 8.60 -5.18
N HIS A 9 2.56 8.56 -5.91
CA HIS A 9 2.49 8.74 -7.39
C HIS A 9 1.75 7.56 -8.01
N TYR A 10 2.00 6.38 -7.51
CA TYR A 10 1.33 5.16 -8.07
C TYR A 10 -0.18 5.28 -7.87
N ILE A 11 -0.60 5.63 -6.69
CA ILE A 11 -2.07 5.76 -6.38
C ILE A 11 -2.67 6.88 -7.23
N THR A 12 -2.00 8.00 -7.30
CA THR A 12 -2.52 9.16 -8.08
C THR A 12 -2.58 8.81 -9.56
N ASN A 13 -1.55 8.14 -10.04
CA ASN A 13 -1.52 7.75 -11.47
C ASN A 13 -2.63 6.72 -11.74
N LEU A 14 -2.87 5.86 -10.78
CA LEU A 14 -3.91 4.82 -10.97
C LEU A 14 -5.28 5.47 -11.18
N PHE A 15 -5.62 6.43 -10.37
CA PHE A 15 -6.95 7.10 -10.51
C PHE A 15 -6.76 8.46 -11.18
N ASN A 16 -5.54 8.76 -11.55
CA ASN A 16 -5.25 10.06 -12.23
C ASN A 16 -5.69 11.23 -11.34
N LEU A 17 -5.43 11.11 -10.06
CA LEU A 17 -5.81 12.19 -9.11
C LEU A 17 -4.66 13.20 -8.99
N PRO A 18 -4.98 14.45 -8.78
CA PRO A 18 -3.96 15.53 -8.63
C PRO A 18 -2.79 15.10 -7.76
N ARG A 19 -1.60 15.27 -8.27
CA ARG A 19 -0.38 14.89 -7.50
C ARG A 19 0.11 16.09 -6.70
N ASP A 20 -0.42 17.25 -7.00
CA ASP A 20 0.00 18.48 -6.28
C ASP A 20 -0.86 18.65 -5.03
N GLU A 21 -1.73 17.70 -4.77
CA GLU A 21 -2.60 17.77 -3.56
C GLU A 21 -2.00 16.91 -2.45
N LYS A 22 -1.60 17.53 -1.39
CA LYS A 22 -0.98 16.78 -0.25
C LYS A 22 -2.08 16.20 0.64
N TRP A 23 -1.81 15.04 1.18
CA TRP A 23 -2.80 14.36 2.06
C TRP A 23 -2.39 14.54 3.53
N GLU A 24 -3.19 14.04 4.43
CA GLU A 24 -2.88 14.17 5.88
C GLU A 24 -2.48 12.82 6.46
N CYS A 25 -1.28 12.74 6.95
CA CYS A 25 -0.78 11.45 7.52
C CYS A 25 -1.31 11.28 8.94
N GLU A 26 -1.71 10.07 9.25
CA GLU A 26 -2.24 9.76 10.61
C GLU A 26 -1.48 8.55 11.17
N SER A 27 -0.81 8.76 12.26
CA SER A 27 -0.02 7.66 12.90
C SER A 27 -0.81 7.00 14.01
N ILE A 28 -1.10 5.73 13.84
CA ILE A 28 -1.87 4.96 14.87
C ILE A 28 -1.36 3.52 14.90
N GLU A 29 -1.45 2.89 16.03
CA GLU A 29 -0.99 1.48 16.18
C GLU A 29 -2.15 0.53 15.89
N GLU A 30 -1.95 -0.40 15.00
CA GLU A 30 -3.03 -1.36 14.66
C GLU A 30 -2.46 -2.77 14.50
N VAL A 31 -3.29 -3.75 14.69
CA VAL A 31 -2.85 -5.17 14.57
C VAL A 31 -2.94 -5.61 13.11
N ALA A 32 -1.91 -6.26 12.64
CA ALA A 32 -1.86 -6.72 11.23
C ALA A 32 -3.07 -7.60 10.92
N ASP A 33 -3.42 -8.47 11.82
CA ASP A 33 -4.58 -9.38 11.59
C ASP A 33 -5.88 -8.57 11.49
N ASP A 34 -6.01 -7.56 12.31
CA ASP A 34 -7.24 -6.71 12.29
C ASP A 34 -7.36 -6.02 10.93
N ILE A 35 -6.26 -5.55 10.41
CA ILE A 35 -6.28 -4.85 9.09
C ILE A 35 -6.07 -5.87 7.97
N LEU A 36 -4.87 -6.36 7.82
CA LEU A 36 -4.57 -7.34 6.74
C LEU A 36 -5.49 -8.57 6.90
N PRO A 37 -5.86 -9.18 5.81
CA PRO A 37 -6.75 -10.38 5.82
C PRO A 37 -6.09 -11.60 6.46
N ASP A 38 -6.88 -12.51 6.94
CA ASP A 38 -6.35 -13.75 7.58
C ASP A 38 -5.63 -14.60 6.53
N GLN A 39 -5.89 -14.32 5.27
CA GLN A 39 -5.24 -15.10 4.17
C GLN A 39 -3.73 -14.91 4.24
N TYR A 40 -3.29 -13.71 4.53
CA TYR A 40 -1.83 -13.44 4.62
C TYR A 40 -1.39 -13.52 6.08
N VAL A 41 -2.32 -13.65 6.98
CA VAL A 41 -1.97 -13.74 8.43
C VAL A 41 -2.70 -14.95 9.04
N ARG A 42 -2.75 -16.03 8.30
CA ARG A 42 -3.43 -17.26 8.80
C ARG A 42 -2.68 -17.77 10.02
N LEU A 43 -1.37 -17.80 9.96
CA LEU A 43 -0.56 -18.29 11.11
C LEU A 43 0.82 -17.59 11.08
N GLY A 44 0.97 -16.62 10.21
CA GLY A 44 2.26 -15.90 10.09
C GLY A 44 2.62 -15.26 11.43
N PRO A 45 3.86 -14.83 11.56
CA PRO A 45 4.34 -14.18 12.81
C PRO A 45 3.63 -12.84 13.05
N LEU A 46 3.03 -12.29 12.03
CA LEU A 46 2.31 -10.99 12.17
C LEU A 46 0.95 -11.26 12.82
N SER A 47 0.77 -12.44 13.34
CA SER A 47 -0.51 -12.81 14.00
C SER A 47 -1.03 -11.65 14.84
N ASN A 48 -0.70 -11.64 16.10
CA ASN A 48 -1.18 -10.54 17.01
C ASN A 48 -0.05 -9.53 17.22
N LYS A 49 0.56 -9.09 16.14
CA LYS A 49 1.65 -8.09 16.25
C LYS A 49 1.11 -6.68 16.00
N ILE A 50 1.59 -5.75 16.76
CA ILE A 50 1.14 -4.34 16.61
C ILE A 50 2.07 -3.62 15.66
N LEU A 51 1.62 -3.39 14.46
CA LEU A 51 2.44 -2.68 13.44
C LEU A 51 1.96 -1.24 13.27
N GLN A 52 2.89 -0.33 13.18
CA GLN A 52 2.53 1.10 13.01
C GLN A 52 2.05 1.32 11.59
N THR A 53 0.79 1.65 11.46
CA THR A 53 0.19 1.88 10.11
C THR A 53 -0.05 3.37 9.89
N ASN A 54 0.48 3.89 8.82
CA ASN A 54 0.31 5.34 8.51
C ASN A 54 -0.77 5.51 7.44
N THR A 55 -1.97 5.84 7.87
CA THR A 55 -3.11 6.02 6.93
C THR A 55 -3.19 7.48 6.49
N TYR A 56 -3.34 7.69 5.20
CA TYR A 56 -3.43 9.07 4.65
C TYR A 56 -4.85 9.32 4.16
N TYR A 57 -5.38 10.47 4.47
CA TYR A 57 -6.76 10.82 4.04
C TYR A 57 -6.81 12.25 3.52
N SER A 58 -7.33 12.41 2.33
CA SER A 58 -7.44 13.77 1.72
C SER A 58 -8.79 13.89 1.02
N ASP A 59 -9.03 15.04 0.43
CA ASP A 59 -10.32 15.28 -0.28
C ASP A 59 -10.44 14.31 -1.46
N THR A 60 -9.38 14.14 -2.21
CA THR A 60 -9.40 13.22 -3.38
C THR A 60 -9.61 11.79 -2.90
N LEU A 61 -8.83 11.39 -1.92
CA LEU A 61 -8.93 10.00 -1.36
C LEU A 61 -10.31 9.77 -0.77
N HIS A 62 -10.82 10.73 -0.04
CA HIS A 62 -12.16 10.59 0.59
C HIS A 62 -13.24 10.55 -0.49
N LYS A 63 -13.12 11.37 -1.49
CA LYS A 63 -14.12 11.40 -2.59
C LYS A 63 -14.09 10.06 -3.35
N SER A 64 -12.93 9.57 -3.61
CA SER A 64 -12.80 8.27 -4.36
C SER A 64 -13.03 7.11 -3.40
N ASN A 65 -13.20 7.39 -2.13
CA ASN A 65 -13.43 6.33 -1.12
C ASN A 65 -12.24 5.38 -1.08
N ILE A 66 -11.05 5.92 -1.14
CA ILE A 66 -9.81 5.08 -1.11
C ILE A 66 -9.06 5.33 0.20
N TYR A 67 -8.70 4.27 0.87
CA TYR A 67 -7.96 4.38 2.16
C TYR A 67 -6.57 3.73 2.04
N PRO A 68 -5.59 4.50 1.65
CA PRO A 68 -4.19 4.02 1.49
C PRO A 68 -3.43 4.05 2.82
N PHE A 69 -2.58 3.08 3.05
CA PHE A 69 -1.80 3.05 4.32
C PHE A 69 -0.51 2.27 4.13
N ILE A 70 0.46 2.55 4.98
CA ILE A 70 1.77 1.86 4.92
C ILE A 70 2.06 1.20 6.26
N LEU A 71 2.44 -0.04 6.21
CA LEU A 71 2.74 -0.81 7.46
C LEU A 71 4.24 -0.91 7.66
N TYR A 72 4.69 -0.60 8.84
CA TYR A 72 6.14 -0.67 9.14
C TYR A 72 6.35 -1.06 10.60
N TYR A 73 7.48 -1.65 10.87
CA TYR A 73 7.80 -2.10 12.26
C TYR A 73 9.24 -1.69 12.60
N GLN A 74 9.39 -0.95 13.65
CA GLN A 74 10.73 -0.48 14.10
C GLN A 74 11.44 0.28 12.97
N LYS A 75 10.75 1.25 12.41
CA LYS A 75 11.35 2.07 11.32
C LYS A 75 11.76 1.16 10.17
N GLN A 76 10.89 0.26 9.80
CA GLN A 76 11.21 -0.67 8.68
C GLN A 76 9.92 -1.05 7.95
N LEU A 77 9.92 -0.87 6.66
CA LEU A 77 8.73 -1.18 5.82
C LEU A 77 8.44 -2.67 5.86
N ILE A 78 7.22 -3.03 6.16
CA ILE A 78 6.80 -4.45 6.22
C ILE A 78 5.91 -4.75 5.02
N ALA A 79 4.96 -3.88 4.76
CA ALA A 79 4.04 -4.10 3.62
C ALA A 79 3.32 -2.79 3.27
N ILE A 80 2.80 -2.73 2.07
CA ILE A 80 2.07 -1.51 1.61
C ILE A 80 0.79 -1.95 0.90
N GLY A 81 -0.25 -1.17 1.02
CA GLY A 81 -1.54 -1.54 0.34
C GLY A 81 -2.59 -0.45 0.54
N PHE A 82 -3.64 -0.53 -0.22
CA PHE A 82 -4.74 0.46 -0.10
C PHE A 82 -6.08 -0.22 -0.40
N ILE A 83 -7.14 0.33 0.11
CA ILE A 83 -8.49 -0.28 -0.12
C ILE A 83 -9.28 0.60 -1.09
N ASP A 84 -9.74 0.01 -2.15
CA ASP A 84 -10.51 0.77 -3.18
C ASP A 84 -12.00 0.71 -2.87
N GLU A 85 -12.79 1.29 -3.74
CA GLU A 85 -14.27 1.31 -3.54
C GLU A 85 -14.82 -0.11 -3.57
N ASN A 86 -14.21 -0.98 -4.34
CA ASN A 86 -14.70 -2.39 -4.42
C ASN A 86 -14.25 -3.15 -3.17
N HIS A 87 -13.77 -2.44 -2.18
CA HIS A 87 -13.31 -3.08 -0.91
C HIS A 87 -12.18 -4.07 -1.19
N ASP A 88 -11.81 -4.18 -2.44
CA ASP A 88 -10.70 -5.12 -2.82
C ASP A 88 -9.38 -4.64 -2.24
N MET A 89 -8.62 -5.56 -1.70
CA MET A 89 -7.30 -5.20 -1.11
C MET A 89 -6.23 -5.24 -2.18
N ASP A 90 -5.58 -4.12 -2.37
CA ASP A 90 -4.50 -4.01 -3.39
C ASP A 90 -3.13 -3.99 -2.72
N PHE A 91 -2.33 -4.99 -2.98
CA PHE A 91 -0.97 -5.08 -2.38
C PHE A 91 0.08 -4.72 -3.43
N LEU A 92 0.85 -3.70 -3.16
CA LEU A 92 1.91 -3.26 -4.12
C LEU A 92 3.27 -3.74 -3.62
N TYR A 93 3.40 -3.98 -2.34
CA TYR A 93 4.70 -4.46 -1.79
C TYR A 93 4.46 -5.25 -0.51
N LEU A 94 4.75 -6.53 -0.56
CA LEU A 94 4.57 -7.41 0.63
C LEU A 94 5.94 -7.90 1.10
N HIS A 95 6.25 -7.65 2.34
CA HIS A 95 7.55 -8.09 2.91
C HIS A 95 7.36 -8.50 4.37
N ASN A 96 7.37 -9.78 4.61
CA ASN A 96 7.19 -10.30 6.00
C ASN A 96 8.46 -10.03 6.80
N THR A 97 8.36 -10.17 8.10
CA THR A 97 9.54 -9.92 8.99
C THR A 97 10.66 -10.89 8.65
N VAL A 98 10.33 -12.14 8.46
CA VAL A 98 11.37 -13.16 8.13
C VAL A 98 11.78 -13.02 6.67
N MET A 99 10.95 -13.47 5.76
CA MET A 99 11.29 -13.38 4.31
C MET A 99 10.07 -12.91 3.51
N PRO A 100 10.28 -12.13 2.46
CA PRO A 100 9.18 -11.61 1.60
C PRO A 100 8.54 -12.70 0.76
N LEU A 101 7.25 -12.62 0.54
CA LEU A 101 6.53 -13.64 -0.28
C LEU A 101 6.28 -13.06 -1.67
N LEU A 102 5.67 -11.90 -1.74
CA LEU A 102 5.37 -11.28 -3.07
C LEU A 102 6.06 -9.92 -3.16
N ASP A 103 6.81 -9.73 -4.21
CA ASP A 103 7.52 -8.44 -4.42
C ASP A 103 7.75 -8.22 -5.91
N GLN A 104 6.86 -7.49 -6.54
CA GLN A 104 6.99 -7.18 -8.00
C GLN A 104 7.12 -5.68 -8.19
N ARG A 105 8.24 -5.26 -8.71
CA ARG A 105 8.48 -3.81 -8.96
C ARG A 105 7.51 -3.31 -10.03
N TYR A 106 7.23 -4.14 -11.01
CA TYR A 106 6.32 -3.73 -12.12
C TYR A 106 4.96 -3.35 -11.56
N LEU A 107 4.43 -4.14 -10.68
CA LEU A 107 3.11 -3.85 -10.08
C LEU A 107 3.22 -2.57 -9.25
N LEU A 108 4.31 -2.40 -8.56
CA LEU A 108 4.49 -1.20 -7.70
C LEU A 108 4.48 0.05 -8.58
N THR A 109 5.17 0.01 -9.70
CA THR A 109 5.23 1.20 -10.60
C THR A 109 4.16 1.05 -11.69
N GLY A 110 3.46 -0.06 -11.67
CA GLY A 110 2.37 -0.29 -12.67
C GLY A 110 2.97 -0.75 -14.00
N GLY A 111 3.18 -2.03 -14.13
CA GLY A 111 3.75 -2.58 -15.39
C GLY A 111 2.82 -2.34 -16.56
N GLN A 112 3.36 -2.34 -17.75
CA GLN A 112 2.55 -2.11 -18.97
C GLN A 112 1.50 -3.18 -19.12
N LEU A 113 0.68 -3.05 -20.13
CA LEU A 113 -0.42 -4.03 -20.38
C LEU A 113 0.14 -5.18 -21.22
N GLU A 114 1.38 -5.10 -21.61
CA GLU A 114 1.98 -6.19 -22.42
C GLU A 114 3.50 -5.97 -22.54
N HIS A 115 4.26 -7.00 -22.31
CA HIS A 115 5.74 -6.89 -22.39
C HIS A 115 6.31 -8.24 -22.85
N HIS A 116 5.46 -9.13 -23.29
CA HIS A 116 5.92 -10.46 -23.76
C HIS A 116 6.77 -10.31 -25.02
N HIS A 117 6.38 -9.44 -25.91
CA HIS A 117 7.14 -9.23 -27.17
C HIS A 117 7.15 -7.74 -27.54
N HIS A 118 8.26 -7.28 -28.04
CA HIS A 118 8.38 -5.85 -28.46
C HIS A 118 9.45 -5.73 -29.55
N HIS A 119 10.30 -6.72 -29.67
CA HIS A 119 11.36 -6.68 -30.71
C HIS A 119 10.72 -6.64 -32.10
N HIS A 120 9.72 -7.44 -32.32
CA HIS A 120 9.01 -7.47 -33.63
C HIS A 120 10.01 -7.32 -34.78
N MET A 1 15.03 5.60 -4.32
CA MET A 1 13.90 4.70 -4.70
C MET A 1 13.16 4.28 -3.42
N THR A 2 12.38 5.17 -2.88
CA THR A 2 11.61 4.86 -1.63
C THR A 2 10.22 4.35 -1.99
N LEU A 3 9.79 3.32 -1.33
CA LEU A 3 8.43 2.74 -1.61
C LEU A 3 7.36 3.79 -1.28
N GLU A 4 7.53 4.51 -0.21
CA GLU A 4 6.53 5.53 0.19
C GLU A 4 6.38 6.54 -0.95
N LEU A 5 7.47 7.01 -1.48
CA LEU A 5 7.41 8.00 -2.59
C LEU A 5 6.74 7.36 -3.82
N GLN A 6 7.12 6.16 -4.14
CA GLN A 6 6.54 5.48 -5.32
C GLN A 6 5.06 5.18 -5.07
N LEU A 7 4.70 4.88 -3.86
CA LEU A 7 3.27 4.58 -3.55
C LEU A 7 2.42 5.81 -3.86
N LYS A 8 2.87 6.97 -3.50
CA LYS A 8 2.08 8.20 -3.76
C LYS A 8 1.94 8.38 -5.27
N HIS A 9 3.00 8.17 -5.99
CA HIS A 9 2.95 8.32 -7.47
C HIS A 9 2.06 7.24 -8.08
N TYR A 10 2.16 6.03 -7.61
CA TYR A 10 1.35 4.92 -8.17
C TYR A 10 -0.14 5.20 -7.98
N ILE A 11 -0.54 5.55 -6.79
CA ILE A 11 -1.99 5.81 -6.54
C ILE A 11 -2.44 7.03 -7.33
N THR A 12 -1.65 8.07 -7.33
CA THR A 12 -2.03 9.30 -8.07
C THR A 12 -2.10 9.03 -9.57
N ASN A 13 -1.10 8.39 -10.13
CA ASN A 13 -1.11 8.11 -11.58
C ASN A 13 -2.25 7.15 -11.92
N LEU A 14 -2.46 6.14 -11.11
CA LEU A 14 -3.53 5.15 -11.40
C LEU A 14 -4.89 5.84 -11.37
N PHE A 15 -5.13 6.67 -10.40
CA PHE A 15 -6.44 7.37 -10.30
C PHE A 15 -6.31 8.76 -10.91
N ASN A 16 -5.13 9.10 -11.36
CA ASN A 16 -4.92 10.45 -11.98
C ASN A 16 -5.33 11.55 -10.99
N LEU A 17 -4.95 11.40 -9.74
CA LEU A 17 -5.35 12.43 -8.72
C LEU A 17 -4.29 13.55 -8.69
N PRO A 18 -4.69 14.76 -8.36
CA PRO A 18 -3.73 15.91 -8.28
C PRO A 18 -2.45 15.57 -7.50
N ARG A 19 -1.31 15.85 -8.06
CA ARG A 19 -0.03 15.57 -7.37
C ARG A 19 0.40 16.80 -6.56
N ASP A 20 -0.09 17.95 -6.93
CA ASP A 20 0.28 19.19 -6.19
C ASP A 20 -0.59 19.32 -4.95
N GLU A 21 -1.39 18.31 -4.68
CA GLU A 21 -2.28 18.36 -3.47
C GLU A 21 -1.68 17.50 -2.36
N LYS A 22 -1.34 18.11 -1.26
CA LYS A 22 -0.74 17.34 -0.12
C LYS A 22 -1.87 16.74 0.72
N TRP A 23 -1.65 15.56 1.23
CA TRP A 23 -2.70 14.88 2.07
C TRP A 23 -2.33 14.98 3.54
N GLU A 24 -3.16 14.45 4.41
CA GLU A 24 -2.88 14.51 5.87
C GLU A 24 -2.48 13.13 6.37
N CYS A 25 -1.29 13.01 6.89
CA CYS A 25 -0.80 11.70 7.39
C CYS A 25 -1.30 11.49 8.82
N GLU A 26 -1.69 10.29 9.15
CA GLU A 26 -2.17 9.99 10.53
C GLU A 26 -1.56 8.65 10.97
N SER A 27 -0.91 8.65 12.10
CA SER A 27 -0.27 7.39 12.59
C SER A 27 -1.27 6.60 13.42
N ILE A 28 -1.53 5.37 13.05
CA ILE A 28 -2.50 4.53 13.82
C ILE A 28 -1.89 3.14 14.02
N GLU A 29 -1.95 2.62 15.22
CA GLU A 29 -1.38 1.27 15.50
C GLU A 29 -2.51 0.24 15.54
N GLU A 30 -2.40 -0.82 14.77
CA GLU A 30 -3.47 -1.86 14.77
C GLU A 30 -2.86 -3.25 14.64
N VAL A 31 -3.58 -4.25 15.07
CA VAL A 31 -3.07 -5.64 15.00
C VAL A 31 -3.13 -6.13 13.54
N ALA A 32 -2.07 -6.76 13.09
CA ALA A 32 -2.05 -7.25 11.68
C ALA A 32 -3.20 -8.22 11.44
N ASP A 33 -3.42 -9.11 12.36
CA ASP A 33 -4.53 -10.09 12.21
C ASP A 33 -5.86 -9.36 12.07
N ASP A 34 -5.84 -8.04 12.21
CA ASP A 34 -7.11 -7.26 12.11
C ASP A 34 -7.26 -6.70 10.69
N ILE A 35 -6.28 -5.97 10.23
CA ILE A 35 -6.35 -5.38 8.85
C ILE A 35 -5.65 -6.31 7.87
N LEU A 36 -4.96 -7.30 8.36
CA LEU A 36 -4.25 -8.27 7.47
C LEU A 36 -4.83 -9.68 7.71
N PRO A 37 -5.84 -10.06 6.95
CA PRO A 37 -6.49 -11.39 7.08
C PRO A 37 -5.49 -12.56 6.98
N ASP A 38 -5.84 -13.70 7.52
CA ASP A 38 -4.92 -14.87 7.46
C ASP A 38 -4.48 -15.11 6.01
N GLN A 39 -5.06 -14.40 5.08
CA GLN A 39 -4.67 -14.59 3.66
C GLN A 39 -3.17 -14.43 3.51
N TYR A 40 -2.58 -13.48 4.20
CA TYR A 40 -1.11 -13.25 4.11
C TYR A 40 -0.45 -13.48 5.46
N VAL A 41 -1.25 -13.73 6.48
CA VAL A 41 -0.69 -13.98 7.85
C VAL A 41 -0.93 -15.44 8.24
N ARG A 42 0.06 -16.27 8.03
CA ARG A 42 -0.09 -17.72 8.37
C ARG A 42 0.48 -17.97 9.78
N LEU A 43 -0.26 -17.61 10.81
CA LEU A 43 0.21 -17.82 12.22
C LEU A 43 1.71 -17.53 12.31
N GLY A 44 2.22 -16.72 11.43
CA GLY A 44 3.68 -16.39 11.46
C GLY A 44 3.92 -15.22 12.41
N PRO A 45 5.06 -14.59 12.31
CA PRO A 45 5.45 -13.43 13.17
C PRO A 45 4.44 -12.27 13.04
N LEU A 46 3.75 -12.20 11.93
CA LEU A 46 2.77 -11.11 11.72
C LEU A 46 1.41 -11.49 12.34
N SER A 47 1.41 -12.52 13.15
CA SER A 47 0.13 -12.97 13.79
C SER A 47 -0.52 -11.80 14.54
N ASN A 48 -0.46 -11.82 15.84
CA ASN A 48 -1.08 -10.73 16.66
C ASN A 48 -0.09 -9.57 16.79
N LYS A 49 0.94 -9.57 16.00
CA LYS A 49 1.96 -8.48 16.08
C LYS A 49 1.33 -7.14 15.69
N ILE A 50 1.61 -6.12 16.45
CA ILE A 50 1.04 -4.77 16.16
C ILE A 50 1.93 -4.06 15.13
N LEU A 51 1.35 -3.62 14.04
CA LEU A 51 2.14 -2.91 12.99
C LEU A 51 1.72 -1.45 12.92
N GLN A 52 2.66 -0.58 12.61
CA GLN A 52 2.35 0.86 12.52
C GLN A 52 1.63 1.13 11.20
N THR A 53 0.42 1.62 11.27
CA THR A 53 -0.36 1.90 10.03
C THR A 53 -0.49 3.41 9.84
N ASN A 54 -0.04 3.90 8.71
CA ASN A 54 -0.14 5.37 8.43
C ASN A 54 -1.16 5.59 7.32
N THR A 55 -2.33 6.06 7.67
CA THR A 55 -3.40 6.29 6.64
C THR A 55 -3.41 7.76 6.22
N TYR A 56 -3.61 8.01 4.95
CA TYR A 56 -3.66 9.42 4.46
C TYR A 56 -5.11 9.80 4.16
N TYR A 57 -5.52 10.98 4.54
CA TYR A 57 -6.94 11.42 4.29
C TYR A 57 -6.95 12.76 3.54
N SER A 58 -7.62 12.78 2.41
CA SER A 58 -7.72 14.03 1.60
C SER A 58 -9.15 14.16 1.08
N ASP A 59 -9.52 15.33 0.62
CA ASP A 59 -10.89 15.53 0.10
C ASP A 59 -11.10 14.66 -1.15
N THR A 60 -10.11 14.57 -1.99
CA THR A 60 -10.25 13.74 -3.22
C THR A 60 -10.45 12.27 -2.85
N LEU A 61 -9.76 11.81 -1.84
CA LEU A 61 -9.90 10.39 -1.42
C LEU A 61 -11.34 10.13 -0.95
N HIS A 62 -11.91 11.05 -0.22
CA HIS A 62 -13.30 10.85 0.26
C HIS A 62 -14.22 10.67 -0.94
N LYS A 63 -14.08 11.50 -1.93
CA LYS A 63 -14.93 11.39 -3.14
C LYS A 63 -14.63 10.07 -3.85
N SER A 64 -13.37 9.71 -3.94
CA SER A 64 -13.00 8.44 -4.63
C SER A 64 -13.15 7.27 -3.66
N ASN A 65 -13.39 7.55 -2.41
CA ASN A 65 -13.54 6.46 -1.40
C ASN A 65 -12.28 5.61 -1.36
N ILE A 66 -11.13 6.22 -1.47
CA ILE A 66 -9.83 5.46 -1.43
C ILE A 66 -9.10 5.80 -0.14
N TYR A 67 -8.66 4.81 0.59
CA TYR A 67 -7.94 5.06 1.89
C TYR A 67 -6.57 4.38 1.86
N PRO A 68 -5.56 5.08 1.35
CA PRO A 68 -4.17 4.53 1.30
C PRO A 68 -3.60 4.28 2.70
N PHE A 69 -2.79 3.26 2.85
CA PHE A 69 -2.19 2.98 4.19
C PHE A 69 -0.80 2.36 4.00
N ILE A 70 0.08 2.58 4.95
CA ILE A 70 1.46 2.02 4.87
C ILE A 70 1.77 1.25 6.15
N LEU A 71 2.27 0.05 6.02
CA LEU A 71 2.61 -0.77 7.22
C LEU A 71 4.12 -0.82 7.39
N TYR A 72 4.61 -0.48 8.55
CA TYR A 72 6.08 -0.50 8.78
C TYR A 72 6.36 -0.81 10.26
N TYR A 73 7.55 -1.25 10.54
CA TYR A 73 7.91 -1.58 11.96
C TYR A 73 9.03 -0.66 12.42
N GLN A 74 9.21 -0.55 13.70
CA GLN A 74 10.28 0.33 14.25
C GLN A 74 11.66 -0.12 13.75
N LYS A 75 11.70 -1.01 12.79
CA LYS A 75 13.01 -1.50 12.22
C LYS A 75 13.08 -1.13 10.74
N GLN A 76 12.00 -1.29 10.02
CA GLN A 76 12.00 -0.95 8.58
C GLN A 76 10.59 -1.07 8.01
N LEU A 77 10.45 -0.85 6.72
CA LEU A 77 9.11 -0.94 6.07
C LEU A 77 8.62 -2.40 6.09
N ILE A 78 7.37 -2.61 6.37
CA ILE A 78 6.80 -3.99 6.42
C ILE A 78 5.98 -4.25 5.15
N ALA A 79 5.06 -3.39 4.82
CA ALA A 79 4.24 -3.62 3.60
C ALA A 79 3.49 -2.34 3.22
N ILE A 80 3.09 -2.24 1.98
CA ILE A 80 2.34 -1.03 1.51
C ILE A 80 1.09 -1.48 0.75
N GLY A 81 0.04 -0.71 0.82
CA GLY A 81 -1.20 -1.10 0.11
C GLY A 81 -2.25 0.00 0.26
N PHE A 82 -3.38 -0.15 -0.38
CA PHE A 82 -4.45 0.89 -0.27
C PHE A 82 -5.81 0.24 -0.47
N ILE A 83 -6.86 0.87 0.01
CA ILE A 83 -8.24 0.30 -0.15
C ILE A 83 -8.99 1.09 -1.22
N ASP A 84 -9.54 0.42 -2.20
CA ASP A 84 -10.28 1.14 -3.28
C ASP A 84 -11.77 1.21 -2.93
N GLU A 85 -12.56 1.78 -3.81
CA GLU A 85 -14.02 1.90 -3.56
C GLU A 85 -14.64 0.50 -3.53
N ASN A 86 -14.01 -0.46 -4.16
CA ASN A 86 -14.58 -1.84 -4.17
C ASN A 86 -14.03 -2.61 -2.96
N HIS A 87 -13.37 -1.93 -2.06
CA HIS A 87 -12.82 -2.57 -0.84
C HIS A 87 -11.63 -3.45 -1.21
N ASP A 88 -11.50 -4.56 -0.54
CA ASP A 88 -10.37 -5.52 -0.80
C ASP A 88 -9.04 -4.81 -0.59
N MET A 89 -8.14 -5.44 0.13
CA MET A 89 -6.81 -4.83 0.39
C MET A 89 -5.89 -5.02 -0.82
N ASP A 90 -5.33 -3.96 -1.32
CA ASP A 90 -4.42 -4.06 -2.50
C ASP A 90 -2.96 -4.01 -2.01
N PHE A 91 -2.26 -5.11 -2.12
CA PHE A 91 -0.84 -5.16 -1.66
C PHE A 91 0.10 -5.05 -2.87
N LEU A 92 0.98 -4.09 -2.85
CA LEU A 92 1.94 -3.91 -3.98
C LEU A 92 3.29 -4.49 -3.60
N TYR A 93 3.57 -4.56 -2.32
CA TYR A 93 4.87 -5.13 -1.86
C TYR A 93 4.72 -5.59 -0.41
N LEU A 94 4.90 -6.86 -0.17
CA LEU A 94 4.77 -7.41 1.22
C LEU A 94 6.15 -7.84 1.73
N HIS A 95 6.54 -7.36 2.87
CA HIS A 95 7.86 -7.74 3.46
C HIS A 95 7.66 -8.13 4.92
N ASN A 96 7.86 -9.39 5.23
CA ASN A 96 7.68 -9.86 6.64
C ASN A 96 9.02 -9.78 7.37
N THR A 97 8.97 -9.51 8.65
CA THR A 97 10.23 -9.42 9.44
C THR A 97 11.11 -10.64 9.18
N VAL A 98 10.55 -11.67 8.59
CA VAL A 98 11.34 -12.91 8.30
C VAL A 98 11.70 -12.96 6.81
N MET A 99 10.73 -12.80 5.94
CA MET A 99 11.03 -12.84 4.47
C MET A 99 9.78 -12.43 3.69
N PRO A 100 9.93 -11.76 2.57
CA PRO A 100 8.79 -11.32 1.72
C PRO A 100 8.10 -12.49 1.01
N LEU A 101 6.80 -12.41 0.85
CA LEU A 101 6.06 -13.50 0.16
C LEU A 101 5.87 -13.14 -1.32
N LEU A 102 5.33 -11.97 -1.58
CA LEU A 102 5.11 -11.53 -2.99
C LEU A 102 5.80 -10.19 -3.23
N ASP A 103 6.48 -10.07 -4.34
CA ASP A 103 7.19 -8.80 -4.67
C ASP A 103 7.20 -8.60 -6.18
N GLN A 104 6.20 -7.94 -6.71
CA GLN A 104 6.14 -7.70 -8.19
C GLN A 104 6.34 -6.22 -8.48
N ARG A 105 7.40 -5.90 -9.17
CA ARG A 105 7.68 -4.48 -9.51
C ARG A 105 6.63 -3.96 -10.48
N TYR A 106 6.17 -4.80 -11.36
CA TYR A 106 5.15 -4.37 -12.37
C TYR A 106 3.96 -3.75 -11.64
N LEU A 107 3.44 -4.42 -10.65
CA LEU A 107 2.27 -3.88 -9.91
C LEU A 107 2.69 -2.62 -9.15
N LEU A 108 3.87 -2.62 -8.58
CA LEU A 108 4.33 -1.44 -7.80
C LEU A 108 4.44 -0.23 -8.73
N THR A 109 5.02 -0.40 -9.89
CA THR A 109 5.16 0.74 -10.85
C THR A 109 3.98 0.75 -11.81
N GLY A 110 3.18 -0.29 -11.80
CA GLY A 110 2.01 -0.34 -12.72
C GLY A 110 2.47 -0.75 -14.11
N GLY A 111 3.76 -0.85 -14.31
CA GLY A 111 4.30 -1.26 -15.64
C GLY A 111 3.61 -0.49 -16.77
N GLN A 112 3.90 -0.84 -17.99
CA GLN A 112 3.29 -0.15 -19.16
C GLN A 112 1.82 -0.54 -19.31
N LEU A 113 0.99 0.39 -19.69
CA LEU A 113 -0.46 0.10 -19.84
C LEU A 113 -0.69 -0.67 -21.15
N GLU A 114 -1.52 -1.67 -21.12
CA GLU A 114 -1.78 -2.47 -22.35
C GLU A 114 -2.88 -1.79 -23.18
N HIS A 115 -2.54 -1.35 -24.37
CA HIS A 115 -3.55 -0.69 -25.24
C HIS A 115 -4.35 -1.74 -26.00
N HIS A 116 -3.88 -2.95 -26.02
CA HIS A 116 -4.60 -4.05 -26.73
C HIS A 116 -5.68 -4.63 -25.82
N HIS A 117 -6.88 -4.78 -26.32
CA HIS A 117 -7.99 -5.33 -25.50
C HIS A 117 -8.31 -6.75 -25.99
N HIS A 118 -8.01 -7.75 -25.18
CA HIS A 118 -8.29 -9.15 -25.59
C HIS A 118 -9.66 -9.59 -25.07
N HIS A 119 -10.47 -10.13 -25.94
CA HIS A 119 -11.83 -10.57 -25.51
C HIS A 119 -11.74 -11.95 -24.86
N HIS A 120 -12.30 -12.11 -23.69
CA HIS A 120 -12.26 -13.42 -22.99
C HIS A 120 -13.46 -13.54 -22.05
N MET A 1 16.27 5.35 -3.30
CA MET A 1 14.93 5.83 -3.73
C MET A 1 13.96 5.79 -2.56
N THR A 2 13.04 6.72 -2.52
CA THR A 2 12.05 6.76 -1.39
C THR A 2 10.74 6.09 -1.83
N LEU A 3 10.40 5.00 -1.20
CA LEU A 3 9.15 4.27 -1.55
C LEU A 3 7.95 5.15 -1.20
N GLU A 4 8.01 5.85 -0.11
CA GLU A 4 6.87 6.72 0.30
C GLU A 4 6.51 7.67 -0.84
N LEU A 5 7.48 8.37 -1.37
CA LEU A 5 7.19 9.32 -2.49
C LEU A 5 6.71 8.53 -3.71
N GLN A 6 7.34 7.42 -3.97
CA GLN A 6 6.95 6.60 -5.15
C GLN A 6 5.52 6.09 -4.97
N LEU A 7 5.14 5.76 -3.78
CA LEU A 7 3.77 5.24 -3.56
C LEU A 7 2.75 6.32 -3.91
N LYS A 8 2.98 7.53 -3.49
CA LYS A 8 2.03 8.62 -3.79
C LYS A 8 1.97 8.84 -5.31
N HIS A 9 3.08 8.75 -5.95
CA HIS A 9 3.11 8.94 -7.43
C HIS A 9 2.47 7.73 -8.11
N TYR A 10 2.82 6.55 -7.66
CA TYR A 10 2.26 5.31 -8.28
C TYR A 10 0.75 5.22 -8.04
N ILE A 11 0.33 5.40 -6.82
CA ILE A 11 -1.14 5.31 -6.52
C ILE A 11 -1.88 6.42 -7.26
N THR A 12 -1.31 7.60 -7.31
CA THR A 12 -1.98 8.73 -8.00
C THR A 12 -2.16 8.40 -9.49
N ASN A 13 -1.15 7.87 -10.11
CA ASN A 13 -1.26 7.53 -11.55
C ASN A 13 -2.30 6.43 -11.74
N LEU A 14 -2.38 5.52 -10.81
CA LEU A 14 -3.36 4.40 -10.93
C LEU A 14 -4.79 4.96 -10.99
N PHE A 15 -5.10 5.89 -10.13
CA PHE A 15 -6.47 6.48 -10.11
C PHE A 15 -6.45 7.82 -10.86
N ASN A 16 -5.34 8.15 -11.45
CA ASN A 16 -5.21 9.43 -12.21
C ASN A 16 -5.54 10.62 -11.30
N LEU A 17 -5.20 10.53 -10.04
CA LEU A 17 -5.49 11.66 -9.11
C LEU A 17 -4.27 12.60 -9.02
N PRO A 18 -4.48 13.88 -8.83
CA PRO A 18 -3.37 14.87 -8.72
C PRO A 18 -2.51 14.67 -7.45
N ARG A 19 -1.23 14.83 -7.57
CA ARG A 19 -0.31 14.67 -6.39
C ARG A 19 -0.06 16.05 -5.77
N ASP A 20 -0.62 17.08 -6.34
CA ASP A 20 -0.41 18.44 -5.79
C ASP A 20 -1.40 18.66 -4.63
N GLU A 21 -2.20 17.68 -4.34
CA GLU A 21 -3.19 17.83 -3.22
C GLU A 21 -2.50 17.55 -1.88
N LYS A 22 -2.81 18.33 -0.88
CA LYS A 22 -2.17 18.14 0.45
C LYS A 22 -2.73 16.89 1.13
N TRP A 23 -1.86 16.06 1.65
CA TRP A 23 -2.32 14.81 2.34
C TRP A 23 -2.24 15.01 3.86
N GLU A 24 -3.10 14.36 4.61
CA GLU A 24 -3.07 14.50 6.08
C GLU A 24 -2.54 13.21 6.70
N CYS A 25 -1.44 13.28 7.38
CA CYS A 25 -0.85 12.06 8.00
C CYS A 25 -1.58 11.70 9.29
N GLU A 26 -2.10 10.50 9.36
CA GLU A 26 -2.81 10.05 10.59
C GLU A 26 -2.23 8.71 11.02
N SER A 27 -1.50 8.69 12.11
CA SER A 27 -0.86 7.41 12.57
C SER A 27 -1.71 6.76 13.66
N ILE A 28 -2.05 5.51 13.49
CA ILE A 28 -2.85 4.79 14.53
C ILE A 28 -2.29 3.38 14.70
N GLU A 29 -2.40 2.82 15.88
CA GLU A 29 -1.85 1.46 16.12
C GLU A 29 -2.95 0.42 15.97
N GLU A 30 -2.75 -0.56 15.12
CA GLU A 30 -3.78 -1.63 14.92
C GLU A 30 -3.09 -2.98 14.74
N VAL A 31 -3.78 -4.05 15.04
CA VAL A 31 -3.19 -5.40 14.91
C VAL A 31 -3.05 -5.78 13.42
N ALA A 32 -1.94 -6.36 13.07
CA ALA A 32 -1.71 -6.76 11.64
C ALA A 32 -2.77 -7.79 11.22
N ASP A 33 -3.16 -8.67 12.10
CA ASP A 33 -4.17 -9.71 11.70
C ASP A 33 -5.53 -9.06 11.51
N ASP A 34 -5.65 -7.79 11.78
CA ASP A 34 -6.96 -7.09 11.60
C ASP A 34 -6.99 -6.44 10.23
N ILE A 35 -5.83 -6.19 9.65
CA ILE A 35 -5.77 -5.56 8.30
C ILE A 35 -5.17 -6.56 7.31
N LEU A 36 -4.39 -7.50 7.81
CA LEU A 36 -3.76 -8.52 6.90
C LEU A 36 -4.43 -9.89 7.13
N PRO A 37 -5.27 -10.33 6.21
CA PRO A 37 -5.98 -11.64 6.33
C PRO A 37 -5.06 -12.81 6.73
N ASP A 38 -5.64 -13.91 7.13
CA ASP A 38 -4.83 -15.10 7.54
C ASP A 38 -3.92 -15.53 6.38
N GLN A 39 -4.45 -15.59 5.19
CA GLN A 39 -3.62 -16.01 4.02
C GLN A 39 -2.40 -15.12 3.92
N TYR A 40 -2.44 -13.95 4.50
CA TYR A 40 -1.26 -13.02 4.45
C TYR A 40 -0.62 -12.92 5.83
N VAL A 41 -1.05 -13.73 6.76
CA VAL A 41 -0.47 -13.69 8.14
C VAL A 41 -0.30 -15.12 8.67
N ARG A 42 -1.34 -15.92 8.58
CA ARG A 42 -1.27 -17.34 9.08
C ARG A 42 -0.32 -17.48 10.28
N LEU A 43 0.67 -18.32 10.18
CA LEU A 43 1.63 -18.49 11.30
C LEU A 43 2.74 -17.44 11.14
N GLY A 44 2.67 -16.67 10.10
CA GLY A 44 3.71 -15.63 9.86
C GLY A 44 4.06 -14.89 11.16
N PRO A 45 5.18 -14.21 11.18
CA PRO A 45 5.64 -13.44 12.37
C PRO A 45 4.77 -12.20 12.60
N LEU A 46 3.95 -11.86 11.64
CA LEU A 46 3.06 -10.67 11.79
C LEU A 46 1.82 -11.10 12.57
N SER A 47 1.74 -12.36 12.90
CA SER A 47 0.55 -12.88 13.65
C SER A 47 0.47 -12.25 15.04
N ASN A 48 -0.72 -11.88 15.46
CA ASN A 48 -0.91 -11.27 16.80
C ASN A 48 0.12 -10.16 17.01
N LYS A 49 0.83 -9.77 15.98
CA LYS A 49 1.85 -8.70 16.14
C LYS A 49 1.21 -7.34 15.87
N ILE A 50 1.48 -6.38 16.70
CA ILE A 50 0.87 -5.03 16.53
C ILE A 50 1.72 -4.18 15.56
N LEU A 51 1.14 -3.73 14.48
CA LEU A 51 1.89 -2.91 13.48
C LEU A 51 1.42 -1.46 13.51
N GLN A 52 2.32 -0.56 13.23
CA GLN A 52 1.95 0.88 13.23
C GLN A 52 1.36 1.23 11.85
N THR A 53 0.08 1.42 11.79
CA THR A 53 -0.57 1.75 10.49
C THR A 53 -0.64 3.27 10.30
N ASN A 54 -0.30 3.74 9.13
CA ASN A 54 -0.34 5.20 8.84
C ASN A 54 -1.23 5.46 7.63
N THR A 55 -2.45 5.88 7.86
CA THR A 55 -3.39 6.14 6.73
C THR A 55 -3.40 7.63 6.40
N TYR A 56 -3.44 7.96 5.14
CA TYR A 56 -3.46 9.40 4.74
C TYR A 56 -4.86 9.76 4.25
N TYR A 57 -5.41 10.84 4.74
CA TYR A 57 -6.79 11.26 4.33
C TYR A 57 -6.71 12.63 3.65
N SER A 58 -7.32 12.74 2.50
CA SER A 58 -7.31 14.05 1.76
C SER A 58 -8.71 14.32 1.18
N ASP A 59 -8.96 15.54 0.78
CA ASP A 59 -10.29 15.87 0.19
C ASP A 59 -10.47 15.11 -1.13
N THR A 60 -9.45 15.04 -1.94
CA THR A 60 -9.55 14.30 -3.22
C THR A 60 -9.69 12.81 -2.94
N LEU A 61 -8.89 12.29 -2.04
CA LEU A 61 -8.96 10.84 -1.71
C LEU A 61 -10.35 10.54 -1.13
N HIS A 62 -10.85 11.40 -0.31
CA HIS A 62 -12.18 11.14 0.29
C HIS A 62 -13.20 11.01 -0.85
N LYS A 63 -13.15 11.90 -1.80
CA LYS A 63 -14.10 11.82 -2.94
C LYS A 63 -13.80 10.56 -3.76
N SER A 64 -12.54 10.28 -3.97
CA SER A 64 -12.16 9.08 -4.76
C SER A 64 -12.42 7.83 -3.90
N ASN A 65 -12.75 8.03 -2.66
CA ASN A 65 -13.02 6.88 -1.74
C ASN A 65 -11.80 5.96 -1.67
N ILE A 66 -10.62 6.53 -1.73
CA ILE A 66 -9.38 5.68 -1.65
C ILE A 66 -8.69 5.95 -0.31
N TYR A 67 -8.40 4.91 0.44
CA TYR A 67 -7.75 5.09 1.78
C TYR A 67 -6.42 4.31 1.82
N PRO A 68 -5.34 4.91 1.39
CA PRO A 68 -4.00 4.26 1.39
C PRO A 68 -3.38 4.18 2.79
N PHE A 69 -2.65 3.13 3.06
CA PHE A 69 -2.02 2.98 4.41
C PHE A 69 -0.67 2.29 4.26
N ILE A 70 0.26 2.60 5.15
CA ILE A 70 1.61 1.99 5.10
C ILE A 70 1.94 1.39 6.47
N LEU A 71 2.42 0.17 6.50
CA LEU A 71 2.75 -0.47 7.80
C LEU A 71 4.21 -0.19 8.15
N TYR A 72 4.44 0.25 9.36
CA TYR A 72 5.83 0.56 9.80
C TYR A 72 6.18 -0.26 11.04
N TYR A 73 7.42 -0.62 11.17
CA TYR A 73 7.87 -1.41 12.35
C TYR A 73 9.29 -1.00 12.68
N GLN A 74 9.43 0.00 13.53
CA GLN A 74 10.78 0.50 13.92
C GLN A 74 11.36 1.33 12.76
N LYS A 75 10.51 2.09 12.12
CA LYS A 75 10.96 2.95 10.98
C LYS A 75 11.26 2.10 9.76
N GLN A 76 10.85 0.85 9.77
CA GLN A 76 11.11 -0.04 8.61
C GLN A 76 9.81 -0.31 7.85
N LEU A 77 9.92 -0.59 6.59
CA LEU A 77 8.71 -0.85 5.76
C LEU A 77 8.40 -2.34 5.77
N ILE A 78 7.19 -2.70 6.15
CA ILE A 78 6.79 -4.14 6.17
C ILE A 78 5.88 -4.43 4.98
N ALA A 79 4.87 -3.62 4.77
CA ALA A 79 3.95 -3.88 3.63
C ALA A 79 3.18 -2.60 3.28
N ILE A 80 2.64 -2.55 2.09
CA ILE A 80 1.85 -1.35 1.67
C ILE A 80 0.56 -1.80 0.99
N GLY A 81 -0.49 -1.04 1.14
CA GLY A 81 -1.77 -1.45 0.49
C GLY A 81 -2.80 -0.33 0.67
N PHE A 82 -3.92 -0.44 0.02
CA PHE A 82 -4.97 0.62 0.16
C PHE A 82 -6.35 -0.04 0.07
N ILE A 83 -7.36 0.63 0.56
CA ILE A 83 -8.74 0.07 0.53
C ILE A 83 -9.55 0.76 -0.58
N ASP A 84 -10.14 -0.02 -1.44
CA ASP A 84 -10.93 0.56 -2.57
C ASP A 84 -12.41 0.66 -2.18
N GLU A 85 -13.24 1.03 -3.12
CA GLU A 85 -14.70 1.16 -2.84
C GLU A 85 -15.29 -0.20 -2.46
N ASN A 86 -14.78 -1.27 -3.02
CA ASN A 86 -15.33 -2.62 -2.68
C ASN A 86 -14.69 -3.10 -1.38
N HIS A 87 -14.28 -2.18 -0.54
CA HIS A 87 -13.64 -2.55 0.77
C HIS A 87 -12.56 -3.63 0.54
N ASP A 88 -12.24 -3.90 -0.70
CA ASP A 88 -11.20 -4.93 -0.97
C ASP A 88 -9.82 -4.37 -0.68
N MET A 89 -8.94 -5.17 -0.13
CA MET A 89 -7.57 -4.68 0.19
C MET A 89 -6.59 -5.10 -0.92
N ASP A 90 -6.12 -4.14 -1.68
CA ASP A 90 -5.17 -4.45 -2.79
C ASP A 90 -3.75 -4.09 -2.33
N PHE A 91 -2.90 -5.08 -2.20
CA PHE A 91 -1.51 -4.80 -1.74
C PHE A 91 -0.65 -4.33 -2.92
N LEU A 92 0.21 -3.38 -2.68
CA LEU A 92 1.11 -2.87 -3.75
C LEU A 92 2.53 -3.37 -3.48
N TYR A 93 2.83 -3.63 -2.23
CA TYR A 93 4.19 -4.14 -1.89
C TYR A 93 4.10 -4.90 -0.56
N LEU A 94 4.42 -6.16 -0.56
CA LEU A 94 4.37 -6.97 0.70
C LEU A 94 5.75 -7.48 1.05
N HIS A 95 6.21 -7.22 2.26
CA HIS A 95 7.55 -7.70 2.67
C HIS A 95 7.49 -8.23 4.11
N ASN A 96 7.89 -9.46 4.32
CA ASN A 96 7.85 -10.05 5.69
C ASN A 96 9.20 -9.84 6.39
N THR A 97 9.30 -10.21 7.63
CA THR A 97 10.58 -10.04 8.37
C THR A 97 11.66 -10.95 7.74
N VAL A 98 11.26 -12.09 7.25
CA VAL A 98 12.24 -13.02 6.63
C VAL A 98 12.29 -12.80 5.13
N MET A 99 11.32 -13.34 4.41
CA MET A 99 11.31 -13.17 2.92
C MET A 99 9.93 -12.65 2.47
N PRO A 100 9.89 -11.85 1.42
CA PRO A 100 8.61 -11.30 0.88
C PRO A 100 7.72 -12.37 0.25
N LEU A 101 6.42 -12.19 0.32
CA LEU A 101 5.48 -13.20 -0.26
C LEU A 101 4.93 -12.70 -1.61
N LEU A 102 4.11 -11.70 -1.61
CA LEU A 102 3.52 -11.21 -2.88
C LEU A 102 4.44 -10.19 -3.56
N ASP A 103 4.24 -8.91 -3.28
CA ASP A 103 5.05 -7.83 -3.91
C ASP A 103 5.32 -8.15 -5.37
N GLN A 104 4.53 -7.61 -6.27
CA GLN A 104 4.73 -7.86 -7.73
C GLN A 104 5.47 -6.68 -8.37
N ARG A 105 6.65 -6.93 -8.86
CA ARG A 105 7.45 -5.85 -9.51
C ARG A 105 6.71 -5.34 -10.74
N TYR A 106 6.05 -6.22 -11.44
CA TYR A 106 5.31 -5.81 -12.66
C TYR A 106 4.24 -4.80 -12.29
N LEU A 107 3.57 -5.03 -11.19
CA LEU A 107 2.50 -4.09 -10.77
C LEU A 107 3.12 -2.71 -10.48
N LEU A 108 4.26 -2.69 -9.85
CA LEU A 108 4.90 -1.37 -9.54
C LEU A 108 5.68 -0.87 -10.75
N THR A 109 5.79 -1.68 -11.77
CA THR A 109 6.51 -1.27 -13.01
C THR A 109 5.50 -1.10 -14.14
N GLY A 110 4.28 -1.54 -13.91
CA GLY A 110 3.23 -1.44 -14.96
C GLY A 110 3.31 -0.08 -15.68
N GLY A 111 3.94 -0.04 -16.82
CA GLY A 111 4.03 1.26 -17.56
C GLY A 111 5.11 1.16 -18.64
N GLN A 112 5.25 2.20 -19.43
CA GLN A 112 6.27 2.21 -20.52
C GLN A 112 6.25 0.86 -21.26
N LEU A 113 5.20 0.59 -21.99
CA LEU A 113 5.11 -0.69 -22.75
C LEU A 113 5.62 -0.44 -24.18
N GLU A 114 6.04 0.76 -24.46
CA GLU A 114 6.53 1.09 -25.83
C GLU A 114 7.58 0.07 -26.29
N HIS A 115 7.66 -0.14 -27.58
CA HIS A 115 8.66 -1.11 -28.14
C HIS A 115 8.40 -2.50 -27.58
N HIS A 116 8.69 -3.52 -28.36
CA HIS A 116 8.47 -4.92 -27.89
C HIS A 116 9.72 -5.76 -28.17
N HIS A 117 10.03 -6.67 -27.30
CA HIS A 117 11.23 -7.53 -27.49
C HIS A 117 11.04 -8.40 -28.74
N HIS A 118 9.91 -9.02 -28.86
CA HIS A 118 9.66 -9.88 -30.06
C HIS A 118 8.21 -10.37 -30.04
N HIS A 119 7.63 -10.61 -31.18
CA HIS A 119 6.21 -11.08 -31.23
C HIS A 119 6.19 -12.57 -31.59
N HIS A 120 5.50 -13.36 -30.81
CA HIS A 120 5.43 -14.83 -31.07
C HIS A 120 4.51 -15.09 -32.27
N MET A 1 14.37 6.27 1.12
CA MET A 1 13.05 6.73 1.59
C MET A 1 12.24 7.25 0.41
N THR A 2 12.38 6.61 -0.73
CA THR A 2 11.65 7.03 -1.96
C THR A 2 10.49 6.07 -2.21
N LEU A 3 10.34 5.08 -1.37
CA LEU A 3 9.24 4.09 -1.53
C LEU A 3 7.89 4.79 -1.37
N GLU A 4 7.81 5.69 -0.43
CA GLU A 4 6.52 6.42 -0.19
C GLU A 4 6.19 7.29 -1.40
N LEU A 5 7.18 7.89 -1.99
CA LEU A 5 6.94 8.76 -3.18
C LEU A 5 6.40 7.92 -4.33
N GLN A 6 6.94 6.74 -4.50
CA GLN A 6 6.48 5.85 -5.60
C GLN A 6 5.02 5.43 -5.36
N LEU A 7 4.67 5.22 -4.13
CA LEU A 7 3.27 4.81 -3.81
C LEU A 7 2.30 5.91 -4.22
N LYS A 8 2.65 7.14 -3.94
CA LYS A 8 1.75 8.28 -4.30
C LYS A 8 1.63 8.35 -5.82
N HIS A 9 2.71 8.14 -6.51
CA HIS A 9 2.69 8.20 -8.01
C HIS A 9 1.83 7.06 -8.54
N TYR A 10 2.02 5.87 -8.03
CA TYR A 10 1.23 4.70 -8.50
C TYR A 10 -0.26 4.91 -8.20
N ILE A 11 -0.57 5.35 -7.01
CA ILE A 11 -1.99 5.56 -6.63
C ILE A 11 -2.62 6.64 -7.53
N THR A 12 -1.91 7.71 -7.74
CA THR A 12 -2.44 8.82 -8.58
C THR A 12 -2.68 8.35 -10.01
N ASN A 13 -1.74 7.64 -10.56
CA ASN A 13 -1.89 7.14 -11.96
C ASN A 13 -3.02 6.11 -12.03
N LEU A 14 -3.16 5.33 -11.00
CA LEU A 14 -4.21 4.27 -11.01
C LEU A 14 -5.59 4.90 -11.16
N PHE A 15 -5.88 5.91 -10.41
CA PHE A 15 -7.22 6.57 -10.48
C PHE A 15 -7.08 7.94 -11.17
N ASN A 16 -5.89 8.26 -11.60
CA ASN A 16 -5.66 9.57 -12.30
C ASN A 16 -6.09 10.71 -11.39
N LEU A 17 -5.83 10.59 -10.12
CA LEU A 17 -6.22 11.66 -9.17
C LEU A 17 -5.13 12.73 -9.10
N PRO A 18 -5.50 13.97 -8.88
CA PRO A 18 -4.54 15.10 -8.78
C PRO A 18 -3.28 14.73 -8.01
N ARG A 19 -2.14 14.95 -8.60
CA ARG A 19 -0.85 14.62 -7.93
C ARG A 19 -0.35 15.84 -7.15
N ASP A 20 -0.88 16.99 -7.43
CA ASP A 20 -0.43 18.23 -6.73
C ASP A 20 -1.23 18.40 -5.44
N GLU A 21 -1.96 17.40 -5.04
CA GLU A 21 -2.77 17.48 -3.77
C GLU A 21 -2.04 16.72 -2.66
N LYS A 22 -1.67 17.42 -1.62
CA LYS A 22 -0.97 16.78 -0.49
C LYS A 22 -1.99 16.15 0.45
N TRP A 23 -1.65 15.02 1.01
CA TRP A 23 -2.58 14.32 1.94
C TRP A 23 -2.12 14.53 3.38
N GLU A 24 -2.92 14.05 4.32
CA GLU A 24 -2.58 14.20 5.76
C GLU A 24 -2.19 12.85 6.33
N CYS A 25 -1.01 12.78 6.89
CA CYS A 25 -0.51 11.50 7.47
C CYS A 25 -1.07 11.29 8.87
N GLU A 26 -1.56 10.11 9.12
CA GLU A 26 -2.13 9.78 10.47
C GLU A 26 -1.39 8.56 11.01
N SER A 27 -0.77 8.71 12.14
CA SER A 27 -0.01 7.57 12.75
C SER A 27 -0.84 6.92 13.85
N ILE A 28 -1.03 5.63 13.72
CA ILE A 28 -1.82 4.88 14.73
C ILE A 28 -1.32 3.44 14.81
N GLU A 29 -1.50 2.81 15.93
CA GLU A 29 -1.03 1.39 16.10
C GLU A 29 -2.21 0.44 15.96
N GLU A 30 -2.10 -0.50 15.07
CA GLU A 30 -3.21 -1.48 14.86
C GLU A 30 -2.64 -2.88 14.62
N VAL A 31 -3.41 -3.88 14.91
CA VAL A 31 -2.96 -5.29 14.73
C VAL A 31 -3.01 -5.67 13.25
N ALA A 32 -1.98 -6.33 12.80
CA ALA A 32 -1.91 -6.75 11.36
C ALA A 32 -3.15 -7.55 10.98
N ASP A 33 -3.56 -8.47 11.81
CA ASP A 33 -4.75 -9.32 11.48
C ASP A 33 -6.00 -8.45 11.41
N ASP A 34 -5.88 -7.18 11.68
CA ASP A 34 -7.08 -6.28 11.62
C ASP A 34 -7.11 -5.60 10.25
N ILE A 35 -5.99 -5.48 9.60
CA ILE A 35 -5.93 -4.84 8.25
C ILE A 35 -5.44 -5.86 7.23
N LEU A 36 -4.90 -6.96 7.70
CA LEU A 36 -4.40 -8.03 6.79
C LEU A 36 -5.22 -9.31 7.03
N PRO A 37 -6.25 -9.52 6.27
CA PRO A 37 -7.13 -10.73 6.40
C PRO A 37 -6.33 -12.03 6.41
N ASP A 38 -6.86 -13.03 7.05
CA ASP A 38 -6.16 -14.35 7.13
C ASP A 38 -5.62 -14.73 5.74
N GLN A 39 -6.07 -14.06 4.72
CA GLN A 39 -5.60 -14.37 3.34
C GLN A 39 -4.10 -14.10 3.23
N TYR A 40 -3.63 -13.04 3.83
CA TYR A 40 -2.16 -12.72 3.77
C TYR A 40 -1.52 -12.96 5.13
N VAL A 41 -2.24 -13.57 6.04
CA VAL A 41 -1.66 -13.85 7.40
C VAL A 41 -1.97 -15.30 7.78
N ARG A 42 -1.63 -16.23 6.91
CA ARG A 42 -1.89 -17.66 7.19
C ARG A 42 -1.00 -18.12 8.36
N LEU A 43 -1.50 -17.96 9.56
CA LEU A 43 -0.73 -18.36 10.78
C LEU A 43 0.65 -17.70 10.74
N GLY A 44 0.85 -16.80 9.81
CA GLY A 44 2.16 -16.11 9.68
C GLY A 44 2.58 -15.49 11.02
N PRO A 45 3.83 -15.07 11.11
CA PRO A 45 4.38 -14.45 12.33
C PRO A 45 3.81 -13.04 12.57
N LEU A 46 3.15 -12.50 11.59
CA LEU A 46 2.56 -11.13 11.72
C LEU A 46 1.24 -11.23 12.47
N SER A 47 0.78 -12.43 12.69
CA SER A 47 -0.53 -12.62 13.41
C SER A 47 -0.48 -12.05 14.82
N ASN A 48 -1.50 -11.32 15.16
CA ASN A 48 -1.61 -10.70 16.51
C ASN A 48 -0.37 -9.85 16.81
N LYS A 49 0.21 -9.25 15.80
CA LYS A 49 1.42 -8.38 16.03
C LYS A 49 1.06 -6.91 15.85
N ILE A 50 1.56 -6.08 16.72
CA ILE A 50 1.27 -4.62 16.65
C ILE A 50 2.23 -3.96 15.68
N LEU A 51 1.70 -3.35 14.66
CA LEU A 51 2.55 -2.66 13.63
C LEU A 51 2.15 -1.19 13.52
N GLN A 52 3.11 -0.36 13.22
CA GLN A 52 2.86 1.10 13.08
C GLN A 52 2.14 1.37 11.76
N THR A 53 0.85 1.59 11.83
CA THR A 53 0.06 1.85 10.60
C THR A 53 -0.04 3.36 10.33
N ASN A 54 0.38 3.76 9.16
CA ASN A 54 0.31 5.20 8.76
C ASN A 54 -0.75 5.37 7.68
N THR A 55 -1.96 5.67 8.09
CA THR A 55 -3.07 5.85 7.11
C THR A 55 -3.16 7.31 6.68
N TYR A 56 -3.15 7.54 5.39
CA TYR A 56 -3.25 8.93 4.86
C TYR A 56 -4.69 9.22 4.48
N TYR A 57 -5.15 10.40 4.80
CA TYR A 57 -6.56 10.78 4.48
C TYR A 57 -6.59 12.19 3.92
N SER A 58 -7.21 12.35 2.78
CA SER A 58 -7.31 13.69 2.14
C SER A 58 -8.71 13.89 1.55
N ASP A 59 -9.02 15.11 1.19
CA ASP A 59 -10.36 15.41 0.61
C ASP A 59 -10.55 14.62 -0.68
N THR A 60 -9.55 14.61 -1.51
CA THR A 60 -9.64 13.86 -2.81
C THR A 60 -9.75 12.36 -2.52
N LEU A 61 -8.93 11.86 -1.63
CA LEU A 61 -8.96 10.40 -1.31
C LEU A 61 -10.32 10.02 -0.75
N HIS A 62 -10.86 10.82 0.12
CA HIS A 62 -12.19 10.51 0.71
C HIS A 62 -13.25 10.49 -0.39
N LYS A 63 -13.15 11.41 -1.31
CA LYS A 63 -14.14 11.45 -2.43
C LYS A 63 -14.01 10.21 -3.30
N SER A 64 -12.80 9.75 -3.52
CA SER A 64 -12.58 8.54 -4.36
C SER A 64 -12.83 7.28 -3.51
N ASN A 65 -13.11 7.47 -2.25
CA ASN A 65 -13.37 6.32 -1.31
C ASN A 65 -12.15 5.42 -1.26
N ILE A 66 -10.97 5.99 -1.31
CA ILE A 66 -9.72 5.17 -1.25
C ILE A 66 -8.99 5.45 0.06
N TYR A 67 -8.62 4.42 0.76
CA TYR A 67 -7.91 4.57 2.07
C TYR A 67 -6.52 3.92 1.99
N PRO A 68 -5.53 4.65 1.52
CA PRO A 68 -4.13 4.13 1.42
C PRO A 68 -3.42 4.12 2.77
N PHE A 69 -2.57 3.15 2.99
CA PHE A 69 -1.85 3.06 4.28
C PHE A 69 -0.51 2.34 4.10
N ILE A 70 0.41 2.60 4.99
CA ILE A 70 1.76 1.95 4.94
C ILE A 70 2.13 1.46 6.33
N LEU A 71 2.69 0.29 6.42
CA LEU A 71 3.08 -0.28 7.76
C LEU A 71 4.58 -0.17 7.96
N TYR A 72 4.97 0.29 9.12
CA TYR A 72 6.42 0.45 9.44
C TYR A 72 6.75 -0.36 10.69
N TYR A 73 7.92 -0.95 10.70
CA TYR A 73 8.35 -1.77 11.86
C TYR A 73 9.88 -1.68 12.00
N GLN A 74 10.33 -1.11 13.08
CA GLN A 74 11.80 -0.95 13.34
C GLN A 74 12.49 -0.41 12.09
N LYS A 75 12.11 0.77 11.68
CA LYS A 75 12.71 1.40 10.48
C LYS A 75 12.79 0.38 9.35
N GLN A 76 11.65 -0.01 8.84
CA GLN A 76 11.62 -1.00 7.72
C GLN A 76 10.20 -1.17 7.20
N LEU A 77 10.06 -1.28 5.91
CA LEU A 77 8.71 -1.46 5.29
C LEU A 77 8.26 -2.89 5.41
N ILE A 78 7.05 -3.09 5.87
CA ILE A 78 6.50 -4.47 6.02
C ILE A 78 5.41 -4.70 5.00
N ALA A 79 4.67 -3.69 4.65
CA ALA A 79 3.59 -3.88 3.63
C ALA A 79 3.03 -2.54 3.17
N ILE A 80 2.70 -2.45 1.90
CA ILE A 80 2.12 -1.20 1.33
C ILE A 80 0.88 -1.56 0.53
N GLY A 81 -0.21 -0.90 0.78
CA GLY A 81 -1.47 -1.22 0.02
C GLY A 81 -2.57 -0.21 0.36
N PHE A 82 -3.72 -0.39 -0.24
CA PHE A 82 -4.87 0.53 0.00
C PHE A 82 -6.18 -0.25 -0.10
N ILE A 83 -7.23 0.30 0.44
CA ILE A 83 -8.57 -0.37 0.42
C ILE A 83 -9.48 0.31 -0.60
N ASP A 84 -10.07 -0.46 -1.47
CA ASP A 84 -10.96 0.11 -2.51
C ASP A 84 -12.43 0.00 -2.06
N GLU A 85 -13.09 1.12 -2.03
CA GLU A 85 -14.53 1.17 -1.64
C GLU A 85 -14.69 0.62 -0.22
N ASN A 86 -14.69 -0.67 -0.08
CA ASN A 86 -14.86 -1.30 1.27
C ASN A 86 -13.95 -2.53 1.37
N HIS A 87 -13.65 -3.16 0.26
CA HIS A 87 -12.77 -4.37 0.28
C HIS A 87 -11.80 -4.34 -0.91
N ASP A 88 -11.50 -5.49 -1.45
CA ASP A 88 -10.55 -5.59 -2.60
C ASP A 88 -9.23 -4.92 -2.21
N MET A 89 -8.51 -5.52 -1.29
CA MET A 89 -7.21 -4.94 -0.85
C MET A 89 -6.16 -5.16 -1.92
N ASP A 90 -5.35 -4.17 -2.16
CA ASP A 90 -4.27 -4.28 -3.19
C ASP A 90 -2.94 -3.89 -2.57
N PHE A 91 -2.04 -4.83 -2.47
CA PHE A 91 -0.70 -4.55 -1.88
C PHE A 91 0.33 -4.34 -2.98
N LEU A 92 0.81 -3.14 -3.09
CA LEU A 92 1.85 -2.84 -4.12
C LEU A 92 3.12 -3.60 -3.75
N TYR A 93 3.41 -3.61 -2.48
CA TYR A 93 4.62 -4.33 -1.97
C TYR A 93 4.22 -5.04 -0.68
N LEU A 94 4.65 -6.26 -0.51
CA LEU A 94 4.27 -7.03 0.72
C LEU A 94 5.45 -7.89 1.16
N HIS A 95 6.10 -7.50 2.23
CA HIS A 95 7.27 -8.26 2.76
C HIS A 95 7.00 -8.71 4.20
N ASN A 96 7.22 -9.97 4.46
CA ASN A 96 6.98 -10.54 5.83
C ASN A 96 8.31 -10.60 6.58
N THR A 97 8.28 -10.27 7.83
CA THR A 97 9.52 -10.29 8.67
C THR A 97 10.22 -11.64 8.54
N VAL A 98 9.56 -12.63 7.98
CA VAL A 98 10.20 -13.98 7.85
C VAL A 98 10.20 -14.43 6.39
N MET A 99 9.07 -14.82 5.86
CA MET A 99 9.03 -15.32 4.44
C MET A 99 8.11 -14.43 3.59
N PRO A 100 8.67 -13.48 2.90
CA PRO A 100 7.91 -12.56 2.01
C PRO A 100 7.00 -13.30 1.03
N LEU A 101 5.82 -12.78 0.81
CA LEU A 101 4.87 -13.42 -0.13
C LEU A 101 5.01 -12.75 -1.49
N LEU A 102 4.52 -11.55 -1.61
CA LEU A 102 4.59 -10.81 -2.91
C LEU A 102 5.45 -9.57 -2.76
N ASP A 103 6.33 -9.37 -3.70
CA ASP A 103 7.24 -8.19 -3.66
C ASP A 103 7.67 -7.84 -5.08
N GLN A 104 6.81 -7.18 -5.82
CA GLN A 104 7.14 -6.79 -7.22
C GLN A 104 7.34 -5.28 -7.30
N ARG A 105 8.52 -4.86 -7.62
CA ARG A 105 8.83 -3.41 -7.74
C ARG A 105 8.04 -2.82 -8.90
N TYR A 106 7.94 -3.55 -9.98
CA TYR A 106 7.21 -3.04 -11.18
C TYR A 106 5.87 -2.45 -10.74
N LEU A 107 5.12 -3.18 -9.98
CA LEU A 107 3.80 -2.67 -9.50
C LEU A 107 4.04 -1.47 -8.57
N LEU A 108 5.05 -1.54 -7.77
CA LEU A 108 5.34 -0.43 -6.82
C LEU A 108 5.65 0.85 -7.61
N THR A 109 6.46 0.73 -8.63
CA THR A 109 6.83 1.93 -9.44
C THR A 109 5.77 2.17 -10.53
N GLY A 110 5.04 1.14 -10.87
CA GLY A 110 3.98 1.27 -11.92
C GLY A 110 4.63 1.45 -13.29
N GLY A 111 5.90 1.20 -13.38
CA GLY A 111 6.63 1.35 -14.68
C GLY A 111 6.22 0.24 -15.66
N GLN A 112 6.17 0.58 -16.92
CA GLN A 112 5.78 -0.42 -17.96
C GLN A 112 7.03 -1.08 -18.52
N LEU A 113 7.68 -1.90 -17.72
CA LEU A 113 8.92 -2.61 -18.17
C LEU A 113 8.54 -4.02 -18.62
N GLU A 114 7.27 -4.31 -18.69
CA GLU A 114 6.82 -5.66 -19.12
C GLU A 114 7.45 -6.03 -20.46
N HIS A 115 7.92 -7.24 -20.57
CA HIS A 115 8.56 -7.71 -21.83
C HIS A 115 7.48 -8.24 -22.76
N HIS A 116 6.30 -8.47 -22.24
CA HIS A 116 5.19 -9.00 -23.09
C HIS A 116 4.47 -7.86 -23.79
N HIS A 117 4.48 -7.88 -25.10
CA HIS A 117 3.79 -6.80 -25.88
C HIS A 117 3.38 -7.35 -27.25
N HIS A 118 2.18 -7.03 -27.67
CA HIS A 118 1.65 -7.49 -28.99
C HIS A 118 2.12 -8.92 -29.29
N HIS A 119 1.38 -9.88 -28.82
CA HIS A 119 1.74 -11.31 -29.06
C HIS A 119 0.48 -12.16 -29.10
N HIS A 120 0.55 -13.29 -29.74
CA HIS A 120 -0.63 -14.20 -29.83
C HIS A 120 -0.14 -15.64 -30.04
N MET A 1 12.36 6.30 1.76
CA MET A 1 12.29 7.76 1.45
C MET A 1 11.67 7.95 0.07
N THR A 2 11.91 7.03 -0.83
CA THR A 2 11.33 7.13 -2.21
C THR A 2 10.12 6.20 -2.31
N LEU A 3 9.96 5.33 -1.35
CA LEU A 3 8.80 4.38 -1.36
C LEU A 3 7.49 5.16 -1.25
N GLU A 4 7.46 6.17 -0.41
CA GLU A 4 6.21 6.97 -0.25
C GLU A 4 5.91 7.69 -1.56
N LEU A 5 6.90 8.28 -2.16
CA LEU A 5 6.69 9.00 -3.45
C LEU A 5 6.28 8.00 -4.53
N GLN A 6 6.92 6.87 -4.54
CA GLN A 6 6.60 5.83 -5.57
C GLN A 6 5.17 5.32 -5.37
N LEU A 7 4.80 5.05 -4.16
CA LEU A 7 3.42 4.54 -3.90
C LEU A 7 2.40 5.60 -4.29
N LYS A 8 2.67 6.84 -3.94
CA LYS A 8 1.72 7.93 -4.27
C LYS A 8 1.58 8.05 -5.79
N HIS A 9 2.69 8.00 -6.48
CA HIS A 9 2.64 8.11 -7.97
C HIS A 9 1.82 6.95 -8.55
N TYR A 10 2.03 5.76 -8.05
CA TYR A 10 1.28 4.57 -8.57
C TYR A 10 -0.22 4.75 -8.28
N ILE A 11 -0.54 5.12 -7.07
CA ILE A 11 -1.97 5.30 -6.70
C ILE A 11 -2.58 6.47 -7.49
N THR A 12 -1.86 7.55 -7.60
CA THR A 12 -2.39 8.74 -8.33
C THR A 12 -2.49 8.42 -9.83
N ASN A 13 -1.50 7.77 -10.38
CA ASN A 13 -1.53 7.42 -11.82
C ASN A 13 -2.63 6.39 -12.07
N LEU A 14 -2.76 5.43 -11.18
CA LEU A 14 -3.80 4.38 -11.35
C LEU A 14 -5.20 5.00 -11.30
N PHE A 15 -5.41 5.90 -10.39
CA PHE A 15 -6.75 6.57 -10.28
C PHE A 15 -6.71 7.93 -10.97
N ASN A 16 -5.59 8.27 -11.54
CA ASN A 16 -5.45 9.57 -12.27
C ASN A 16 -5.81 10.73 -11.34
N LEU A 17 -5.36 10.66 -10.11
CA LEU A 17 -5.67 11.74 -9.12
C LEU A 17 -4.56 12.81 -9.16
N PRO A 18 -4.90 14.05 -8.94
CA PRO A 18 -3.92 15.17 -8.94
C PRO A 18 -2.93 15.09 -7.78
N ARG A 19 -1.70 15.47 -8.03
CA ARG A 19 -0.66 15.43 -6.96
C ARG A 19 -0.58 16.81 -6.29
N ASP A 20 -1.45 17.70 -6.66
CA ASP A 20 -1.43 19.07 -6.04
C ASP A 20 -2.21 19.03 -4.72
N GLU A 21 -2.70 17.87 -4.35
CA GLU A 21 -3.47 17.75 -3.07
C GLU A 21 -2.57 17.19 -1.97
N LYS A 22 -2.38 17.94 -0.92
CA LYS A 22 -1.53 17.49 0.21
C LYS A 22 -2.23 16.39 1.00
N TRP A 23 -1.53 15.32 1.26
CA TRP A 23 -2.14 14.18 2.02
C TRP A 23 -1.84 14.32 3.51
N GLU A 24 -2.73 13.83 4.33
CA GLU A 24 -2.55 13.92 5.81
C GLU A 24 -2.24 12.53 6.36
N CYS A 25 -1.10 12.40 6.97
CA CYS A 25 -0.68 11.08 7.52
C CYS A 25 -1.11 10.95 8.98
N GLU A 26 -1.51 9.77 9.37
CA GLU A 26 -1.95 9.53 10.79
C GLU A 26 -1.43 8.16 11.24
N SER A 27 -0.34 8.16 11.97
CA SER A 27 0.25 6.87 12.44
C SER A 27 -0.42 6.42 13.74
N ILE A 28 -0.80 5.16 13.79
CA ILE A 28 -1.44 4.61 15.00
C ILE A 28 -1.07 3.12 15.15
N GLU A 29 -0.74 2.71 16.35
CA GLU A 29 -0.34 1.29 16.58
C GLU A 29 -1.58 0.40 16.69
N GLU A 30 -1.68 -0.58 15.82
CA GLU A 30 -2.86 -1.51 15.86
C GLU A 30 -2.43 -2.92 15.43
N VAL A 31 -3.21 -3.90 15.78
CA VAL A 31 -2.90 -5.31 15.42
C VAL A 31 -2.95 -5.49 13.90
N ALA A 32 -2.01 -6.21 13.36
CA ALA A 32 -1.96 -6.45 11.88
C ALA A 32 -3.25 -7.14 11.41
N ASP A 33 -3.75 -8.06 12.18
CA ASP A 33 -4.99 -8.79 11.77
C ASP A 33 -6.16 -7.80 11.63
N ASP A 34 -5.95 -6.58 12.03
CA ASP A 34 -7.04 -5.54 11.94
C ASP A 34 -7.26 -5.14 10.48
N ILE A 35 -6.38 -4.35 9.95
CA ILE A 35 -6.52 -3.88 8.54
C ILE A 35 -5.83 -4.86 7.59
N LEU A 36 -5.25 -5.91 8.14
CA LEU A 36 -4.55 -6.91 7.29
C LEU A 36 -5.28 -8.26 7.39
N PRO A 37 -6.17 -8.56 6.47
CA PRO A 37 -6.93 -9.83 6.48
C PRO A 37 -6.02 -11.06 6.62
N ASP A 38 -6.47 -12.02 7.39
CA ASP A 38 -5.68 -13.27 7.60
C ASP A 38 -5.27 -13.86 6.24
N GLN A 39 -5.80 -13.33 5.18
CA GLN A 39 -5.47 -13.84 3.81
C GLN A 39 -3.95 -13.75 3.59
N TYR A 40 -3.24 -13.11 4.48
CA TYR A 40 -1.76 -12.99 4.32
C TYR A 40 -1.10 -13.00 5.70
N VAL A 41 -1.86 -13.29 6.74
CA VAL A 41 -1.30 -13.31 8.12
C VAL A 41 -1.56 -14.69 8.75
N ARG A 42 -2.28 -15.54 8.05
CA ARG A 42 -2.58 -16.91 8.58
C ARG A 42 -1.34 -17.49 9.26
N LEU A 43 -0.23 -17.50 8.58
CA LEU A 43 1.04 -18.04 9.15
C LEU A 43 1.86 -16.88 9.71
N GLY A 44 1.95 -15.81 8.96
CA GLY A 44 2.73 -14.63 9.42
C GLY A 44 2.55 -14.41 10.92
N PRO A 45 3.52 -14.75 11.73
CA PRO A 45 3.42 -14.55 13.21
C PRO A 45 3.05 -13.10 13.53
N LEU A 46 2.92 -12.30 12.52
CA LEU A 46 2.56 -10.87 12.70
C LEU A 46 1.10 -10.76 13.14
N SER A 47 0.44 -11.90 13.24
CA SER A 47 -1.00 -11.89 13.66
C SER A 47 -1.16 -11.29 15.06
N ASN A 48 -0.30 -11.66 15.98
CA ASN A 48 -0.41 -11.12 17.36
C ASN A 48 0.55 -9.93 17.51
N LYS A 49 1.19 -9.53 16.44
CA LYS A 49 2.14 -8.38 16.53
C LYS A 49 1.44 -7.06 16.20
N ILE A 50 1.78 -6.03 16.94
CA ILE A 50 1.17 -4.69 16.70
C ILE A 50 2.06 -3.89 15.76
N LEU A 51 1.60 -3.66 14.57
CA LEU A 51 2.41 -2.89 13.56
C LEU A 51 1.85 -1.48 13.43
N GLN A 52 2.73 -0.54 13.21
CA GLN A 52 2.29 0.87 13.09
C GLN A 52 1.46 1.04 11.82
N THR A 53 0.22 1.40 11.96
CA THR A 53 -0.67 1.58 10.79
C THR A 53 -0.72 3.06 10.39
N ASN A 54 -0.22 3.37 9.22
CA ASN A 54 -0.23 4.77 8.75
C ASN A 54 -1.33 4.96 7.72
N THR A 55 -2.43 5.51 8.14
CA THR A 55 -3.59 5.73 7.23
C THR A 55 -3.52 7.16 6.69
N TYR A 56 -3.72 7.31 5.40
CA TYR A 56 -3.65 8.67 4.78
C TYR A 56 -5.06 9.17 4.48
N TYR A 57 -5.33 10.39 4.87
CA TYR A 57 -6.67 10.99 4.64
C TYR A 57 -6.52 12.25 3.77
N SER A 58 -7.09 12.22 2.59
CA SER A 58 -7.00 13.39 1.67
C SER A 58 -8.37 13.65 1.04
N ASP A 59 -8.57 14.85 0.58
CA ASP A 59 -9.87 15.20 -0.06
C ASP A 59 -10.09 14.33 -1.31
N THR A 60 -9.08 14.16 -2.10
CA THR A 60 -9.21 13.34 -3.34
C THR A 60 -9.41 11.87 -2.96
N LEU A 61 -8.64 11.39 -2.02
CA LEU A 61 -8.75 9.96 -1.58
C LEU A 61 -10.12 9.69 -0.98
N HIS A 62 -10.59 10.58 -0.16
CA HIS A 62 -11.92 10.38 0.49
C HIS A 62 -13.01 10.43 -0.59
N LYS A 63 -12.88 11.36 -1.50
CA LYS A 63 -13.88 11.48 -2.60
C LYS A 63 -13.85 10.22 -3.45
N SER A 64 -12.68 9.73 -3.74
CA SER A 64 -12.54 8.49 -4.56
C SER A 64 -12.85 7.26 -3.70
N ASN A 65 -13.13 7.49 -2.44
CA ASN A 65 -13.45 6.37 -1.51
C ASN A 65 -12.26 5.43 -1.38
N ILE A 66 -11.07 5.98 -1.32
CA ILE A 66 -9.83 5.13 -1.20
C ILE A 66 -9.11 5.50 0.10
N TYR A 67 -8.73 4.50 0.86
CA TYR A 67 -8.01 4.74 2.16
C TYR A 67 -6.66 4.02 2.14
N PRO A 68 -5.64 4.65 1.63
CA PRO A 68 -4.27 4.07 1.56
C PRO A 68 -3.72 3.76 2.95
N PHE A 69 -2.98 2.70 3.07
CA PHE A 69 -2.40 2.34 4.40
C PHE A 69 -1.04 1.67 4.23
N ILE A 70 -0.14 1.94 5.13
CA ILE A 70 1.23 1.34 5.07
C ILE A 70 1.62 0.84 6.46
N LEU A 71 2.28 -0.28 6.52
CA LEU A 71 2.69 -0.86 7.83
C LEU A 71 4.19 -0.66 8.04
N TYR A 72 4.55 -0.13 9.18
CA TYR A 72 6.00 0.11 9.50
C TYR A 72 6.35 -0.60 10.80
N TYR A 73 7.55 -1.12 10.86
CA TYR A 73 8.01 -1.85 12.09
C TYR A 73 9.50 -1.54 12.33
N GLN A 74 9.76 -0.62 13.21
CA GLN A 74 11.18 -0.25 13.53
C GLN A 74 11.92 0.18 12.26
N LYS A 75 11.50 1.28 11.70
CA LYS A 75 12.16 1.79 10.46
C LYS A 75 12.32 0.66 9.45
N GLN A 76 11.33 -0.20 9.36
CA GLN A 76 11.40 -1.34 8.39
C GLN A 76 10.03 -1.54 7.74
N LEU A 77 9.98 -1.39 6.45
CA LEU A 77 8.69 -1.57 5.72
C LEU A 77 8.25 -3.03 5.78
N ILE A 78 7.02 -3.26 6.11
CA ILE A 78 6.50 -4.66 6.20
C ILE A 78 5.56 -4.94 5.04
N ALA A 79 4.70 -4.02 4.70
CA ALA A 79 3.77 -4.27 3.57
C ALA A 79 3.11 -2.96 3.11
N ILE A 80 2.61 -2.97 1.91
CA ILE A 80 1.93 -1.75 1.36
C ILE A 80 0.61 -2.16 0.70
N GLY A 81 -0.40 -1.36 0.86
CA GLY A 81 -1.71 -1.70 0.24
C GLY A 81 -2.72 -0.59 0.52
N PHE A 82 -3.73 -0.52 -0.28
CA PHE A 82 -4.79 0.54 -0.10
C PHE A 82 -6.17 -0.07 -0.30
N ILE A 83 -7.15 0.50 0.34
CA ILE A 83 -8.55 -0.04 0.21
C ILE A 83 -9.26 0.65 -0.95
N ASP A 84 -9.73 -0.13 -1.88
CA ASP A 84 -10.42 0.43 -3.08
C ASP A 84 -11.90 0.66 -2.80
N GLU A 85 -12.60 1.19 -3.77
CA GLU A 85 -14.05 1.48 -3.61
C GLU A 85 -14.82 0.16 -3.39
N ASN A 86 -14.30 -0.92 -3.92
CA ASN A 86 -14.99 -2.23 -3.75
C ASN A 86 -14.53 -2.87 -2.44
N HIS A 87 -14.10 -2.06 -1.51
CA HIS A 87 -13.62 -2.59 -0.19
C HIS A 87 -12.51 -3.61 -0.41
N ASP A 88 -12.10 -3.79 -1.64
CA ASP A 88 -11.02 -4.77 -1.95
C ASP A 88 -9.66 -4.21 -1.53
N MET A 89 -8.82 -5.05 -1.02
CA MET A 89 -7.47 -4.61 -0.58
C MET A 89 -6.44 -4.97 -1.65
N ASP A 90 -5.85 -3.97 -2.25
CA ASP A 90 -4.84 -4.21 -3.31
C ASP A 90 -3.43 -4.09 -2.71
N PHE A 91 -2.71 -5.17 -2.71
CA PHE A 91 -1.33 -5.15 -2.13
C PHE A 91 -0.30 -5.05 -3.26
N LEU A 92 0.52 -4.03 -3.20
CA LEU A 92 1.57 -3.82 -4.24
C LEU A 92 2.90 -4.36 -3.72
N TYR A 93 3.02 -4.52 -2.43
CA TYR A 93 4.29 -5.06 -1.87
C TYR A 93 4.02 -5.73 -0.54
N LEU A 94 4.25 -7.01 -0.46
CA LEU A 94 4.02 -7.75 0.81
C LEU A 94 5.33 -8.38 1.27
N HIS A 95 5.76 -8.03 2.45
CA HIS A 95 7.03 -8.59 2.99
C HIS A 95 6.85 -8.97 4.46
N ASN A 96 6.98 -10.24 4.74
CA ASN A 96 6.83 -10.71 6.15
C ASN A 96 8.22 -10.75 6.79
N THR A 97 8.30 -10.30 8.01
CA THR A 97 9.59 -10.27 8.76
C THR A 97 10.42 -11.52 8.43
N VAL A 98 9.77 -12.60 8.09
CA VAL A 98 10.52 -13.85 7.76
C VAL A 98 11.27 -13.65 6.45
N MET A 99 10.61 -13.16 5.44
CA MET A 99 11.29 -12.93 4.14
C MET A 99 10.29 -12.35 3.12
N PRO A 100 10.75 -11.60 2.14
CA PRO A 100 9.88 -10.99 1.10
C PRO A 100 8.94 -12.00 0.44
N LEU A 101 7.69 -11.65 0.32
CA LEU A 101 6.69 -12.56 -0.32
C LEU A 101 6.35 -12.07 -1.72
N LEU A 102 5.68 -10.94 -1.81
CA LEU A 102 5.30 -10.38 -3.15
C LEU A 102 6.05 -9.08 -3.41
N ASP A 103 6.69 -9.00 -4.55
CA ASP A 103 7.44 -7.76 -4.90
C ASP A 103 7.52 -7.64 -6.43
N GLN A 104 6.65 -6.84 -6.99
CA GLN A 104 6.64 -6.64 -8.48
C GLN A 104 7.17 -5.24 -8.80
N ARG A 105 8.27 -5.19 -9.48
CA ARG A 105 8.87 -3.88 -9.86
C ARG A 105 7.96 -3.18 -10.87
N TYR A 106 7.31 -3.93 -11.71
CA TYR A 106 6.41 -3.31 -12.74
C TYR A 106 5.34 -2.47 -12.05
N LEU A 107 4.71 -3.02 -11.05
CA LEU A 107 3.64 -2.28 -10.31
C LEU A 107 4.24 -1.07 -9.58
N LEU A 108 5.40 -1.24 -9.01
CA LEU A 108 6.05 -0.13 -8.26
C LEU A 108 6.82 0.79 -9.22
N THR A 109 6.85 0.44 -10.48
CA THR A 109 7.58 1.28 -11.48
C THR A 109 6.56 2.16 -12.23
N GLY A 110 5.31 1.79 -12.16
CA GLY A 110 4.25 2.59 -12.86
C GLY A 110 4.32 2.34 -14.37
N GLY A 111 4.96 1.28 -14.76
CA GLY A 111 5.09 0.96 -16.22
C GLY A 111 3.72 0.69 -16.84
N GLN A 112 3.72 0.15 -18.03
CA GLN A 112 2.44 -0.16 -18.71
C GLN A 112 1.63 -1.18 -17.91
N LEU A 113 0.38 -0.90 -17.70
CA LEU A 113 -0.50 -1.83 -16.93
C LEU A 113 -0.79 -3.08 -17.75
N GLU A 114 -0.88 -4.20 -17.10
CA GLU A 114 -1.16 -5.48 -17.83
C GLU A 114 -2.62 -5.55 -18.26
N HIS A 115 -2.97 -6.60 -18.95
CA HIS A 115 -4.37 -6.79 -19.44
C HIS A 115 -4.82 -5.58 -20.26
N HIS A 116 -6.09 -5.52 -20.54
CA HIS A 116 -6.63 -4.37 -21.34
C HIS A 116 -8.05 -4.05 -20.88
N HIS A 117 -8.45 -2.81 -20.99
CA HIS A 117 -9.82 -2.39 -20.57
C HIS A 117 -10.69 -2.19 -21.81
N HIS A 118 -10.19 -2.59 -22.96
CA HIS A 118 -10.97 -2.45 -24.22
C HIS A 118 -12.28 -3.22 -24.11
N HIS A 119 -12.23 -4.40 -23.54
CA HIS A 119 -13.46 -5.23 -23.40
C HIS A 119 -14.15 -4.93 -22.08
N HIS A 120 -15.45 -4.95 -22.09
CA HIS A 120 -16.24 -4.68 -20.85
C HIS A 120 -15.82 -3.33 -20.26
N MET A 1 14.78 3.52 -0.95
CA MET A 1 14.44 4.94 -0.63
C MET A 1 13.53 5.52 -1.72
N THR A 2 13.22 6.78 -1.60
CA THR A 2 12.32 7.43 -2.62
C THR A 2 11.12 6.53 -2.88
N LEU A 3 10.88 5.59 -2.03
CA LEU A 3 9.73 4.66 -2.19
C LEU A 3 8.42 5.47 -2.10
N GLU A 4 8.38 6.40 -1.20
CA GLU A 4 7.15 7.23 -1.03
C GLU A 4 6.84 7.94 -2.35
N LEU A 5 7.85 8.40 -3.02
CA LEU A 5 7.64 9.11 -4.32
C LEU A 5 7.05 8.13 -5.35
N GLN A 6 7.55 6.92 -5.36
CA GLN A 6 7.03 5.92 -6.33
C GLN A 6 5.59 5.55 -5.98
N LEU A 7 5.33 5.27 -4.73
CA LEU A 7 3.95 4.90 -4.32
C LEU A 7 3.02 6.11 -4.51
N LYS A 8 3.49 7.27 -4.15
CA LYS A 8 2.65 8.51 -4.30
C LYS A 8 2.27 8.68 -5.77
N HIS A 9 3.23 8.55 -6.62
CA HIS A 9 2.96 8.70 -8.09
C HIS A 9 2.16 7.50 -8.60
N TYR A 10 2.47 6.32 -8.13
CA TYR A 10 1.73 5.11 -8.60
C TYR A 10 0.24 5.21 -8.22
N ILE A 11 -0.03 5.53 -6.99
CA ILE A 11 -1.45 5.64 -6.54
C ILE A 11 -2.15 6.79 -7.28
N THR A 12 -1.49 7.92 -7.39
CA THR A 12 -2.12 9.08 -8.07
C THR A 12 -2.26 8.79 -9.58
N ASN A 13 -1.24 8.30 -10.20
CA ASN A 13 -1.30 8.00 -11.66
C ASN A 13 -2.27 6.83 -11.89
N LEU A 14 -2.23 5.86 -11.04
CA LEU A 14 -3.13 4.67 -11.20
C LEU A 14 -4.59 5.10 -11.13
N PHE A 15 -4.94 5.93 -10.19
CA PHE A 15 -6.36 6.39 -10.05
C PHE A 15 -6.49 7.81 -10.66
N ASN A 16 -5.40 8.36 -11.12
CA ASN A 16 -5.42 9.72 -11.73
C ASN A 16 -5.95 10.73 -10.72
N LEU A 17 -5.55 10.60 -9.48
CA LEU A 17 -6.05 11.53 -8.42
C LEU A 17 -5.06 12.70 -8.25
N PRO A 18 -5.55 13.86 -7.88
CA PRO A 18 -4.69 15.07 -7.67
C PRO A 18 -3.47 14.78 -6.78
N ARG A 19 -2.30 15.05 -7.27
CA ARG A 19 -1.04 14.82 -6.48
C ARG A 19 -0.60 16.14 -5.82
N ASP A 20 -0.98 17.24 -6.38
CA ASP A 20 -0.57 18.56 -5.80
C ASP A 20 -1.51 18.92 -4.64
N GLU A 21 -2.45 18.07 -4.36
CA GLU A 21 -3.42 18.35 -3.25
C GLU A 21 -2.73 18.18 -1.89
N LYS A 22 -3.24 18.85 -0.89
CA LYS A 22 -2.63 18.74 0.47
C LYS A 22 -2.93 17.36 1.05
N TRP A 23 -1.91 16.70 1.56
CA TRP A 23 -2.09 15.33 2.14
C TRP A 23 -1.95 15.38 3.66
N GLU A 24 -2.78 14.65 4.35
CA GLU A 24 -2.72 14.61 5.83
C GLU A 24 -2.27 13.22 6.27
N CYS A 25 -1.18 13.16 6.98
CA CYS A 25 -0.64 11.85 7.45
C CYS A 25 -1.17 11.53 8.85
N GLU A 26 -1.54 10.31 9.08
CA GLU A 26 -2.06 9.91 10.43
C GLU A 26 -1.43 8.57 10.82
N SER A 27 -0.59 8.59 11.83
CA SER A 27 0.09 7.35 12.28
C SER A 27 -0.58 6.80 13.53
N ILE A 28 -0.94 5.55 13.49
CA ILE A 28 -1.61 4.91 14.66
C ILE A 28 -1.19 3.44 14.73
N GLU A 29 -1.37 2.82 15.87
CA GLU A 29 -1.00 1.38 16.02
C GLU A 29 -2.24 0.50 15.96
N GLU A 30 -2.21 -0.50 15.13
CA GLU A 30 -3.38 -1.42 14.99
C GLU A 30 -2.87 -2.85 14.77
N VAL A 31 -3.67 -3.82 15.14
CA VAL A 31 -3.27 -5.24 14.97
C VAL A 31 -3.38 -5.63 13.49
N ALA A 32 -2.37 -6.29 12.98
CA ALA A 32 -2.39 -6.71 11.55
C ALA A 32 -3.56 -7.67 11.29
N ASP A 33 -3.76 -8.61 12.15
CA ASP A 33 -4.88 -9.59 11.97
C ASP A 33 -6.20 -8.83 11.74
N ASP A 34 -6.21 -7.55 11.96
CA ASP A 34 -7.47 -6.75 11.76
C ASP A 34 -7.45 -6.09 10.39
N ILE A 35 -6.31 -5.64 9.94
CA ILE A 35 -6.21 -4.97 8.60
C ILE A 35 -5.56 -5.92 7.59
N LEU A 36 -5.17 -7.09 8.04
CA LEU A 36 -4.53 -8.08 7.11
C LEU A 36 -5.21 -9.44 7.28
N PRO A 37 -6.21 -9.70 6.48
CA PRO A 37 -6.96 -10.99 6.55
C PRO A 37 -6.04 -12.22 6.46
N ASP A 38 -6.51 -13.32 6.96
CA ASP A 38 -5.70 -14.58 6.93
C ASP A 38 -5.21 -14.83 5.50
N GLN A 39 -5.71 -14.06 4.56
CA GLN A 39 -5.28 -14.23 3.14
C GLN A 39 -3.77 -14.02 3.02
N TYR A 40 -3.21 -13.19 3.85
CA TYR A 40 -1.74 -12.92 3.79
C TYR A 40 -1.17 -12.84 5.21
N VAL A 41 -1.57 -13.72 6.09
CA VAL A 41 -1.05 -13.69 7.50
C VAL A 41 -0.95 -15.12 8.04
N ARG A 42 -2.02 -15.86 7.99
CA ARG A 42 -1.99 -17.28 8.49
C ARG A 42 -1.36 -17.34 9.89
N LEU A 43 -0.33 -18.13 10.04
CA LEU A 43 0.35 -18.26 11.36
C LEU A 43 1.64 -17.42 11.34
N GLY A 44 1.90 -16.75 10.25
CA GLY A 44 3.13 -15.92 10.16
C GLY A 44 3.30 -15.06 11.42
N PRO A 45 4.43 -14.41 11.53
CA PRO A 45 4.74 -13.54 12.70
C PRO A 45 3.87 -12.28 12.73
N LEU A 46 3.22 -11.97 11.65
CA LEU A 46 2.35 -10.75 11.60
C LEU A 46 0.97 -11.10 12.13
N SER A 47 0.83 -12.28 12.70
CA SER A 47 -0.50 -12.71 13.24
C SER A 47 -1.12 -11.60 14.09
N ASN A 48 -0.99 -11.70 15.38
CA ASN A 48 -1.58 -10.67 16.30
C ASN A 48 -0.51 -9.61 16.63
N LYS A 49 0.50 -9.51 15.81
CA LYS A 49 1.57 -8.51 16.05
C LYS A 49 1.05 -7.09 15.80
N ILE A 50 1.43 -6.17 16.64
CA ILE A 50 0.97 -4.76 16.47
C ILE A 50 1.93 -4.03 15.53
N LEU A 51 1.41 -3.54 14.43
CA LEU A 51 2.26 -2.82 13.43
C LEU A 51 1.88 -1.34 13.40
N GLN A 52 2.85 -0.50 13.22
CA GLN A 52 2.59 0.97 13.17
C GLN A 52 1.98 1.31 11.80
N THR A 53 0.69 1.44 11.75
CA THR A 53 0.03 1.77 10.45
C THR A 53 0.09 3.28 10.20
N ASN A 54 0.02 3.66 8.96
CA ASN A 54 0.07 5.12 8.61
C ASN A 54 -0.89 5.36 7.45
N THR A 55 -2.11 5.72 7.76
CA THR A 55 -3.13 5.95 6.70
C THR A 55 -3.10 7.43 6.27
N TYR A 56 -3.22 7.66 5.00
CA TYR A 56 -3.20 9.07 4.48
C TYR A 56 -4.62 9.47 4.09
N TYR A 57 -5.02 10.65 4.47
CA TYR A 57 -6.41 11.12 4.14
C TYR A 57 -6.33 12.41 3.32
N SER A 58 -7.02 12.42 2.21
CA SER A 58 -7.04 13.62 1.32
C SER A 58 -8.47 13.88 0.84
N ASP A 59 -8.72 15.06 0.36
CA ASP A 59 -10.09 15.40 -0.13
C ASP A 59 -10.45 14.51 -1.32
N THR A 60 -9.53 14.32 -2.22
CA THR A 60 -9.79 13.46 -3.41
C THR A 60 -9.93 12.00 -2.98
N LEU A 61 -9.19 11.59 -2.00
CA LEU A 61 -9.27 10.17 -1.52
C LEU A 61 -10.67 9.89 -0.98
N HIS A 62 -11.23 10.82 -0.25
CA HIS A 62 -12.59 10.60 0.32
C HIS A 62 -13.60 10.49 -0.83
N LYS A 63 -13.45 11.32 -1.83
CA LYS A 63 -14.38 11.28 -2.99
C LYS A 63 -14.26 9.92 -3.70
N SER A 64 -13.05 9.46 -3.89
CA SER A 64 -12.83 8.15 -4.57
C SER A 64 -13.05 7.01 -3.56
N ASN A 65 -13.25 7.34 -2.32
CA ASN A 65 -13.47 6.30 -1.27
C ASN A 65 -12.25 5.40 -1.18
N ILE A 66 -11.07 5.96 -1.33
CA ILE A 66 -9.82 5.14 -1.26
C ILE A 66 -9.04 5.50 0.01
N TYR A 67 -8.65 4.49 0.76
CA TYR A 67 -7.88 4.74 2.02
C TYR A 67 -6.54 3.99 1.96
N PRO A 68 -5.50 4.64 1.48
CA PRO A 68 -4.15 4.03 1.37
C PRO A 68 -3.38 4.09 2.69
N PHE A 69 -2.62 3.08 2.98
CA PHE A 69 -1.84 3.10 4.25
C PHE A 69 -0.59 2.23 4.12
N ILE A 70 0.40 2.50 4.93
CA ILE A 70 1.68 1.72 4.88
C ILE A 70 1.99 1.19 6.28
N LEU A 71 2.56 0.02 6.35
CA LEU A 71 2.88 -0.58 7.68
C LEU A 71 4.38 -0.47 7.94
N TYR A 72 4.73 0.03 9.10
CA TYR A 72 6.18 0.20 9.46
C TYR A 72 6.44 -0.50 10.79
N TYR A 73 7.63 -0.98 10.98
CA TYR A 73 7.98 -1.66 12.25
C TYR A 73 9.38 -1.20 12.70
N GLN A 74 9.43 -0.50 13.80
CA GLN A 74 10.73 0.02 14.33
C GLN A 74 11.43 0.89 13.27
N LYS A 75 11.97 0.26 12.27
CA LYS A 75 12.65 1.03 11.20
C LYS A 75 12.82 0.11 9.98
N GLN A 76 11.72 -0.33 9.42
CA GLN A 76 11.79 -1.22 8.22
C GLN A 76 10.39 -1.41 7.64
N LEU A 77 10.27 -1.28 6.34
CA LEU A 77 8.95 -1.44 5.68
C LEU A 77 8.47 -2.90 5.81
N ILE A 78 7.24 -3.08 6.19
CA ILE A 78 6.67 -4.46 6.33
C ILE A 78 5.79 -4.77 5.12
N ALA A 79 4.86 -3.92 4.82
CA ALA A 79 3.96 -4.19 3.66
C ALA A 79 3.14 -2.95 3.31
N ILE A 80 2.56 -2.93 2.13
CA ILE A 80 1.73 -1.76 1.72
C ILE A 80 0.36 -2.25 1.26
N GLY A 81 -0.68 -1.67 1.80
CA GLY A 81 -2.06 -2.10 1.43
C GLY A 81 -2.99 -0.88 1.36
N PHE A 82 -3.89 -0.88 0.41
CA PHE A 82 -4.84 0.27 0.28
C PHE A 82 -6.22 -0.28 -0.04
N ILE A 83 -7.25 0.40 0.39
CA ILE A 83 -8.64 -0.09 0.12
C ILE A 83 -9.24 0.70 -1.04
N ASP A 84 -9.73 0.00 -2.03
CA ASP A 84 -10.32 0.68 -3.22
C ASP A 84 -11.80 0.97 -2.97
N GLU A 85 -12.46 1.53 -3.95
CA GLU A 85 -13.91 1.84 -3.79
C GLU A 85 -14.71 0.54 -3.61
N ASN A 86 -14.31 -0.50 -4.28
CA ASN A 86 -15.04 -1.80 -4.17
C ASN A 86 -14.63 -2.51 -2.87
N HIS A 87 -14.17 -1.76 -1.90
CA HIS A 87 -13.74 -2.35 -0.60
C HIS A 87 -12.95 -3.65 -0.84
N ASP A 88 -11.68 -3.52 -1.11
CA ASP A 88 -10.84 -4.72 -1.35
C ASP A 88 -9.38 -4.41 -0.98
N MET A 89 -8.93 -4.96 0.13
CA MET A 89 -7.53 -4.70 0.57
C MET A 89 -6.55 -5.21 -0.49
N ASP A 90 -6.07 -4.33 -1.32
CA ASP A 90 -5.12 -4.72 -2.40
C ASP A 90 -3.69 -4.46 -1.95
N PHE A 91 -2.90 -5.49 -1.86
CA PHE A 91 -1.47 -5.34 -1.44
C PHE A 91 -0.58 -5.47 -2.67
N LEU A 92 0.08 -4.41 -3.02
CA LEU A 92 0.99 -4.42 -4.22
C LEU A 92 2.41 -4.71 -3.74
N TYR A 93 2.62 -4.72 -2.45
CA TYR A 93 3.99 -5.00 -1.92
C TYR A 93 3.85 -5.66 -0.56
N LEU A 94 4.34 -6.87 -0.44
CA LEU A 94 4.25 -7.60 0.86
C LEU A 94 5.63 -8.11 1.24
N HIS A 95 6.13 -7.70 2.37
CA HIS A 95 7.47 -8.14 2.83
C HIS A 95 7.37 -8.69 4.25
N ASN A 96 7.70 -9.94 4.42
CA ASN A 96 7.65 -10.58 5.76
C ASN A 96 9.06 -10.58 6.36
N THR A 97 9.17 -10.27 7.62
CA THR A 97 10.51 -10.23 8.29
C THR A 97 11.30 -11.48 7.93
N VAL A 98 10.63 -12.49 7.43
CA VAL A 98 11.34 -13.75 7.05
C VAL A 98 11.61 -13.77 5.56
N MET A 99 10.61 -14.08 4.77
CA MET A 99 10.80 -14.12 3.28
C MET A 99 9.60 -13.46 2.57
N PRO A 100 9.81 -12.37 1.87
CA PRO A 100 8.71 -11.67 1.13
C PRO A 100 7.93 -12.64 0.22
N LEU A 101 6.64 -12.51 0.18
CA LEU A 101 5.83 -13.41 -0.68
C LEU A 101 5.53 -12.71 -2.01
N LEU A 102 4.83 -11.61 -1.96
CA LEU A 102 4.51 -10.89 -3.22
C LEU A 102 5.65 -9.94 -3.58
N ASP A 103 5.75 -8.84 -2.88
CA ASP A 103 6.82 -7.83 -3.13
C ASP A 103 7.11 -7.75 -4.64
N GLN A 104 6.23 -7.11 -5.38
CA GLN A 104 6.43 -6.98 -6.85
C GLN A 104 6.80 -5.54 -7.20
N ARG A 105 8.00 -5.35 -7.68
CA ARG A 105 8.45 -3.99 -8.06
C ARG A 105 7.71 -3.53 -9.33
N TYR A 106 7.48 -4.44 -10.24
CA TYR A 106 6.78 -4.07 -11.50
C TYR A 106 5.43 -3.44 -11.15
N LEU A 107 4.72 -4.05 -10.24
CA LEU A 107 3.39 -3.51 -9.85
C LEU A 107 3.57 -2.13 -9.22
N LEU A 108 4.57 -1.99 -8.40
CA LEU A 108 4.80 -0.67 -7.72
C LEU A 108 5.12 0.41 -8.76
N THR A 109 5.94 0.09 -9.72
CA THR A 109 6.30 1.09 -10.76
C THR A 109 5.41 0.88 -11.99
N GLY A 110 4.48 -0.03 -11.87
CA GLY A 110 3.54 -0.30 -13.00
C GLY A 110 4.06 -1.40 -13.91
N GLY A 111 3.17 -2.04 -14.62
CA GLY A 111 3.58 -3.13 -15.55
C GLY A 111 4.15 -2.54 -16.84
N GLN A 112 5.43 -2.63 -17.02
CA GLN A 112 6.07 -2.10 -18.25
C GLN A 112 6.25 -3.23 -19.25
N LEU A 113 5.70 -4.38 -18.94
CA LEU A 113 5.81 -5.56 -19.86
C LEU A 113 7.29 -5.91 -20.06
N GLU A 114 8.01 -6.04 -18.98
CA GLU A 114 9.47 -6.37 -19.07
C GLU A 114 9.66 -7.84 -19.46
N HIS A 115 10.60 -8.09 -20.34
CA HIS A 115 10.87 -9.50 -20.79
C HIS A 115 12.18 -9.98 -20.16
N HIS A 116 12.07 -10.82 -19.17
CA HIS A 116 13.29 -11.36 -18.48
C HIS A 116 13.15 -12.87 -18.34
N HIS A 117 14.01 -13.61 -18.97
CA HIS A 117 13.95 -15.10 -18.88
C HIS A 117 15.32 -15.69 -19.17
N HIS A 118 15.69 -16.70 -18.42
CA HIS A 118 17.03 -17.35 -18.62
C HIS A 118 18.10 -16.26 -18.79
N HIS A 119 17.79 -15.07 -18.38
CA HIS A 119 18.77 -13.95 -18.52
C HIS A 119 19.63 -13.83 -17.25
N HIS A 120 20.91 -13.86 -17.42
CA HIS A 120 21.84 -13.74 -16.24
C HIS A 120 23.27 -13.61 -16.75
N MET A 1 14.70 4.90 -3.98
CA MET A 1 14.54 6.01 -2.99
C MET A 1 13.38 5.70 -2.04
N THR A 2 12.28 6.38 -2.19
CA THR A 2 11.09 6.13 -1.31
C THR A 2 10.07 5.29 -2.07
N LEU A 3 9.88 4.08 -1.63
CA LEU A 3 8.90 3.18 -2.30
C LEU A 3 7.49 3.75 -2.17
N GLU A 4 7.18 4.28 -1.03
CA GLU A 4 5.82 4.84 -0.81
C GLU A 4 5.55 5.97 -1.81
N LEU A 5 6.55 6.77 -2.09
CA LEU A 5 6.34 7.88 -3.04
C LEU A 5 6.01 7.31 -4.42
N GLN A 6 6.69 6.26 -4.81
CA GLN A 6 6.42 5.65 -6.15
C GLN A 6 4.94 5.23 -6.20
N LEU A 7 4.47 4.61 -5.16
CA LEU A 7 3.05 4.16 -5.14
C LEU A 7 2.12 5.38 -5.25
N LYS A 8 2.44 6.44 -4.58
CA LYS A 8 1.58 7.64 -4.64
C LYS A 8 1.53 8.16 -6.08
N HIS A 9 2.63 8.14 -6.76
CA HIS A 9 2.65 8.62 -8.17
C HIS A 9 1.95 7.59 -9.07
N TYR A 10 2.16 6.32 -8.80
CA TYR A 10 1.54 5.26 -9.64
C TYR A 10 0.01 5.31 -9.54
N ILE A 11 -0.52 5.37 -8.33
CA ILE A 11 -2.00 5.41 -8.17
C ILE A 11 -2.55 6.73 -8.71
N THR A 12 -1.86 7.82 -8.47
CA THR A 12 -2.37 9.13 -8.96
C THR A 12 -2.47 9.09 -10.49
N ASN A 13 -1.48 8.54 -11.14
CA ASN A 13 -1.53 8.47 -12.63
C ASN A 13 -2.66 7.52 -13.04
N LEU A 14 -2.83 6.43 -12.33
CA LEU A 14 -3.89 5.46 -12.69
C LEU A 14 -5.26 6.14 -12.58
N PHE A 15 -5.46 6.88 -11.54
CA PHE A 15 -6.77 7.58 -11.35
C PHE A 15 -6.61 9.03 -11.83
N ASN A 16 -5.42 9.37 -12.26
CA ASN A 16 -5.16 10.76 -12.72
C ASN A 16 -5.54 11.75 -11.62
N LEU A 17 -5.34 11.37 -10.38
CA LEU A 17 -5.69 12.30 -9.27
C LEU A 17 -4.56 13.32 -9.07
N PRO A 18 -4.86 14.49 -8.55
CA PRO A 18 -3.83 15.56 -8.32
C PRO A 18 -2.58 15.05 -7.59
N ARG A 19 -1.42 15.40 -8.09
CA ARG A 19 -0.14 14.96 -7.45
C ARG A 19 0.36 16.04 -6.49
N ASP A 20 -0.14 17.24 -6.61
CA ASP A 20 0.31 18.34 -5.71
C ASP A 20 -0.56 18.39 -4.46
N GLU A 21 -1.54 17.53 -4.36
CA GLU A 21 -2.42 17.53 -3.16
C GLU A 21 -1.82 16.61 -2.09
N LYS A 22 -1.32 17.19 -1.03
CA LYS A 22 -0.71 16.37 0.05
C LYS A 22 -1.79 15.77 0.94
N TRP A 23 -1.57 14.59 1.46
CA TRP A 23 -2.58 13.94 2.34
C TRP A 23 -2.15 14.06 3.80
N GLU A 24 -3.00 13.65 4.71
CA GLU A 24 -2.67 13.74 6.16
C GLU A 24 -2.43 12.33 6.72
N CYS A 25 -1.26 12.08 7.22
CA CYS A 25 -0.94 10.74 7.77
C CYS A 25 -1.49 10.59 9.18
N GLU A 26 -1.99 9.44 9.52
CA GLU A 26 -2.54 9.21 10.90
C GLU A 26 -1.75 8.08 11.56
N SER A 27 -1.06 8.39 12.62
CA SER A 27 -0.25 7.34 13.32
C SER A 27 -1.10 6.63 14.37
N ILE A 28 -1.39 5.37 14.17
CA ILE A 28 -2.21 4.62 15.15
C ILE A 28 -1.74 3.17 15.20
N GLU A 29 -1.54 2.64 16.37
CA GLU A 29 -1.06 1.23 16.49
C GLU A 29 -2.25 0.26 16.34
N GLU A 30 -2.10 -0.77 15.55
CA GLU A 30 -3.22 -1.74 15.39
C GLU A 30 -2.67 -3.11 14.97
N VAL A 31 -3.39 -4.15 15.26
CA VAL A 31 -2.92 -5.52 14.90
C VAL A 31 -2.98 -5.70 13.37
N ALA A 32 -1.96 -6.31 12.81
CA ALA A 32 -1.94 -6.52 11.34
C ALA A 32 -3.12 -7.41 10.93
N ASP A 33 -3.43 -8.40 11.72
CA ASP A 33 -4.56 -9.32 11.37
C ASP A 33 -5.89 -8.58 11.42
N ASP A 34 -5.91 -7.38 11.97
CA ASP A 34 -7.19 -6.61 12.05
C ASP A 34 -7.33 -5.69 10.83
N ILE A 35 -6.32 -5.64 10.00
CA ILE A 35 -6.39 -4.77 8.79
C ILE A 35 -5.98 -5.58 7.56
N LEU A 36 -5.08 -6.51 7.72
CA LEU A 36 -4.63 -7.34 6.57
C LEU A 36 -5.40 -8.67 6.58
N PRO A 37 -5.41 -9.38 5.47
CA PRO A 37 -6.11 -10.70 5.37
C PRO A 37 -5.61 -11.70 6.43
N ASP A 38 -6.49 -12.51 6.95
CA ASP A 38 -6.09 -13.52 7.97
C ASP A 38 -5.17 -14.57 7.32
N GLN A 39 -5.37 -14.84 6.06
CA GLN A 39 -4.53 -15.84 5.37
C GLN A 39 -3.08 -15.37 5.32
N TYR A 40 -2.87 -14.09 5.13
CA TYR A 40 -1.47 -13.56 5.06
C TYR A 40 -1.05 -13.10 6.45
N VAL A 41 -1.92 -13.23 7.43
CA VAL A 41 -1.57 -12.81 8.82
C VAL A 41 -2.25 -13.75 9.82
N ARG A 42 -1.58 -14.78 10.24
CA ARG A 42 -2.18 -15.73 11.23
C ARG A 42 -1.06 -16.31 12.09
N LEU A 43 -0.17 -17.06 11.50
CA LEU A 43 0.95 -17.66 12.27
C LEU A 43 2.24 -16.88 12.03
N GLY A 44 2.36 -16.25 10.90
CA GLY A 44 3.60 -15.50 10.59
C GLY A 44 3.92 -14.49 11.70
N PRO A 45 5.06 -13.81 11.60
CA PRO A 45 5.48 -12.80 12.60
C PRO A 45 4.42 -11.68 12.75
N LEU A 46 3.75 -11.37 11.68
CA LEU A 46 2.72 -10.31 11.72
C LEU A 46 1.42 -10.86 12.31
N SER A 47 1.43 -12.12 12.67
CA SER A 47 0.21 -12.77 13.25
C SER A 47 -0.62 -11.78 14.10
N ASN A 48 -0.40 -11.76 15.38
CA ASN A 48 -1.16 -10.83 16.28
C ASN A 48 -0.24 -9.68 16.68
N LYS A 49 0.81 -9.47 15.94
CA LYS A 49 1.77 -8.39 16.28
C LYS A 49 1.16 -7.01 16.01
N ILE A 50 1.43 -6.06 16.87
CA ILE A 50 0.89 -4.68 16.69
C ILE A 50 1.92 -3.85 15.92
N LEU A 51 1.58 -3.44 14.73
CA LEU A 51 2.52 -2.63 13.90
C LEU A 51 2.01 -1.20 13.77
N GLN A 52 2.92 -0.27 13.58
CA GLN A 52 2.50 1.15 13.44
C GLN A 52 1.77 1.32 12.11
N THR A 53 0.50 1.60 12.17
CA THR A 53 -0.28 1.77 10.91
C THR A 53 -0.40 3.25 10.58
N ASN A 54 0.13 3.64 9.44
CA ASN A 54 0.05 5.08 9.02
C ASN A 54 -0.97 5.18 7.89
N THR A 55 -2.17 5.56 8.21
CA THR A 55 -3.24 5.67 7.16
C THR A 55 -3.33 7.12 6.68
N TYR A 56 -3.22 7.32 5.40
CA TYR A 56 -3.31 8.70 4.85
C TYR A 56 -4.76 9.00 4.48
N TYR A 57 -5.24 10.17 4.83
CA TYR A 57 -6.66 10.52 4.49
C TYR A 57 -6.70 11.95 3.97
N SER A 58 -7.34 12.15 2.85
CA SER A 58 -7.43 13.52 2.26
C SER A 58 -8.86 13.75 1.76
N ASP A 59 -9.23 14.99 1.56
CA ASP A 59 -10.60 15.29 1.06
C ASP A 59 -10.80 14.63 -0.30
N THR A 60 -9.85 14.75 -1.18
CA THR A 60 -9.99 14.13 -2.52
C THR A 60 -10.06 12.60 -2.37
N LEU A 61 -9.20 12.03 -1.57
CA LEU A 61 -9.22 10.56 -1.37
C LEU A 61 -10.55 10.16 -0.73
N HIS A 62 -11.02 10.95 0.20
CA HIS A 62 -12.30 10.63 0.88
C HIS A 62 -13.43 10.55 -0.15
N LYS A 63 -13.49 11.48 -1.05
CA LYS A 63 -14.56 11.46 -2.08
C LYS A 63 -14.42 10.22 -2.95
N SER A 64 -13.22 9.86 -3.30
CA SER A 64 -13.01 8.66 -4.16
C SER A 64 -13.18 7.39 -3.30
N ASN A 65 -13.38 7.56 -2.02
CA ASN A 65 -13.54 6.39 -1.12
C ASN A 65 -12.29 5.51 -1.18
N ILE A 66 -11.13 6.10 -1.18
CA ILE A 66 -9.86 5.31 -1.23
C ILE A 66 -9.12 5.53 0.10
N TYR A 67 -8.71 4.46 0.74
CA TYR A 67 -7.98 4.58 2.04
C TYR A 67 -6.58 3.99 1.88
N PRO A 68 -5.63 4.77 1.42
CA PRO A 68 -4.23 4.31 1.21
C PRO A 68 -3.43 4.34 2.51
N PHE A 69 -2.93 3.21 2.95
CA PHE A 69 -2.16 3.19 4.25
C PHE A 69 -0.90 2.35 4.10
N ILE A 70 0.08 2.60 4.92
CA ILE A 70 1.35 1.81 4.88
C ILE A 70 1.72 1.41 6.30
N LEU A 71 2.37 0.28 6.46
CA LEU A 71 2.74 -0.19 7.84
C LEU A 71 4.25 -0.01 8.06
N TYR A 72 4.61 0.44 9.23
CA TYR A 72 6.04 0.66 9.56
C TYR A 72 6.37 0.01 10.90
N TYR A 73 7.60 -0.41 11.09
CA TYR A 73 7.98 -1.06 12.38
C TYR A 73 9.42 -0.70 12.71
N GLN A 74 9.62 0.39 13.41
CA GLN A 74 10.99 0.85 13.81
C GLN A 74 11.84 1.21 12.58
N LYS A 75 11.45 2.25 11.89
CA LYS A 75 12.23 2.69 10.69
C LYS A 75 12.41 1.51 9.73
N GLN A 76 11.41 0.70 9.55
CA GLN A 76 11.52 -0.46 8.61
C GLN A 76 10.16 -0.73 7.95
N LEU A 77 10.11 -0.64 6.65
CA LEU A 77 8.83 -0.88 5.91
C LEU A 77 8.45 -2.35 6.00
N ILE A 78 7.22 -2.64 6.36
CA ILE A 78 6.77 -4.07 6.46
C ILE A 78 5.89 -4.43 5.26
N ALA A 79 4.83 -3.70 5.05
CA ALA A 79 3.93 -4.02 3.91
C ALA A 79 3.12 -2.79 3.53
N ILE A 80 2.56 -2.79 2.35
CA ILE A 80 1.73 -1.64 1.89
C ILE A 80 0.35 -2.16 1.52
N GLY A 81 -0.70 -1.56 2.04
CA GLY A 81 -2.09 -2.03 1.72
C GLY A 81 -2.94 -0.84 1.32
N PHE A 82 -3.23 -0.73 0.04
CA PHE A 82 -4.07 0.41 -0.44
C PHE A 82 -5.47 -0.12 -0.74
N ILE A 83 -6.48 0.49 -0.18
CA ILE A 83 -7.87 0.01 -0.41
C ILE A 83 -8.56 0.91 -1.43
N ASP A 84 -9.02 0.34 -2.51
CA ASP A 84 -9.70 1.15 -3.56
C ASP A 84 -11.22 1.15 -3.34
N GLU A 85 -11.93 1.89 -4.14
CA GLU A 85 -13.41 1.96 -4.01
C GLU A 85 -13.99 0.57 -3.73
N ASN A 86 -15.19 0.53 -3.25
CA ASN A 86 -15.87 -0.75 -2.92
C ASN A 86 -15.07 -1.49 -1.86
N HIS A 87 -14.16 -0.80 -1.20
CA HIS A 87 -13.34 -1.46 -0.14
C HIS A 87 -12.44 -2.53 -0.78
N ASP A 88 -12.31 -2.51 -2.07
CA ASP A 88 -11.46 -3.51 -2.76
C ASP A 88 -10.02 -3.42 -2.23
N MET A 89 -9.55 -4.44 -1.58
CA MET A 89 -8.16 -4.41 -1.03
C MET A 89 -7.16 -4.70 -2.14
N ASP A 90 -6.08 -3.98 -2.17
CA ASP A 90 -5.03 -4.21 -3.22
C ASP A 90 -3.65 -4.10 -2.57
N PHE A 91 -2.98 -5.20 -2.39
CA PHE A 91 -1.63 -5.17 -1.76
C PHE A 91 -0.57 -5.24 -2.86
N LEU A 92 0.21 -4.19 -3.00
CA LEU A 92 1.26 -4.16 -4.05
C LEU A 92 2.61 -4.52 -3.43
N TYR A 93 2.71 -4.53 -2.13
CA TYR A 93 4.00 -4.88 -1.48
C TYR A 93 3.74 -5.56 -0.15
N LEU A 94 4.28 -6.74 0.03
CA LEU A 94 4.09 -7.48 1.31
C LEU A 94 5.42 -8.06 1.74
N HIS A 95 6.08 -7.45 2.70
CA HIS A 95 7.40 -7.98 3.17
C HIS A 95 7.30 -8.31 4.65
N ASN A 96 7.43 -9.56 4.99
CA ASN A 96 7.35 -9.97 6.41
C ASN A 96 8.67 -9.67 7.11
N THR A 97 8.71 -9.86 8.40
CA THR A 97 9.97 -9.58 9.15
C THR A 97 11.08 -10.51 8.64
N VAL A 98 10.78 -11.76 8.43
CA VAL A 98 11.83 -12.71 7.94
C VAL A 98 12.07 -12.47 6.45
N MET A 99 11.37 -13.18 5.61
CA MET A 99 11.55 -13.03 4.13
C MET A 99 10.21 -12.65 3.48
N PRO A 100 10.25 -11.95 2.37
CA PRO A 100 9.01 -11.52 1.66
C PRO A 100 8.29 -12.71 1.00
N LEU A 101 7.00 -12.59 0.84
CA LEU A 101 6.21 -13.69 0.21
C LEU A 101 5.84 -13.29 -1.21
N LEU A 102 5.78 -12.01 -1.48
CA LEU A 102 5.41 -11.56 -2.85
C LEU A 102 5.60 -10.04 -2.98
N ASP A 103 6.10 -9.59 -4.09
CA ASP A 103 6.28 -8.14 -4.30
C ASP A 103 6.58 -7.88 -5.78
N GLN A 104 5.78 -7.07 -6.44
CA GLN A 104 6.02 -6.81 -7.90
C GLN A 104 6.63 -5.41 -8.07
N ARG A 105 7.85 -5.37 -8.53
CA ARG A 105 8.55 -4.08 -8.74
C ARG A 105 8.00 -3.40 -10.00
N TYR A 106 7.70 -4.15 -11.02
CA TYR A 106 7.18 -3.55 -12.27
C TYR A 106 5.88 -2.80 -11.96
N LEU A 107 5.03 -3.43 -11.21
CA LEU A 107 3.73 -2.79 -10.86
C LEU A 107 3.98 -1.50 -10.08
N LEU A 108 4.89 -1.54 -9.15
CA LEU A 108 5.17 -0.31 -8.35
C LEU A 108 6.07 0.64 -9.13
N THR A 109 6.59 0.19 -10.25
CA THR A 109 7.47 1.05 -11.09
C THR A 109 6.84 1.19 -12.48
N GLY A 110 5.63 0.72 -12.62
CA GLY A 110 4.94 0.78 -13.94
C GLY A 110 4.66 2.24 -14.33
N GLY A 111 4.23 2.45 -15.55
CA GLY A 111 3.93 3.83 -16.03
C GLY A 111 5.19 4.42 -16.65
N GLN A 112 6.24 3.66 -16.72
CA GLN A 112 7.52 4.16 -17.34
C GLN A 112 7.96 3.20 -18.43
N LEU A 113 7.84 1.92 -18.19
CA LEU A 113 8.26 0.93 -19.21
C LEU A 113 7.19 0.78 -20.29
N GLU A 114 7.61 0.72 -21.51
CA GLU A 114 6.65 0.57 -22.64
C GLU A 114 7.39 -0.08 -23.82
N HIS A 115 8.63 0.28 -24.02
CA HIS A 115 9.42 -0.31 -25.16
C HIS A 115 10.66 -1.02 -24.63
N HIS A 116 10.78 -2.28 -24.94
CA HIS A 116 11.97 -3.07 -24.47
C HIS A 116 11.94 -4.43 -25.17
N HIS A 117 11.93 -4.42 -26.48
CA HIS A 117 11.90 -5.69 -27.24
C HIS A 117 13.31 -6.28 -27.34
N HIS A 118 13.47 -7.53 -26.99
CA HIS A 118 14.82 -8.16 -27.05
C HIS A 118 15.00 -8.88 -28.39
N HIS A 119 15.96 -8.46 -29.18
CA HIS A 119 16.20 -9.11 -30.50
C HIS A 119 16.69 -10.54 -30.27
N HIS A 120 17.51 -10.74 -29.28
CA HIS A 120 18.04 -12.10 -28.99
C HIS A 120 16.89 -13.08 -28.75
N MET A 1 12.68 5.43 1.95
CA MET A 1 12.94 6.89 1.74
C MET A 1 12.06 7.38 0.60
N THR A 2 12.23 6.81 -0.57
CA THR A 2 11.42 7.22 -1.75
C THR A 2 10.30 6.21 -1.97
N LEU A 3 10.20 5.23 -1.12
CA LEU A 3 9.13 4.19 -1.26
C LEU A 3 7.77 4.86 -1.11
N GLU A 4 7.66 5.78 -0.17
CA GLU A 4 6.37 6.48 0.06
C GLU A 4 6.00 7.30 -1.19
N LEU A 5 6.99 7.88 -1.82
CA LEU A 5 6.74 8.69 -3.05
C LEU A 5 6.16 7.79 -4.13
N GLN A 6 6.69 6.60 -4.26
CA GLN A 6 6.21 5.65 -5.29
C GLN A 6 4.73 5.34 -5.06
N LEU A 7 4.34 5.16 -3.82
CA LEU A 7 2.93 4.85 -3.52
C LEU A 7 2.04 6.03 -3.92
N LYS A 8 2.45 7.22 -3.59
CA LYS A 8 1.64 8.43 -3.91
C LYS A 8 1.59 8.60 -5.44
N HIS A 9 2.69 8.40 -6.09
CA HIS A 9 2.73 8.56 -7.57
C HIS A 9 1.95 7.42 -8.24
N TYR A 10 2.07 6.24 -7.69
CA TYR A 10 1.37 5.07 -8.28
C TYR A 10 -0.16 5.25 -8.23
N ILE A 11 -0.68 5.55 -7.06
CA ILE A 11 -2.15 5.72 -6.92
C ILE A 11 -2.62 6.98 -7.65
N THR A 12 -1.88 8.05 -7.54
CA THR A 12 -2.28 9.32 -8.21
C THR A 12 -2.24 9.14 -9.72
N ASN A 13 -1.23 8.49 -10.22
CA ASN A 13 -1.10 8.28 -11.70
C ASN A 13 -2.23 7.36 -12.18
N LEU A 14 -2.55 6.36 -11.39
CA LEU A 14 -3.62 5.40 -11.78
C LEU A 14 -4.96 6.12 -11.90
N PHE A 15 -5.26 6.98 -10.96
CA PHE A 15 -6.56 7.72 -11.00
C PHE A 15 -6.32 9.16 -11.47
N ASN A 16 -5.09 9.49 -11.77
CA ASN A 16 -4.76 10.87 -12.26
C ASN A 16 -5.21 11.90 -11.22
N LEU A 17 -5.02 11.59 -9.96
CA LEU A 17 -5.44 12.53 -8.89
C LEU A 17 -4.36 13.60 -8.65
N PRO A 18 -4.75 14.79 -8.24
CA PRO A 18 -3.79 15.89 -7.98
C PRO A 18 -2.61 15.43 -7.10
N ARG A 19 -1.42 15.64 -7.57
CA ARG A 19 -0.22 15.24 -6.80
C ARG A 19 0.30 16.42 -5.98
N ASP A 20 -0.10 17.62 -6.34
CA ASP A 20 0.37 18.83 -5.59
C ASP A 20 -0.49 19.01 -4.35
N GLU A 21 -1.45 18.17 -4.15
CA GLU A 21 -2.33 18.28 -2.95
C GLU A 21 -1.86 17.34 -1.84
N LYS A 22 -1.47 17.90 -0.72
CA LYS A 22 -0.98 17.08 0.42
C LYS A 22 -2.15 16.43 1.15
N TRP A 23 -1.91 15.27 1.69
CA TRP A 23 -2.97 14.53 2.43
C TRP A 23 -2.73 14.64 3.93
N GLU A 24 -3.56 14.00 4.71
CA GLU A 24 -3.42 14.07 6.20
C GLU A 24 -2.93 12.73 6.72
N CYS A 25 -1.76 12.73 7.33
CA CYS A 25 -1.17 11.47 7.85
C CYS A 25 -1.70 11.18 9.26
N GLU A 26 -2.00 9.94 9.51
CA GLU A 26 -2.51 9.53 10.85
C GLU A 26 -1.89 8.19 11.22
N SER A 27 -1.00 8.19 12.17
CA SER A 27 -0.33 6.92 12.59
C SER A 27 -1.08 6.30 13.77
N ILE A 28 -1.53 5.08 13.58
CA ILE A 28 -2.26 4.35 14.66
C ILE A 28 -1.75 2.92 14.72
N GLU A 29 -1.44 2.45 15.90
CA GLU A 29 -0.93 1.07 16.08
C GLU A 29 -2.09 0.09 16.22
N GLU A 30 -2.12 -0.90 15.37
CA GLU A 30 -3.21 -1.93 15.42
C GLU A 30 -2.62 -3.31 15.11
N VAL A 31 -3.31 -4.34 15.51
CA VAL A 31 -2.84 -5.73 15.28
C VAL A 31 -2.92 -6.07 13.78
N ALA A 32 -1.91 -6.73 13.29
CA ALA A 32 -1.87 -7.09 11.84
C ALA A 32 -3.21 -7.72 11.42
N ASP A 33 -3.76 -8.57 12.24
CA ASP A 33 -5.05 -9.24 11.88
C ASP A 33 -6.20 -8.21 11.91
N ASP A 34 -5.99 -7.09 12.54
CA ASP A 34 -7.05 -6.06 12.62
C ASP A 34 -7.06 -5.22 11.34
N ILE A 35 -6.14 -5.47 10.45
CA ILE A 35 -6.08 -4.69 9.18
C ILE A 35 -5.81 -5.63 8.01
N LEU A 36 -4.92 -6.59 8.18
CA LEU A 36 -4.59 -7.51 7.06
C LEU A 36 -5.33 -8.84 7.23
N PRO A 37 -5.58 -9.53 6.13
CA PRO A 37 -6.28 -10.85 6.15
C PRO A 37 -5.60 -11.87 7.07
N ASP A 38 -6.39 -12.71 7.68
CA ASP A 38 -5.86 -13.75 8.63
C ASP A 38 -4.94 -14.72 7.89
N GLN A 39 -5.26 -15.04 6.67
CA GLN A 39 -4.42 -15.99 5.89
C GLN A 39 -3.07 -15.35 5.57
N TYR A 40 -3.06 -14.07 5.34
CA TYR A 40 -1.80 -13.36 5.01
C TYR A 40 -1.14 -12.85 6.29
N VAL A 41 -1.69 -13.21 7.43
CA VAL A 41 -1.10 -12.78 8.73
C VAL A 41 -0.78 -14.03 9.56
N ARG A 42 -1.65 -14.99 9.56
CA ARG A 42 -1.41 -16.24 10.35
C ARG A 42 -0.16 -16.94 9.84
N LEU A 43 -0.04 -17.09 8.56
CA LEU A 43 1.16 -17.76 7.96
C LEU A 43 2.40 -16.92 8.23
N GLY A 44 2.28 -15.63 8.08
CA GLY A 44 3.45 -14.72 8.28
C GLY A 44 3.71 -14.52 9.78
N PRO A 45 4.87 -14.03 10.11
CA PRO A 45 5.26 -13.77 11.53
C PRO A 45 4.44 -12.63 12.14
N LEU A 46 3.74 -11.91 11.31
CA LEU A 46 2.90 -10.77 11.79
C LEU A 46 1.67 -11.33 12.50
N SER A 47 1.65 -12.63 12.70
CA SER A 47 0.51 -13.33 13.37
C SER A 47 -0.32 -12.39 14.24
N ASN A 48 0.24 -11.92 15.31
CA ASN A 48 -0.52 -10.98 16.22
C ASN A 48 0.40 -9.83 16.62
N LYS A 49 1.38 -9.53 15.81
CA LYS A 49 2.32 -8.42 16.15
C LYS A 49 1.66 -7.08 15.86
N ILE A 50 1.99 -6.11 16.66
CA ILE A 50 1.42 -4.75 16.50
C ILE A 50 2.23 -3.96 15.48
N LEU A 51 1.59 -3.55 14.43
CA LEU A 51 2.28 -2.78 13.35
C LEU A 51 1.73 -1.36 13.27
N GLN A 52 2.61 -0.41 13.05
CA GLN A 52 2.18 1.01 12.94
C GLN A 52 1.44 1.21 11.63
N THR A 53 0.20 1.61 11.71
CA THR A 53 -0.62 1.82 10.48
C THR A 53 -0.70 3.31 10.18
N ASN A 54 -0.11 3.71 9.08
CA ASN A 54 -0.13 5.16 8.69
C ASN A 54 -1.16 5.34 7.58
N THR A 55 -2.37 5.65 7.96
CA THR A 55 -3.46 5.86 6.96
C THR A 55 -3.52 7.32 6.55
N TYR A 56 -3.65 7.57 5.28
CA TYR A 56 -3.73 8.96 4.77
C TYR A 56 -5.12 9.22 4.22
N TYR A 57 -5.69 10.34 4.57
CA TYR A 57 -7.07 10.69 4.10
C TYR A 57 -7.08 12.13 3.60
N SER A 58 -7.55 12.30 2.39
CA SER A 58 -7.63 13.66 1.79
C SER A 58 -8.96 13.81 1.05
N ASP A 59 -9.27 15.01 0.65
CA ASP A 59 -10.55 15.27 -0.08
C ASP A 59 -10.55 14.49 -1.39
N THR A 60 -9.41 14.38 -2.03
CA THR A 60 -9.33 13.64 -3.33
C THR A 60 -9.42 12.14 -3.05
N LEU A 61 -8.77 11.68 -2.02
CA LEU A 61 -8.78 10.23 -1.68
C LEU A 61 -10.20 9.82 -1.30
N HIS A 62 -10.87 10.65 -0.57
CA HIS A 62 -12.26 10.34 -0.15
C HIS A 62 -13.16 10.32 -1.38
N LYS A 63 -12.94 11.23 -2.28
CA LYS A 63 -13.76 11.30 -3.52
C LYS A 63 -13.55 10.03 -4.33
N SER A 64 -12.35 9.55 -4.39
CA SER A 64 -12.05 8.31 -5.17
C SER A 64 -12.46 7.10 -4.33
N ASN A 65 -12.88 7.33 -3.12
CA ASN A 65 -13.30 6.22 -2.23
C ASN A 65 -12.14 5.27 -1.98
N ILE A 66 -10.94 5.79 -1.90
CA ILE A 66 -9.74 4.94 -1.66
C ILE A 66 -9.02 5.39 -0.39
N TYR A 67 -8.70 4.45 0.46
CA TYR A 67 -8.00 4.76 1.74
C TYR A 67 -6.61 4.09 1.73
N PRO A 68 -5.59 4.81 1.28
CA PRO A 68 -4.21 4.28 1.22
C PRO A 68 -3.50 4.31 2.57
N PHE A 69 -2.69 3.32 2.83
CA PHE A 69 -1.95 3.28 4.13
C PHE A 69 -0.67 2.47 3.97
N ILE A 70 0.27 2.70 4.86
CA ILE A 70 1.58 1.97 4.83
C ILE A 70 1.91 1.46 6.22
N LEU A 71 2.44 0.26 6.29
CA LEU A 71 2.79 -0.35 7.61
C LEU A 71 4.30 -0.22 7.86
N TYR A 72 4.64 0.22 9.05
CA TYR A 72 6.08 0.40 9.42
C TYR A 72 6.38 -0.34 10.72
N TYR A 73 7.56 -0.88 10.83
CA TYR A 73 7.94 -1.61 12.08
C TYR A 73 9.43 -1.41 12.38
N GLN A 74 9.71 -0.70 13.43
CA GLN A 74 11.12 -0.41 13.87
C GLN A 74 11.97 0.11 12.72
N LYS A 75 11.62 1.26 12.20
CA LYS A 75 12.39 1.86 11.09
C LYS A 75 12.58 0.83 9.98
N GLN A 76 11.50 0.42 9.38
CA GLN A 76 11.59 -0.59 8.28
C GLN A 76 10.22 -0.77 7.62
N LEU A 77 10.23 -0.94 6.33
CA LEU A 77 8.96 -1.12 5.57
C LEU A 77 8.51 -2.59 5.63
N ILE A 78 7.28 -2.79 6.00
CA ILE A 78 6.73 -4.18 6.10
C ILE A 78 5.83 -4.45 4.90
N ALA A 79 4.88 -3.59 4.63
CA ALA A 79 3.96 -3.81 3.48
C ALA A 79 3.29 -2.50 3.06
N ILE A 80 2.85 -2.47 1.83
CA ILE A 80 2.16 -1.26 1.28
C ILE A 80 0.87 -1.70 0.60
N GLY A 81 -0.20 -0.96 0.81
CA GLY A 81 -1.48 -1.33 0.16
C GLY A 81 -2.54 -0.27 0.40
N PHE A 82 -3.64 -0.39 -0.28
CA PHE A 82 -4.75 0.60 -0.13
C PHE A 82 -6.09 -0.12 -0.28
N ILE A 83 -7.15 0.51 0.17
CA ILE A 83 -8.50 -0.11 0.09
C ILE A 83 -9.27 0.45 -1.10
N ASP A 84 -9.75 -0.43 -1.94
CA ASP A 84 -10.51 -0.02 -3.15
C ASP A 84 -11.99 0.16 -2.82
N GLU A 85 -12.77 0.57 -3.80
CA GLU A 85 -14.23 0.81 -3.58
C GLU A 85 -14.91 -0.52 -3.24
N ASN A 86 -14.42 -1.60 -3.79
CA ASN A 86 -15.03 -2.94 -3.53
C ASN A 86 -14.44 -3.50 -2.22
N HIS A 87 -13.91 -2.64 -1.40
CA HIS A 87 -13.31 -3.08 -0.10
C HIS A 87 -12.18 -4.09 -0.39
N ASP A 88 -11.71 -4.12 -1.62
CA ASP A 88 -10.62 -5.07 -2.00
C ASP A 88 -9.25 -4.45 -1.72
N MET A 89 -8.50 -5.08 -0.84
CA MET A 89 -7.14 -4.57 -0.49
C MET A 89 -6.14 -4.96 -1.56
N ASP A 90 -5.40 -4.00 -2.04
CA ASP A 90 -4.37 -4.26 -3.09
C ASP A 90 -2.98 -4.11 -2.51
N PHE A 91 -2.12 -5.06 -2.78
CA PHE A 91 -0.72 -5.02 -2.25
C PHE A 91 0.26 -4.69 -3.37
N LEU A 92 1.01 -3.64 -3.21
CA LEU A 92 2.00 -3.23 -4.23
C LEU A 92 3.37 -3.75 -3.81
N TYR A 93 3.57 -3.94 -2.55
CA TYR A 93 4.87 -4.47 -2.06
C TYR A 93 4.68 -5.10 -0.67
N LEU A 94 4.78 -6.40 -0.60
CA LEU A 94 4.63 -7.11 0.70
C LEU A 94 5.98 -7.64 1.14
N HIS A 95 6.38 -7.30 2.34
CA HIS A 95 7.71 -7.77 2.86
C HIS A 95 7.62 -8.06 4.36
N ASN A 96 7.65 -9.32 4.69
CA ASN A 96 7.57 -9.73 6.13
C ASN A 96 8.98 -9.94 6.68
N THR A 97 9.13 -9.82 7.96
CA THR A 97 10.47 -9.99 8.61
C THR A 97 11.18 -11.19 7.99
N VAL A 98 12.06 -10.91 7.06
CA VAL A 98 12.83 -11.98 6.38
C VAL A 98 11.90 -13.11 5.95
N MET A 99 10.88 -12.79 5.20
CA MET A 99 9.92 -13.82 4.72
C MET A 99 8.89 -13.18 3.75
N PRO A 100 9.36 -12.50 2.74
CA PRO A 100 8.47 -11.84 1.73
C PRO A 100 7.62 -12.85 0.96
N LEU A 101 6.37 -12.54 0.75
CA LEU A 101 5.47 -13.48 0.01
C LEU A 101 5.18 -12.90 -1.38
N LEU A 102 4.68 -11.69 -1.44
CA LEU A 102 4.35 -11.06 -2.76
C LEU A 102 5.27 -9.87 -3.00
N ASP A 103 6.01 -9.90 -4.08
CA ASP A 103 6.92 -8.77 -4.42
C ASP A 103 7.03 -8.64 -5.94
N GLN A 104 6.02 -8.10 -6.57
CA GLN A 104 6.06 -7.91 -8.07
C GLN A 104 6.35 -6.45 -8.38
N ARG A 105 7.48 -6.20 -9.00
CA ARG A 105 7.88 -4.82 -9.36
C ARG A 105 6.95 -4.26 -10.44
N TYR A 106 6.54 -5.10 -11.37
CA TYR A 106 5.66 -4.64 -12.47
C TYR A 106 4.38 -4.07 -11.86
N LEU A 107 3.84 -4.75 -10.89
CA LEU A 107 2.61 -4.28 -10.22
C LEU A 107 2.89 -2.96 -9.53
N LEU A 108 4.03 -2.85 -8.91
CA LEU A 108 4.39 -1.60 -8.18
C LEU A 108 4.46 -0.44 -9.18
N THR A 109 5.13 -0.64 -10.28
CA THR A 109 5.26 0.44 -11.29
C THR A 109 4.14 0.28 -12.33
N GLY A 110 3.30 -0.69 -12.14
CA GLY A 110 2.17 -0.94 -13.09
C GLY A 110 1.50 0.39 -13.47
N GLY A 111 1.65 0.80 -14.70
CA GLY A 111 1.05 2.07 -15.15
C GLY A 111 -0.42 1.89 -15.52
N GLN A 112 -0.98 2.87 -16.16
CA GLN A 112 -2.42 2.81 -16.56
C GLN A 112 -2.66 1.63 -17.51
N LEU A 113 -3.88 1.18 -17.57
CA LEU A 113 -4.23 0.02 -18.44
C LEU A 113 -4.24 0.45 -19.91
N GLU A 114 -3.71 -0.39 -20.75
CA GLU A 114 -3.67 -0.08 -22.21
C GLU A 114 -3.79 -1.40 -23.00
N HIS A 115 -3.16 -2.43 -22.51
CA HIS A 115 -3.21 -3.75 -23.20
C HIS A 115 -4.64 -4.28 -23.26
N HIS A 116 -5.37 -4.12 -22.17
CA HIS A 116 -6.78 -4.62 -22.14
C HIS A 116 -7.72 -3.59 -22.76
N HIS A 117 -8.54 -4.04 -23.66
CA HIS A 117 -9.51 -3.14 -24.35
C HIS A 117 -10.77 -3.91 -24.71
N HIS A 118 -11.90 -3.26 -24.67
CA HIS A 118 -13.19 -3.91 -25.00
C HIS A 118 -13.31 -4.08 -26.51
N HIS A 119 -13.93 -5.16 -26.93
CA HIS A 119 -14.12 -5.44 -28.37
C HIS A 119 -12.77 -5.48 -29.09
N HIS A 120 -12.73 -6.16 -30.21
CA HIS A 120 -11.46 -6.26 -31.00
C HIS A 120 -11.77 -6.81 -32.40
N MET A 1 13.23 5.69 1.61
CA MET A 1 13.16 7.18 1.63
C MET A 1 12.37 7.66 0.41
N THR A 2 12.58 7.03 -0.72
CA THR A 2 11.85 7.42 -1.96
C THR A 2 10.69 6.44 -2.16
N LEU A 3 10.59 5.46 -1.32
CA LEU A 3 9.49 4.44 -1.44
C LEU A 3 8.14 5.14 -1.23
N GLU A 4 8.06 6.03 -0.29
CA GLU A 4 6.78 6.73 -0.02
C GLU A 4 6.37 7.57 -1.25
N LEU A 5 7.33 8.19 -1.88
CA LEU A 5 7.02 9.03 -3.08
C LEU A 5 6.48 8.14 -4.20
N GLN A 6 7.04 6.98 -4.38
CA GLN A 6 6.56 6.08 -5.47
C GLN A 6 5.11 5.68 -5.19
N LEU A 7 4.77 5.47 -3.95
CA LEU A 7 3.37 5.08 -3.63
C LEU A 7 2.41 6.20 -4.03
N LYS A 8 2.74 7.42 -3.72
CA LYS A 8 1.85 8.55 -4.08
C LYS A 8 1.74 8.65 -5.60
N HIS A 9 2.83 8.50 -6.29
CA HIS A 9 2.80 8.58 -7.77
C HIS A 9 1.99 7.41 -8.33
N TYR A 10 2.17 6.23 -7.77
CA TYR A 10 1.42 5.04 -8.25
C TYR A 10 -0.08 5.26 -8.02
N ILE A 11 -0.45 5.70 -6.85
CA ILE A 11 -1.88 5.92 -6.55
C ILE A 11 -2.43 7.02 -7.46
N THR A 12 -1.69 8.08 -7.62
CA THR A 12 -2.18 9.20 -8.48
C THR A 12 -2.21 8.78 -9.96
N ASN A 13 -1.22 8.05 -10.41
CA ASN A 13 -1.20 7.64 -11.85
C ASN A 13 -2.33 6.65 -12.13
N LEU A 14 -2.49 5.66 -11.31
CA LEU A 14 -3.56 4.65 -11.52
C LEU A 14 -4.94 5.29 -11.42
N PHE A 15 -5.13 6.14 -10.44
CA PHE A 15 -6.46 6.80 -10.27
C PHE A 15 -6.43 8.18 -10.94
N ASN A 16 -5.31 8.54 -11.52
CA ASN A 16 -5.21 9.86 -12.21
C ASN A 16 -5.64 10.97 -11.25
N LEU A 17 -5.16 10.93 -10.03
CA LEU A 17 -5.55 11.97 -9.04
C LEU A 17 -4.47 13.06 -8.98
N PRO A 18 -4.84 14.28 -8.64
CA PRO A 18 -3.85 15.41 -8.55
C PRO A 18 -2.63 15.07 -7.69
N ARG A 19 -1.47 15.42 -8.16
CA ARG A 19 -0.21 15.16 -7.40
C ARG A 19 0.11 16.36 -6.51
N ASP A 20 -0.44 17.50 -6.82
CA ASP A 20 -0.15 18.71 -6.03
C ASP A 20 -1.06 18.74 -4.79
N GLU A 21 -1.82 17.70 -4.58
CA GLU A 21 -2.73 17.66 -3.40
C GLU A 21 -1.98 17.08 -2.19
N LYS A 22 -1.94 17.81 -1.11
CA LYS A 22 -1.22 17.34 0.10
C LYS A 22 -2.07 16.34 0.87
N TRP A 23 -1.44 15.35 1.47
CA TRP A 23 -2.19 14.31 2.24
C TRP A 23 -2.02 14.56 3.75
N GLU A 24 -2.84 13.93 4.55
CA GLU A 24 -2.77 14.11 6.02
C GLU A 24 -2.23 12.82 6.65
N CYS A 25 -1.13 12.92 7.36
CA CYS A 25 -0.52 11.72 7.99
C CYS A 25 -1.23 11.39 9.30
N GLU A 26 -1.68 10.18 9.45
CA GLU A 26 -2.37 9.77 10.71
C GLU A 26 -1.77 8.43 11.16
N SER A 27 -1.11 8.42 12.28
CA SER A 27 -0.47 7.15 12.77
C SER A 27 -1.39 6.48 13.79
N ILE A 28 -1.84 5.28 13.49
CA ILE A 28 -2.74 4.55 14.43
C ILE A 28 -2.28 3.10 14.55
N GLU A 29 -2.19 2.61 15.76
CA GLU A 29 -1.73 1.20 15.96
C GLU A 29 -2.88 0.23 15.68
N GLU A 30 -2.66 -0.73 14.82
CA GLU A 30 -3.75 -1.71 14.50
C GLU A 30 -3.15 -3.11 14.37
N VAL A 31 -3.95 -4.12 14.60
CA VAL A 31 -3.46 -5.52 14.51
C VAL A 31 -3.42 -5.95 13.04
N ALA A 32 -2.39 -6.65 12.65
CA ALA A 32 -2.27 -7.12 11.25
C ALA A 32 -3.58 -7.79 10.81
N ASP A 33 -4.22 -8.49 11.72
CA ASP A 33 -5.49 -9.17 11.38
C ASP A 33 -6.61 -8.15 11.22
N ASP A 34 -6.43 -6.96 11.72
CA ASP A 34 -7.50 -5.92 11.60
C ASP A 34 -7.31 -5.11 10.32
N ILE A 35 -6.26 -5.38 9.57
CA ILE A 35 -6.01 -4.63 8.31
C ILE A 35 -5.61 -5.63 7.22
N LEU A 36 -4.73 -6.54 7.51
CA LEU A 36 -4.29 -7.52 6.48
C LEU A 36 -5.14 -8.81 6.59
N PRO A 37 -5.62 -9.36 5.49
CA PRO A 37 -6.43 -10.60 5.51
C PRO A 37 -5.80 -11.71 6.38
N ASP A 38 -6.62 -12.59 6.89
CA ASP A 38 -6.10 -13.69 7.75
C ASP A 38 -5.16 -14.58 6.91
N GLN A 39 -5.48 -14.79 5.67
CA GLN A 39 -4.61 -15.65 4.80
C GLN A 39 -3.25 -14.98 4.60
N TYR A 40 -3.23 -13.67 4.59
CA TYR A 40 -1.95 -12.94 4.40
C TYR A 40 -1.29 -12.70 5.76
N VAL A 41 -1.91 -13.16 6.82
CA VAL A 41 -1.35 -12.99 8.20
C VAL A 41 -1.03 -14.37 8.79
N ARG A 42 -1.69 -15.40 8.29
CA ARG A 42 -1.43 -16.78 8.82
C ARG A 42 0.06 -17.10 8.68
N LEU A 43 0.51 -17.33 7.47
CA LEU A 43 1.95 -17.65 7.27
C LEU A 43 2.80 -16.45 7.67
N GLY A 44 2.37 -15.28 7.30
CA GLY A 44 3.13 -14.04 7.64
C GLY A 44 3.53 -14.05 9.13
N PRO A 45 4.81 -14.21 9.44
CA PRO A 45 5.28 -14.19 10.86
C PRO A 45 4.70 -13.00 11.63
N LEU A 46 4.03 -12.11 10.94
CA LEU A 46 3.43 -10.92 11.59
C LEU A 46 2.37 -11.38 12.60
N SER A 47 1.59 -12.36 12.23
CA SER A 47 0.54 -12.89 13.15
C SER A 47 -0.32 -11.75 13.72
N ASN A 48 -0.84 -11.95 14.89
CA ASN A 48 -1.70 -10.93 15.54
C ASN A 48 -0.84 -9.88 16.24
N LYS A 49 0.27 -9.51 15.64
CA LYS A 49 1.17 -8.49 16.26
C LYS A 49 0.66 -7.09 15.94
N ILE A 50 0.93 -6.15 16.81
CA ILE A 50 0.46 -4.76 16.56
C ILE A 50 1.47 -4.04 15.67
N LEU A 51 1.05 -3.59 14.52
CA LEU A 51 1.98 -2.88 13.58
C LEU A 51 1.55 -1.42 13.45
N GLN A 52 2.50 -0.53 13.34
CA GLN A 52 2.16 0.90 13.21
C GLN A 52 1.57 1.17 11.83
N THR A 53 0.31 1.49 11.75
CA THR A 53 -0.34 1.75 10.43
C THR A 53 -0.50 3.25 10.23
N ASN A 54 0.14 3.78 9.22
CA ASN A 54 0.02 5.25 8.94
C ASN A 54 -0.91 5.44 7.75
N THR A 55 -2.15 5.76 8.02
CA THR A 55 -3.14 5.96 6.93
C THR A 55 -3.11 7.40 6.45
N TYR A 56 -3.23 7.61 5.16
CA TYR A 56 -3.21 8.99 4.59
C TYR A 56 -4.62 9.34 4.13
N TYR A 57 -5.12 10.50 4.48
CA TYR A 57 -6.49 10.91 4.06
C TYR A 57 -6.43 12.19 3.24
N SER A 58 -7.10 12.21 2.12
CA SER A 58 -7.11 13.42 1.25
C SER A 58 -8.54 13.67 0.75
N ASP A 59 -8.81 14.85 0.27
CA ASP A 59 -10.16 15.17 -0.24
C ASP A 59 -10.51 14.25 -1.41
N THR A 60 -9.62 14.14 -2.37
CA THR A 60 -9.89 13.26 -3.54
C THR A 60 -9.96 11.81 -3.10
N LEU A 61 -9.16 11.43 -2.14
CA LEU A 61 -9.18 10.03 -1.66
C LEU A 61 -10.54 9.73 -1.03
N HIS A 62 -11.07 10.67 -0.30
CA HIS A 62 -12.41 10.45 0.33
C HIS A 62 -13.42 10.19 -0.78
N LYS A 63 -13.32 10.92 -1.86
CA LYS A 63 -14.28 10.72 -2.99
C LYS A 63 -14.10 9.33 -3.60
N SER A 64 -12.88 8.88 -3.75
CA SER A 64 -12.64 7.54 -4.35
C SER A 64 -12.85 6.46 -3.28
N ASN A 65 -13.09 6.88 -2.06
CA ASN A 65 -13.32 5.90 -0.95
C ASN A 65 -12.09 5.00 -0.80
N ILE A 66 -10.92 5.56 -0.96
CA ILE A 66 -9.65 4.76 -0.81
C ILE A 66 -8.85 5.31 0.35
N TYR A 67 -8.36 4.45 1.20
CA TYR A 67 -7.55 4.89 2.38
C TYR A 67 -6.14 4.28 2.31
N PRO A 68 -5.22 4.93 1.64
CA PRO A 68 -3.82 4.42 1.51
C PRO A 68 -3.14 4.30 2.88
N PHE A 69 -2.31 3.30 3.06
CA PHE A 69 -1.65 3.16 4.38
C PHE A 69 -0.34 2.37 4.25
N ILE A 70 0.55 2.56 5.19
CA ILE A 70 1.85 1.82 5.16
C ILE A 70 2.13 1.29 6.56
N LEU A 71 2.69 0.10 6.65
CA LEU A 71 2.97 -0.50 7.98
C LEU A 71 4.45 -0.35 8.32
N TYR A 72 4.74 0.00 9.54
CA TYR A 72 6.16 0.17 9.97
C TYR A 72 6.41 -0.59 11.27
N TYR A 73 7.52 -1.29 11.34
CA TYR A 73 7.85 -2.05 12.58
C TYR A 73 9.31 -2.52 12.50
N GLN A 74 10.10 -2.15 13.48
CA GLN A 74 11.53 -2.58 13.50
C GLN A 74 12.19 -2.35 12.14
N LYS A 75 12.05 -3.28 11.24
CA LYS A 75 12.69 -3.16 9.90
C LYS A 75 12.01 -2.03 9.10
N GLN A 76 11.88 -0.87 9.69
CA GLN A 76 11.26 0.29 9.00
C GLN A 76 10.05 -0.16 8.17
N LEU A 77 10.12 0.00 6.88
CA LEU A 77 8.99 -0.38 6.00
C LEU A 77 8.75 -1.89 6.06
N ILE A 78 7.50 -2.28 6.20
CA ILE A 78 7.14 -3.72 6.25
C ILE A 78 6.28 -4.05 5.04
N ALA A 79 5.30 -3.23 4.75
CA ALA A 79 4.42 -3.52 3.58
C ALA A 79 3.73 -2.23 3.12
N ILE A 80 3.32 -2.21 1.87
CA ILE A 80 2.62 -1.01 1.31
C ILE A 80 1.30 -1.46 0.67
N GLY A 81 0.24 -0.75 0.91
CA GLY A 81 -1.06 -1.16 0.29
C GLY A 81 -2.14 -0.15 0.63
N PHE A 82 -3.26 -0.22 -0.05
CA PHE A 82 -4.37 0.75 0.22
C PHE A 82 -5.70 0.01 0.25
N ILE A 83 -6.65 0.54 0.99
CA ILE A 83 -7.98 -0.13 1.08
C ILE A 83 -8.84 0.35 -0.08
N ASP A 84 -9.35 -0.58 -0.86
CA ASP A 84 -10.20 -0.21 -2.03
C ASP A 84 -11.68 -0.20 -1.63
N GLU A 85 -12.33 0.92 -1.83
CA GLU A 85 -13.77 1.04 -1.48
C GLU A 85 -13.99 0.68 -0.01
N ASN A 86 -14.45 -0.52 0.26
CA ASN A 86 -14.70 -0.95 1.66
C ASN A 86 -13.73 -2.08 2.04
N HIS A 87 -13.24 -2.81 1.05
CA HIS A 87 -12.29 -3.92 1.35
C HIS A 87 -11.43 -4.22 0.13
N ASP A 88 -10.94 -5.43 0.02
CA ASP A 88 -10.07 -5.81 -1.14
C ASP A 88 -8.80 -4.96 -1.11
N MET A 89 -8.01 -5.13 -0.08
CA MET A 89 -6.76 -4.33 0.03
C MET A 89 -5.77 -4.79 -1.03
N ASP A 90 -5.24 -3.86 -1.78
CA ASP A 90 -4.24 -4.19 -2.85
C ASP A 90 -2.84 -3.89 -2.35
N PHE A 91 -2.01 -4.90 -2.26
CA PHE A 91 -0.62 -4.70 -1.77
C PHE A 91 0.33 -4.50 -2.95
N LEU A 92 1.06 -3.41 -2.95
CA LEU A 92 2.01 -3.14 -4.05
C LEU A 92 3.39 -3.62 -3.66
N TYR A 93 3.61 -3.82 -2.39
CA TYR A 93 4.94 -4.31 -1.92
C TYR A 93 4.80 -4.90 -0.53
N LEU A 94 4.89 -6.21 -0.42
CA LEU A 94 4.77 -6.86 0.92
C LEU A 94 6.13 -7.43 1.32
N HIS A 95 6.62 -7.06 2.47
CA HIS A 95 7.94 -7.57 2.94
C HIS A 95 7.79 -8.06 4.39
N ASN A 96 7.76 -9.35 4.57
CA ASN A 96 7.60 -9.93 5.93
C ASN A 96 8.94 -9.86 6.69
N THR A 97 8.94 -10.37 7.89
CA THR A 97 10.19 -10.36 8.71
C THR A 97 11.30 -11.15 8.02
N VAL A 98 10.96 -12.18 7.27
CA VAL A 98 12.01 -12.97 6.58
C VAL A 98 11.34 -13.94 5.59
N MET A 99 10.33 -13.50 4.91
CA MET A 99 9.63 -14.40 3.94
C MET A 99 8.55 -13.60 3.19
N PRO A 100 8.94 -12.79 2.23
CA PRO A 100 7.97 -11.95 1.46
C PRO A 100 6.97 -12.78 0.65
N LEU A 101 5.74 -12.35 0.59
CA LEU A 101 4.70 -13.09 -0.17
C LEU A 101 4.39 -12.33 -1.45
N LEU A 102 4.08 -11.06 -1.32
CA LEU A 102 3.73 -10.24 -2.53
C LEU A 102 4.79 -9.16 -2.72
N ASP A 103 5.51 -9.24 -3.80
CA ASP A 103 6.55 -8.22 -4.11
C ASP A 103 6.70 -8.14 -5.62
N GLN A 104 5.67 -7.70 -6.31
CA GLN A 104 5.73 -7.59 -7.79
C GLN A 104 6.01 -6.15 -8.20
N ARG A 105 7.12 -5.95 -8.86
CA ARG A 105 7.49 -4.58 -9.31
C ARG A 105 6.48 -4.09 -10.36
N TYR A 106 6.01 -4.98 -11.19
CA TYR A 106 5.04 -4.57 -12.25
C TYR A 106 3.84 -3.87 -11.61
N LEU A 107 3.30 -4.45 -10.57
CA LEU A 107 2.14 -3.81 -9.88
C LEU A 107 2.61 -2.50 -9.25
N LEU A 108 3.80 -2.50 -8.73
CA LEU A 108 4.32 -1.28 -8.07
C LEU A 108 4.42 -0.15 -9.11
N THR A 109 4.90 -0.44 -10.28
CA THR A 109 5.02 0.62 -11.33
C THR A 109 3.80 0.54 -12.26
N GLY A 110 2.93 -0.42 -12.03
CA GLY A 110 1.72 -0.56 -12.89
C GLY A 110 2.14 -0.59 -14.36
N GLY A 111 2.71 -1.69 -14.80
CA GLY A 111 3.15 -1.80 -16.22
C GLY A 111 1.94 -1.77 -17.16
N GLN A 112 2.13 -1.27 -18.35
CA GLN A 112 1.01 -1.20 -19.33
C GLN A 112 0.86 -2.52 -20.07
N LEU A 113 -0.19 -2.67 -20.83
CA LEU A 113 -0.41 -3.93 -21.58
C LEU A 113 0.49 -3.98 -22.82
N GLU A 114 1.18 -5.07 -22.99
CA GLU A 114 2.09 -5.20 -24.18
C GLU A 114 1.27 -5.42 -25.45
N HIS A 115 1.68 -4.82 -26.53
CA HIS A 115 0.94 -4.97 -27.81
C HIS A 115 1.32 -6.30 -28.48
N HIS A 116 0.34 -7.02 -28.96
CA HIS A 116 0.62 -8.34 -29.62
C HIS A 116 1.29 -8.11 -30.98
N HIS A 117 2.36 -8.80 -31.23
CA HIS A 117 3.07 -8.66 -32.53
C HIS A 117 2.19 -9.20 -33.66
N HIS A 118 1.47 -10.27 -33.41
CA HIS A 118 0.59 -10.85 -34.47
C HIS A 118 -0.72 -11.34 -33.85
N HIS A 119 -1.80 -11.20 -34.57
CA HIS A 119 -3.12 -11.66 -34.04
C HIS A 119 -3.23 -13.19 -34.19
N HIS A 120 -2.14 -13.84 -34.49
CA HIS A 120 -2.16 -15.32 -34.65
C HIS A 120 -3.30 -15.73 -35.58
N MET A 1 11.31 6.71 3.22
CA MET A 1 12.38 6.97 2.22
C MET A 1 11.76 7.40 0.89
N THR A 2 11.95 6.64 -0.15
CA THR A 2 11.37 6.99 -1.47
C THR A 2 10.14 6.11 -1.74
N LEU A 3 9.96 5.07 -0.97
CA LEU A 3 8.79 4.17 -1.17
C LEU A 3 7.51 4.96 -0.86
N GLU A 4 7.53 5.77 0.16
CA GLU A 4 6.32 6.56 0.53
C GLU A 4 5.97 7.53 -0.62
N LEU A 5 6.94 8.25 -1.09
CA LEU A 5 6.68 9.19 -2.20
C LEU A 5 6.31 8.40 -3.46
N GLN A 6 6.99 7.31 -3.67
CA GLN A 6 6.71 6.47 -4.86
C GLN A 6 5.29 5.90 -4.78
N LEU A 7 4.87 5.55 -3.60
CA LEU A 7 3.50 4.97 -3.45
C LEU A 7 2.46 6.02 -3.88
N LYS A 8 2.63 7.23 -3.45
CA LYS A 8 1.66 8.29 -3.82
C LYS A 8 1.68 8.51 -5.34
N HIS A 9 2.85 8.49 -5.91
CA HIS A 9 2.96 8.70 -7.39
C HIS A 9 2.25 7.55 -8.13
N TYR A 10 2.51 6.34 -7.75
CA TYR A 10 1.86 5.18 -8.44
C TYR A 10 0.34 5.24 -8.25
N ILE A 11 -0.11 5.45 -7.04
CA ILE A 11 -1.59 5.50 -6.79
C ILE A 11 -2.20 6.68 -7.55
N THR A 12 -1.55 7.80 -7.51
CA THR A 12 -2.10 9.01 -8.22
C THR A 12 -2.15 8.76 -9.73
N ASN A 13 -1.11 8.20 -10.28
CA ASN A 13 -1.09 7.93 -11.74
C ASN A 13 -2.16 6.89 -12.09
N LEU A 14 -2.31 5.90 -11.27
CA LEU A 14 -3.32 4.85 -11.54
C LEU A 14 -4.74 5.46 -11.53
N PHE A 15 -5.02 6.29 -10.56
CA PHE A 15 -6.38 6.90 -10.46
C PHE A 15 -6.34 8.29 -11.09
N ASN A 16 -5.20 8.68 -11.61
CA ASN A 16 -5.08 10.02 -12.26
C ASN A 16 -5.47 11.12 -11.27
N LEU A 17 -5.05 10.99 -10.04
CA LEU A 17 -5.39 12.03 -9.02
C LEU A 17 -4.31 13.12 -9.02
N PRO A 18 -4.68 14.35 -8.73
CA PRO A 18 -3.71 15.50 -8.72
C PRO A 18 -2.65 15.35 -7.62
N ARG A 19 -1.43 15.73 -7.93
CA ARG A 19 -0.33 15.64 -6.93
C ARG A 19 -0.30 16.91 -6.07
N ASP A 20 -1.00 17.94 -6.47
CA ASP A 20 -0.99 19.19 -5.67
C ASP A 20 -1.96 19.05 -4.50
N GLU A 21 -2.59 17.91 -4.40
CA GLU A 21 -3.55 17.69 -3.28
C GLU A 21 -2.80 17.52 -1.96
N LYS A 22 -3.23 18.19 -0.93
CA LYS A 22 -2.56 18.06 0.39
C LYS A 22 -3.06 16.81 1.10
N TRP A 23 -2.19 15.87 1.31
CA TRP A 23 -2.58 14.61 2.00
C TRP A 23 -2.27 14.72 3.49
N GLU A 24 -3.08 14.11 4.32
CA GLU A 24 -2.86 14.15 5.80
C GLU A 24 -2.43 12.77 6.27
N CYS A 25 -1.28 12.68 6.89
CA CYS A 25 -0.79 11.36 7.37
C CYS A 25 -1.29 11.11 8.80
N GLU A 26 -1.83 9.95 9.05
CA GLU A 26 -2.32 9.61 10.42
C GLU A 26 -1.48 8.47 10.97
N SER A 27 -0.74 8.74 12.02
CA SER A 27 0.12 7.70 12.63
C SER A 27 -0.62 7.05 13.79
N ILE A 28 -1.18 5.89 13.55
CA ILE A 28 -1.93 5.17 14.62
C ILE A 28 -1.45 3.71 14.63
N GLU A 29 -1.30 3.16 15.80
CA GLU A 29 -0.82 1.75 15.93
C GLU A 29 -2.01 0.79 16.03
N GLU A 30 -2.00 -0.25 15.24
CA GLU A 30 -3.12 -1.23 15.29
C GLU A 30 -2.58 -2.65 15.06
N VAL A 31 -3.33 -3.64 15.46
CA VAL A 31 -2.89 -5.05 15.29
C VAL A 31 -2.95 -5.46 13.81
N ALA A 32 -2.03 -6.28 13.40
CA ALA A 32 -2.01 -6.74 11.98
C ALA A 32 -3.28 -7.55 11.66
N ASP A 33 -3.75 -8.31 12.62
CA ASP A 33 -4.98 -9.12 12.37
C ASP A 33 -6.22 -8.21 12.32
N ASP A 34 -6.07 -6.97 12.68
CA ASP A 34 -7.24 -6.04 12.65
C ASP A 34 -7.31 -5.35 11.28
N ILE A 35 -6.21 -5.29 10.57
CA ILE A 35 -6.21 -4.63 9.22
C ILE A 35 -6.06 -5.70 8.12
N LEU A 36 -4.87 -6.18 7.93
CA LEU A 36 -4.63 -7.19 6.87
C LEU A 36 -5.59 -8.37 7.04
N PRO A 37 -5.97 -9.02 5.96
CA PRO A 37 -6.92 -10.17 6.01
C PRO A 37 -6.33 -11.38 6.75
N ASP A 38 -7.16 -12.10 7.46
CA ASP A 38 -6.68 -13.29 8.20
C ASP A 38 -5.90 -14.22 7.26
N GLN A 39 -6.09 -14.06 5.98
CA GLN A 39 -5.38 -14.93 5.01
C GLN A 39 -3.87 -14.65 5.06
N TYR A 40 -3.50 -13.41 5.22
CA TYR A 40 -2.05 -13.06 5.27
C TYR A 40 -1.56 -13.13 6.72
N VAL A 41 -2.41 -13.54 7.62
CA VAL A 41 -2.01 -13.64 9.05
C VAL A 41 -1.76 -15.11 9.39
N ARG A 42 -1.98 -15.98 8.44
CA ARG A 42 -1.74 -17.44 8.67
C ARG A 42 -0.22 -17.68 8.77
N LEU A 43 0.55 -16.65 8.53
CA LEU A 43 2.03 -16.79 8.59
C LEU A 43 2.48 -17.18 10.00
N GLY A 44 1.90 -16.57 11.01
CA GLY A 44 2.28 -16.90 12.42
C GLY A 44 2.88 -15.66 13.11
N PRO A 45 4.07 -15.25 12.72
CA PRO A 45 4.73 -14.06 13.33
C PRO A 45 3.83 -12.81 13.31
N LEU A 46 3.06 -12.66 12.27
CA LEU A 46 2.15 -11.48 12.18
C LEU A 46 0.85 -11.79 12.91
N SER A 47 0.75 -12.96 13.47
CA SER A 47 -0.49 -13.37 14.21
C SER A 47 -1.06 -12.18 15.01
N ASN A 48 -0.62 -12.00 16.21
CA ASN A 48 -1.12 -10.88 17.06
C ASN A 48 -0.03 -9.81 17.18
N LYS A 49 0.79 -9.68 16.17
CA LYS A 49 1.89 -8.67 16.22
C LYS A 49 1.33 -7.27 16.01
N ILE A 50 1.79 -6.33 16.79
CA ILE A 50 1.30 -4.92 16.66
C ILE A 50 2.23 -4.15 15.72
N LEU A 51 1.67 -3.58 14.67
CA LEU A 51 2.49 -2.81 13.69
C LEU A 51 2.06 -1.35 13.67
N GLN A 52 2.99 -0.46 13.47
CA GLN A 52 2.64 0.99 13.41
C GLN A 52 2.07 1.28 12.03
N THR A 53 0.80 1.52 11.94
CA THR A 53 0.17 1.79 10.61
C THR A 53 0.26 3.29 10.29
N ASN A 54 0.11 3.63 9.03
CA ASN A 54 0.16 5.06 8.64
C ASN A 54 -0.91 5.28 7.57
N THR A 55 -2.11 5.56 7.98
CA THR A 55 -3.22 5.78 7.01
C THR A 55 -3.20 7.23 6.54
N TYR A 56 -3.40 7.45 5.27
CA TYR A 56 -3.38 8.84 4.74
C TYR A 56 -4.82 9.27 4.41
N TYR A 57 -5.19 10.46 4.82
CA TYR A 57 -6.57 10.97 4.53
C TYR A 57 -6.48 12.20 3.65
N SER A 58 -7.06 12.14 2.49
CA SER A 58 -7.04 13.30 1.55
C SER A 58 -8.45 13.48 0.97
N ASP A 59 -8.77 14.68 0.60
CA ASP A 59 -10.13 14.95 0.03
C ASP A 59 -10.31 14.17 -1.28
N THR A 60 -9.29 14.12 -2.09
CA THR A 60 -9.40 13.38 -3.39
C THR A 60 -9.63 11.90 -3.10
N LEU A 61 -8.94 11.36 -2.14
CA LEU A 61 -9.11 9.91 -1.81
C LEU A 61 -10.53 9.67 -1.29
N HIS A 62 -11.05 10.56 -0.50
CA HIS A 62 -12.43 10.38 0.03
C HIS A 62 -13.41 10.27 -1.15
N LYS A 63 -13.20 11.06 -2.16
CA LYS A 63 -14.11 11.01 -3.34
C LYS A 63 -14.00 9.61 -3.99
N SER A 64 -12.81 9.10 -4.11
CA SER A 64 -12.63 7.75 -4.73
C SER A 64 -12.93 6.66 -3.69
N ASN A 65 -13.14 7.07 -2.46
CA ASN A 65 -13.42 6.07 -1.37
C ASN A 65 -12.25 5.10 -1.22
N ILE A 66 -11.03 5.59 -1.39
CA ILE A 66 -9.84 4.70 -1.27
C ILE A 66 -9.05 5.08 0.00
N TYR A 67 -8.72 4.10 0.79
CA TYR A 67 -7.96 4.37 2.07
C TYR A 67 -6.56 3.76 1.98
N PRO A 68 -5.60 4.48 1.43
CA PRO A 68 -4.20 3.97 1.30
C PRO A 68 -3.45 4.02 2.63
N PHE A 69 -2.64 3.02 2.89
CA PHE A 69 -1.89 2.99 4.17
C PHE A 69 -0.56 2.23 3.99
N ILE A 70 0.37 2.52 4.85
CA ILE A 70 1.71 1.84 4.81
C ILE A 70 2.01 1.29 6.21
N LEU A 71 2.52 0.08 6.28
CA LEU A 71 2.82 -0.53 7.60
C LEU A 71 4.31 -0.41 7.90
N TYR A 72 4.64 0.11 9.05
CA TYR A 72 6.06 0.29 9.45
C TYR A 72 6.34 -0.53 10.71
N TYR A 73 7.54 -1.01 10.83
CA TYR A 73 7.92 -1.81 12.04
C TYR A 73 9.30 -1.35 12.52
N GLN A 74 9.30 -0.52 13.54
CA GLN A 74 10.58 0.00 14.11
C GLN A 74 11.36 0.78 13.03
N LYS A 75 11.86 0.10 12.04
CA LYS A 75 12.62 0.80 10.97
C LYS A 75 12.64 -0.06 9.70
N GLN A 76 11.84 -1.11 9.68
CA GLN A 76 11.80 -2.01 8.47
C GLN A 76 10.41 -1.98 7.83
N LEU A 77 10.36 -1.89 6.53
CA LEU A 77 9.04 -1.86 5.83
C LEU A 77 8.41 -3.26 5.88
N ILE A 78 7.15 -3.34 6.23
CA ILE A 78 6.46 -4.66 6.29
C ILE A 78 5.64 -4.88 5.02
N ALA A 79 4.74 -3.99 4.71
CA ALA A 79 3.92 -4.18 3.49
C ALA A 79 3.25 -2.88 3.07
N ILE A 80 2.87 -2.77 1.82
CA ILE A 80 2.19 -1.54 1.32
C ILE A 80 0.95 -1.93 0.55
N GLY A 81 -0.15 -1.24 0.77
CA GLY A 81 -1.38 -1.60 0.03
C GLY A 81 -2.46 -0.56 0.31
N PHE A 82 -3.57 -0.66 -0.39
CA PHE A 82 -4.66 0.33 -0.18
C PHE A 82 -6.01 -0.37 -0.30
N ILE A 83 -7.02 0.16 0.35
CA ILE A 83 -8.37 -0.48 0.31
C ILE A 83 -9.29 0.30 -0.63
N ASP A 84 -9.82 -0.36 -1.62
CA ASP A 84 -10.71 0.35 -2.59
C ASP A 84 -12.16 0.25 -2.14
N GLU A 85 -12.91 1.28 -2.41
CA GLU A 85 -14.33 1.31 -2.00
C GLU A 85 -14.46 0.89 -0.54
N ASN A 86 -15.04 -0.25 -0.29
CA ASN A 86 -15.22 -0.74 1.12
C ASN A 86 -14.45 -2.05 1.32
N HIS A 87 -13.70 -2.47 0.34
CA HIS A 87 -12.95 -3.76 0.49
C HIS A 87 -11.85 -3.86 -0.56
N ASP A 88 -11.52 -5.08 -0.94
CA ASP A 88 -10.47 -5.31 -1.97
C ASP A 88 -9.11 -4.83 -1.45
N MET A 89 -8.32 -5.74 -0.96
CA MET A 89 -6.98 -5.37 -0.42
C MET A 89 -5.93 -5.50 -1.52
N ASP A 90 -5.49 -4.39 -2.06
CA ASP A 90 -4.48 -4.42 -3.15
C ASP A 90 -3.09 -4.13 -2.57
N PHE A 91 -2.21 -5.09 -2.64
CA PHE A 91 -0.84 -4.91 -2.09
C PHE A 91 0.16 -4.74 -3.24
N LEU A 92 0.95 -3.70 -3.19
CA LEU A 92 1.97 -3.45 -4.25
C LEU A 92 3.31 -3.99 -3.77
N TYR A 93 3.47 -4.11 -2.48
CA TYR A 93 4.76 -4.62 -1.95
C TYR A 93 4.50 -5.37 -0.65
N LEU A 94 4.79 -6.65 -0.64
CA LEU A 94 4.57 -7.48 0.58
C LEU A 94 5.90 -8.01 1.10
N HIS A 95 6.22 -7.72 2.33
CA HIS A 95 7.50 -8.21 2.92
C HIS A 95 7.21 -8.76 4.32
N ASN A 96 7.30 -10.06 4.47
CA ASN A 96 7.05 -10.67 5.81
C ASN A 96 8.38 -11.00 6.48
N THR A 97 8.82 -10.14 7.37
CA THR A 97 10.11 -10.34 8.10
C THR A 97 11.10 -11.16 7.26
N VAL A 98 11.59 -10.58 6.21
CA VAL A 98 12.56 -11.28 5.32
C VAL A 98 11.92 -12.52 4.71
N MET A 99 10.85 -12.31 3.98
CA MET A 99 10.17 -13.45 3.29
C MET A 99 9.03 -12.93 2.42
N PRO A 100 9.33 -12.16 1.40
CA PRO A 100 8.29 -11.59 0.49
C PRO A 100 7.58 -12.70 -0.30
N LEU A 101 6.28 -12.58 -0.45
CA LEU A 101 5.51 -13.60 -1.21
C LEU A 101 5.04 -12.99 -2.53
N LEU A 102 4.91 -11.69 -2.59
CA LEU A 102 4.47 -11.05 -3.86
C LEU A 102 5.07 -9.65 -3.97
N ASP A 103 5.96 -9.46 -4.90
CA ASP A 103 6.60 -8.12 -5.09
C ASP A 103 6.93 -7.95 -6.58
N GLN A 104 6.12 -7.21 -7.29
CA GLN A 104 6.37 -6.99 -8.75
C GLN A 104 6.76 -5.54 -9.00
N ARG A 105 7.96 -5.34 -9.48
CA ARG A 105 8.43 -3.95 -9.78
C ARG A 105 7.58 -3.38 -10.92
N TYR A 106 7.19 -4.23 -11.83
CA TYR A 106 6.36 -3.77 -12.98
C TYR A 106 5.05 -3.18 -12.45
N LEU A 107 4.45 -3.82 -11.48
CA LEU A 107 3.17 -3.30 -10.92
C LEU A 107 3.44 -1.94 -10.25
N LEU A 108 4.53 -1.84 -9.53
CA LEU A 108 4.86 -0.56 -8.85
C LEU A 108 5.10 0.53 -9.91
N THR A 109 5.77 0.18 -10.97
CA THR A 109 6.05 1.18 -12.04
C THR A 109 4.94 1.12 -13.09
N GLY A 110 3.98 0.24 -12.90
CA GLY A 110 2.85 0.13 -13.87
C GLY A 110 3.22 -0.85 -14.98
N GLY A 111 3.00 -2.12 -14.75
CA GLY A 111 3.33 -3.15 -15.77
C GLY A 111 2.37 -3.06 -16.96
N GLN A 112 2.84 -3.40 -18.13
CA GLN A 112 1.98 -3.33 -19.34
C GLN A 112 1.07 -4.57 -19.41
N LEU A 113 -0.13 -4.39 -19.90
CA LEU A 113 -1.08 -5.53 -19.99
C LEU A 113 -0.59 -6.57 -21.02
N GLU A 114 -0.69 -7.82 -20.68
CA GLU A 114 -0.24 -8.88 -21.62
C GLU A 114 -0.95 -8.71 -22.97
N HIS A 115 -0.26 -9.01 -24.04
CA HIS A 115 -0.86 -8.87 -25.39
C HIS A 115 -1.35 -10.22 -25.88
N HIS A 116 -2.60 -10.30 -26.25
CA HIS A 116 -3.18 -11.57 -26.76
C HIS A 116 -3.43 -11.43 -28.26
N HIS A 117 -3.01 -10.32 -28.82
CA HIS A 117 -3.21 -10.10 -30.28
C HIS A 117 -2.09 -10.81 -31.05
N HIS A 118 -1.33 -11.60 -30.37
CA HIS A 118 -0.21 -12.33 -31.03
C HIS A 118 0.62 -11.38 -31.91
N HIS A 119 1.59 -11.93 -32.59
CA HIS A 119 2.46 -11.10 -33.47
C HIS A 119 3.00 -12.00 -34.59
N HIS A 120 3.52 -13.14 -34.22
CA HIS A 120 4.07 -14.08 -35.24
C HIS A 120 5.03 -13.34 -36.17
N MET A 1 12.61 10.73 -2.39
CA MET A 1 12.70 9.72 -3.48
C MET A 1 12.78 8.32 -2.87
N THR A 2 11.67 7.78 -2.43
CA THR A 2 11.67 6.42 -1.82
C THR A 2 10.40 5.66 -2.19
N LEU A 3 10.12 4.60 -1.48
CA LEU A 3 8.90 3.79 -1.77
C LEU A 3 7.65 4.64 -1.54
N GLU A 4 7.65 5.43 -0.50
CA GLU A 4 6.45 6.27 -0.21
C GLU A 4 6.15 7.17 -1.41
N LEU A 5 7.15 7.81 -1.94
CA LEU A 5 6.92 8.71 -3.10
C LEU A 5 6.41 7.88 -4.30
N GLN A 6 7.00 6.74 -4.53
CA GLN A 6 6.57 5.89 -5.68
C GLN A 6 5.14 5.41 -5.45
N LEU A 7 4.82 5.04 -4.24
CA LEU A 7 3.44 4.54 -3.96
C LEU A 7 2.43 5.66 -4.24
N LYS A 8 2.70 6.85 -3.79
CA LYS A 8 1.75 7.97 -4.04
C LYS A 8 1.64 8.21 -5.54
N HIS A 9 2.74 8.17 -6.24
CA HIS A 9 2.73 8.41 -7.70
C HIS A 9 1.96 7.29 -8.39
N TYR A 10 2.18 6.07 -7.98
CA TYR A 10 1.48 4.92 -8.62
C TYR A 10 -0.03 5.06 -8.41
N ILE A 11 -0.46 5.31 -7.21
CA ILE A 11 -1.93 5.43 -6.95
C ILE A 11 -2.49 6.63 -7.71
N THR A 12 -1.80 7.74 -7.68
CA THR A 12 -2.30 8.94 -8.39
C THR A 12 -2.29 8.68 -9.90
N ASN A 13 -1.34 7.93 -10.38
CA ASN A 13 -1.27 7.65 -11.84
C ASN A 13 -2.49 6.82 -12.29
N LEU A 14 -2.72 5.70 -11.65
CA LEU A 14 -3.87 4.84 -12.03
C LEU A 14 -5.20 5.56 -11.77
N PHE A 15 -5.30 6.23 -10.65
CA PHE A 15 -6.57 6.95 -10.33
C PHE A 15 -6.51 8.38 -10.88
N ASN A 16 -5.41 8.74 -11.48
CA ASN A 16 -5.28 10.11 -12.06
C ASN A 16 -5.69 11.16 -11.02
N LEU A 17 -5.13 11.08 -9.84
CA LEU A 17 -5.48 12.06 -8.77
C LEU A 17 -4.40 13.18 -8.72
N PRO A 18 -4.77 14.44 -8.73
CA PRO A 18 -3.78 15.56 -8.67
C PRO A 18 -2.72 15.37 -7.58
N ARG A 19 -1.47 15.59 -7.92
CA ARG A 19 -0.38 15.45 -6.93
C ARG A 19 -0.19 16.78 -6.18
N ASP A 20 -0.74 17.84 -6.70
CA ASP A 20 -0.59 19.18 -6.05
C ASP A 20 -1.43 19.21 -4.76
N GLU A 21 -2.10 18.14 -4.44
CA GLU A 21 -2.93 18.11 -3.20
C GLU A 21 -2.21 17.30 -2.12
N LYS A 22 -1.86 17.92 -1.04
CA LYS A 22 -1.15 17.20 0.05
C LYS A 22 -2.15 16.42 0.88
N TRP A 23 -1.79 15.23 1.30
CA TRP A 23 -2.71 14.38 2.11
C TRP A 23 -2.31 14.49 3.58
N GLU A 24 -3.16 14.02 4.46
CA GLU A 24 -2.87 14.09 5.92
C GLU A 24 -2.56 12.68 6.43
N CYS A 25 -1.39 12.50 6.97
CA CYS A 25 -0.99 11.15 7.47
C CYS A 25 -1.45 10.95 8.91
N GLU A 26 -1.97 9.79 9.20
CA GLU A 26 -2.44 9.48 10.59
C GLU A 26 -1.49 8.47 11.21
N SER A 27 -0.85 8.84 12.28
CA SER A 27 0.11 7.92 12.96
C SER A 27 -0.59 7.19 14.10
N ILE A 28 -0.90 5.94 13.90
CA ILE A 28 -1.58 5.16 14.97
C ILE A 28 -1.08 3.71 14.93
N GLU A 29 -0.91 3.10 16.07
CA GLU A 29 -0.40 1.69 16.13
C GLU A 29 -1.54 0.74 16.48
N GLU A 30 -1.70 -0.32 15.74
CA GLU A 30 -2.78 -1.31 16.03
C GLU A 30 -2.31 -2.72 15.67
N VAL A 31 -3.01 -3.71 16.15
CA VAL A 31 -2.63 -5.12 15.88
C VAL A 31 -2.79 -5.44 14.39
N ALA A 32 -1.89 -6.22 13.85
CA ALA A 32 -1.97 -6.57 12.41
C ALA A 32 -3.28 -7.31 12.12
N ASP A 33 -3.72 -8.13 13.04
CA ASP A 33 -4.97 -8.89 12.81
C ASP A 33 -6.17 -7.94 12.84
N ASP A 34 -5.97 -6.71 13.27
CA ASP A 34 -7.10 -5.73 13.32
C ASP A 34 -7.13 -4.92 12.02
N ILE A 35 -6.16 -5.12 11.16
CA ILE A 35 -6.11 -4.35 9.88
C ILE A 35 -5.89 -5.31 8.71
N LEU A 36 -5.22 -6.42 8.95
CA LEU A 36 -4.95 -7.40 7.87
C LEU A 36 -5.83 -8.65 8.08
N PRO A 37 -6.80 -8.90 7.23
CA PRO A 37 -7.70 -10.09 7.36
C PRO A 37 -6.93 -11.40 7.53
N ASP A 38 -7.51 -12.34 8.24
CA ASP A 38 -6.83 -13.65 8.47
C ASP A 38 -6.32 -14.19 7.13
N GLN A 39 -6.75 -13.62 6.05
CA GLN A 39 -6.29 -14.10 4.70
C GLN A 39 -4.79 -13.80 4.52
N TYR A 40 -4.35 -12.64 4.93
CA TYR A 40 -2.89 -12.30 4.75
C TYR A 40 -2.14 -12.42 6.08
N VAL A 41 -2.82 -12.83 7.12
CA VAL A 41 -2.15 -12.98 8.45
C VAL A 41 -2.03 -14.46 8.80
N ARG A 42 -2.68 -15.31 8.06
CA ARG A 42 -2.61 -16.77 8.33
C ARG A 42 -1.14 -17.18 8.47
N LEU A 43 -0.25 -16.34 8.05
CA LEU A 43 1.20 -16.67 8.15
C LEU A 43 1.55 -16.98 9.61
N GLY A 44 1.66 -15.97 10.44
CA GLY A 44 1.98 -16.20 11.88
C GLY A 44 2.91 -15.09 12.39
N PRO A 45 4.05 -14.95 11.78
CA PRO A 45 5.06 -13.91 12.18
C PRO A 45 4.41 -12.51 12.28
N LEU A 46 3.56 -12.18 11.35
CA LEU A 46 2.90 -10.85 11.37
C LEU A 46 1.60 -10.95 12.19
N SER A 47 1.24 -12.14 12.59
CA SER A 47 -0.01 -12.33 13.37
C SER A 47 0.19 -11.90 14.83
N ASN A 48 -0.86 -11.42 15.45
CA ASN A 48 -0.77 -10.99 16.87
C ASN A 48 0.42 -10.04 17.06
N LYS A 49 1.07 -9.66 16.00
CA LYS A 49 2.23 -8.73 16.13
C LYS A 49 1.74 -7.29 16.01
N ILE A 50 2.24 -6.41 16.83
CA ILE A 50 1.80 -4.99 16.76
C ILE A 50 2.53 -4.30 15.62
N LEU A 51 1.79 -3.74 14.69
CA LEU A 51 2.41 -3.03 13.52
C LEU A 51 2.00 -1.56 13.54
N GLN A 52 2.93 -0.68 13.26
CA GLN A 52 2.60 0.76 13.26
C GLN A 52 1.71 1.06 12.05
N THR A 53 0.44 1.30 12.28
CA THR A 53 -0.48 1.58 11.15
C THR A 53 -0.39 3.06 10.76
N ASN A 54 -0.17 3.32 9.50
CA ASN A 54 -0.08 4.72 9.00
C ASN A 54 -1.01 4.86 7.80
N THR A 55 -2.06 5.63 7.94
CA THR A 55 -3.03 5.81 6.81
C THR A 55 -3.06 7.27 6.39
N TYR A 56 -3.31 7.52 5.12
CA TYR A 56 -3.36 8.93 4.62
C TYR A 56 -4.78 9.23 4.17
N TYR A 57 -5.35 10.32 4.64
CA TYR A 57 -6.75 10.70 4.26
C TYR A 57 -6.75 12.05 3.53
N SER A 58 -7.39 12.12 2.39
CA SER A 58 -7.45 13.39 1.61
C SER A 58 -8.87 13.62 1.10
N ASP A 59 -9.18 14.83 0.73
CA ASP A 59 -10.54 15.14 0.21
C ASP A 59 -10.82 14.29 -1.04
N THR A 60 -9.88 14.24 -1.93
CA THR A 60 -10.08 13.44 -3.18
C THR A 60 -10.24 11.97 -2.82
N LEU A 61 -9.42 11.48 -1.92
CA LEU A 61 -9.51 10.04 -1.54
C LEU A 61 -10.88 9.76 -0.90
N HIS A 62 -11.36 10.63 -0.08
CA HIS A 62 -12.69 10.39 0.57
C HIS A 62 -13.75 10.22 -0.52
N LYS A 63 -13.68 11.03 -1.54
CA LYS A 63 -14.68 10.92 -2.64
C LYS A 63 -14.54 9.55 -3.31
N SER A 64 -13.33 9.10 -3.52
CA SER A 64 -13.12 7.77 -4.16
C SER A 64 -13.30 6.67 -3.11
N ASN A 65 -13.43 7.05 -1.87
CA ASN A 65 -13.61 6.03 -0.79
C ASN A 65 -12.45 5.05 -0.83
N ILE A 66 -11.23 5.54 -0.96
CA ILE A 66 -10.04 4.66 -1.00
C ILE A 66 -9.21 4.86 0.26
N TYR A 67 -8.81 3.79 0.90
CA TYR A 67 -8.02 3.90 2.16
C TYR A 67 -6.55 3.48 1.91
N PRO A 68 -5.62 4.42 1.86
CA PRO A 68 -4.19 4.08 1.64
C PRO A 68 -3.53 3.59 2.93
N PHE A 69 -2.99 2.40 2.91
CA PHE A 69 -2.36 1.80 4.14
C PHE A 69 -0.86 1.56 3.94
N ILE A 70 -0.12 1.84 4.98
CA ILE A 70 1.35 1.61 4.97
C ILE A 70 1.74 1.21 6.40
N LEU A 71 2.38 0.07 6.56
CA LEU A 71 2.75 -0.41 7.93
C LEU A 71 4.26 -0.33 8.10
N TYR A 72 4.72 -0.02 9.30
CA TYR A 72 6.19 0.09 9.56
C TYR A 72 6.57 -0.75 10.76
N TYR A 73 7.74 -1.34 10.70
CA TYR A 73 8.23 -2.17 11.83
C TYR A 73 9.73 -2.41 11.65
N GLN A 74 10.53 -1.52 12.20
CA GLN A 74 12.00 -1.66 12.08
C GLN A 74 12.42 -1.69 10.61
N LYS A 75 13.63 -1.29 10.35
CA LYS A 75 14.17 -1.27 8.96
C LYS A 75 13.33 -0.36 8.07
N GLN A 76 12.26 -0.87 7.49
CA GLN A 76 11.42 -0.04 6.59
C GLN A 76 9.94 -0.45 6.73
N LEU A 77 9.19 -0.35 5.65
CA LEU A 77 7.76 -0.73 5.68
C LEU A 77 7.61 -2.24 5.53
N ILE A 78 6.50 -2.78 5.97
CA ILE A 78 6.27 -4.25 5.84
C ILE A 78 5.23 -4.52 4.75
N ALA A 79 4.38 -3.57 4.47
CA ALA A 79 3.35 -3.79 3.41
C ALA A 79 2.72 -2.47 2.97
N ILE A 80 2.36 -2.37 1.73
CA ILE A 80 1.71 -1.13 1.20
C ILE A 80 0.50 -1.53 0.35
N GLY A 81 -0.48 -0.67 0.25
CA GLY A 81 -1.67 -1.02 -0.58
C GLY A 81 -2.82 -0.06 -0.30
N PHE A 82 -3.88 -0.19 -1.05
CA PHE A 82 -5.08 0.70 -0.86
C PHE A 82 -6.34 -0.15 -1.01
N ILE A 83 -7.39 0.20 -0.30
CA ILE A 83 -8.65 -0.58 -0.39
C ILE A 83 -9.64 0.19 -1.27
N ASP A 84 -10.13 -0.45 -2.30
CA ASP A 84 -11.10 0.21 -3.23
C ASP A 84 -12.53 0.02 -2.74
N GLU A 85 -13.19 1.10 -2.44
CA GLU A 85 -14.60 1.03 -1.96
C GLU A 85 -14.68 0.09 -0.75
N ASN A 86 -13.77 0.22 0.18
CA ASN A 86 -13.78 -0.66 1.38
C ASN A 86 -13.78 -2.13 0.96
N HIS A 87 -13.14 -2.44 -0.13
CA HIS A 87 -13.10 -3.87 -0.59
C HIS A 87 -11.92 -4.08 -1.53
N ASP A 88 -11.62 -5.31 -1.86
CA ASP A 88 -10.49 -5.61 -2.78
C ASP A 88 -9.21 -4.97 -2.24
N MET A 89 -8.36 -5.76 -1.62
CA MET A 89 -7.10 -5.20 -1.05
C MET A 89 -6.00 -5.29 -2.12
N ASP A 90 -5.54 -4.16 -2.60
CA ASP A 90 -4.47 -4.16 -3.63
C ASP A 90 -3.12 -3.91 -2.96
N PHE A 91 -2.25 -4.89 -2.96
CA PHE A 91 -0.92 -4.72 -2.31
C PHE A 91 0.14 -4.43 -3.37
N LEU A 92 0.63 -3.23 -3.40
CA LEU A 92 1.69 -2.86 -4.38
C LEU A 92 2.95 -3.67 -4.11
N TYR A 93 3.29 -3.82 -2.85
CA TYR A 93 4.51 -4.60 -2.51
C TYR A 93 4.30 -5.20 -1.11
N LEU A 94 4.38 -6.49 -1.01
CA LEU A 94 4.19 -7.17 0.32
C LEU A 94 5.50 -7.83 0.73
N HIS A 95 6.04 -7.45 1.86
CA HIS A 95 7.32 -8.05 2.35
C HIS A 95 7.10 -8.66 3.73
N ASN A 96 7.21 -9.96 3.83
CA ASN A 96 7.01 -10.63 5.15
C ASN A 96 8.37 -10.84 5.81
N THR A 97 8.38 -10.82 7.12
CA THR A 97 9.65 -11.00 7.90
C THR A 97 10.60 -11.99 7.20
N VAL A 98 10.14 -13.19 6.94
CA VAL A 98 11.03 -14.20 6.28
C VAL A 98 10.21 -15.06 5.33
N MET A 99 9.43 -14.46 4.50
CA MET A 99 8.61 -15.24 3.53
C MET A 99 7.91 -14.27 2.56
N PRO A 100 8.66 -13.52 1.80
CA PRO A 100 8.09 -12.54 0.82
C PRO A 100 7.17 -13.24 -0.19
N LEU A 101 5.90 -12.88 -0.19
CA LEU A 101 4.94 -13.52 -1.14
C LEU A 101 4.91 -12.71 -2.44
N LEU A 102 4.34 -11.53 -2.40
CA LEU A 102 4.24 -10.68 -3.62
C LEU A 102 5.32 -9.59 -3.59
N ASP A 103 6.10 -9.51 -4.64
CA ASP A 103 7.16 -8.47 -4.69
C ASP A 103 7.45 -8.11 -6.15
N GLN A 104 6.71 -7.18 -6.71
CA GLN A 104 6.94 -6.79 -8.14
C GLN A 104 7.69 -5.45 -8.18
N ARG A 105 8.90 -5.47 -8.67
CA ARG A 105 9.69 -4.20 -8.75
C ARG A 105 9.32 -3.43 -10.00
N TYR A 106 9.18 -4.12 -11.11
CA TYR A 106 8.83 -3.42 -12.38
C TYR A 106 7.48 -2.73 -12.21
N LEU A 107 6.52 -3.43 -11.65
CA LEU A 107 5.18 -2.82 -11.45
C LEU A 107 5.31 -1.62 -10.52
N LEU A 108 6.06 -1.76 -9.46
CA LEU A 108 6.23 -0.62 -8.50
C LEU A 108 6.92 0.55 -9.22
N THR A 109 7.97 0.27 -9.95
CA THR A 109 8.70 1.35 -10.67
C THR A 109 8.16 1.47 -12.09
N GLY A 110 6.91 1.15 -12.29
CA GLY A 110 6.32 1.25 -13.65
C GLY A 110 4.86 0.82 -13.61
N GLY A 111 3.97 1.68 -14.06
CA GLY A 111 2.52 1.34 -14.06
C GLY A 111 1.84 2.09 -15.20
N GLN A 112 2.62 2.65 -16.09
CA GLN A 112 2.05 3.40 -17.24
C GLN A 112 2.02 2.51 -18.47
N LEU A 113 0.85 2.28 -19.01
CA LEU A 113 0.74 1.40 -20.21
C LEU A 113 1.22 2.15 -21.46
N GLU A 114 1.80 1.45 -22.39
CA GLU A 114 2.30 2.12 -23.62
C GLU A 114 1.12 2.63 -24.45
N HIS A 115 1.10 3.90 -24.74
CA HIS A 115 0.00 4.47 -25.54
C HIS A 115 0.45 5.79 -26.19
N HIS A 116 -0.18 6.16 -27.28
CA HIS A 116 0.20 7.44 -27.97
C HIS A 116 -0.82 8.52 -27.62
N HIS A 117 -1.14 8.65 -26.35
CA HIS A 117 -2.12 9.68 -25.92
C HIS A 117 -3.33 9.68 -26.86
N HIS A 118 -3.51 10.73 -27.62
CA HIS A 118 -4.66 10.79 -28.56
C HIS A 118 -4.46 11.92 -29.57
N HIS A 119 -4.24 11.59 -30.81
CA HIS A 119 -4.03 12.65 -31.84
C HIS A 119 -4.61 12.19 -33.18
N HIS A 120 -5.11 13.11 -33.96
CA HIS A 120 -5.70 12.74 -35.28
C HIS A 120 -5.89 14.01 -36.12
N MET A 1 14.38 5.27 0.17
CA MET A 1 12.95 5.33 0.60
C MET A 1 12.13 5.98 -0.53
N THR A 2 12.37 5.57 -1.74
CA THR A 2 11.62 6.16 -2.89
C THR A 2 10.28 5.45 -3.02
N LEU A 3 10.02 4.49 -2.17
CA LEU A 3 8.73 3.75 -2.22
C LEU A 3 7.59 4.72 -1.90
N GLU A 4 7.80 5.59 -0.95
CA GLU A 4 6.74 6.56 -0.58
C GLU A 4 6.41 7.44 -1.79
N LEU A 5 7.40 8.07 -2.36
CA LEU A 5 7.15 8.95 -3.54
C LEU A 5 6.65 8.11 -4.71
N GLN A 6 7.26 6.99 -4.95
CA GLN A 6 6.85 6.14 -6.09
C GLN A 6 5.44 5.61 -5.85
N LEU A 7 5.12 5.30 -4.63
CA LEU A 7 3.77 4.77 -4.32
C LEU A 7 2.71 5.81 -4.68
N LYS A 8 2.94 7.04 -4.35
CA LYS A 8 1.96 8.12 -4.65
C LYS A 8 1.80 8.23 -6.17
N HIS A 9 2.88 8.12 -6.89
CA HIS A 9 2.81 8.23 -8.37
C HIS A 9 1.91 7.12 -8.93
N TYR A 10 2.04 5.93 -8.42
CA TYR A 10 1.20 4.81 -8.93
C TYR A 10 -0.27 5.10 -8.63
N ILE A 11 -0.59 5.46 -7.43
CA ILE A 11 -2.00 5.74 -7.07
C ILE A 11 -2.50 6.98 -7.83
N THR A 12 -1.70 7.99 -7.91
CA THR A 12 -2.13 9.21 -8.63
C THR A 12 -2.32 8.90 -10.12
N ASN A 13 -1.37 8.23 -10.70
CA ASN A 13 -1.48 7.87 -12.15
C ASN A 13 -2.63 6.88 -12.35
N LEU A 14 -2.75 5.92 -11.46
CA LEU A 14 -3.84 4.91 -11.60
C LEU A 14 -5.20 5.58 -11.49
N PHE A 15 -5.37 6.48 -10.55
CA PHE A 15 -6.68 7.19 -10.39
C PHE A 15 -6.59 8.57 -11.02
N ASN A 16 -5.49 8.87 -11.64
CA ASN A 16 -5.33 10.20 -12.30
C ASN A 16 -5.60 11.32 -11.29
N LEU A 17 -5.08 11.21 -10.10
CA LEU A 17 -5.30 12.26 -9.06
C LEU A 17 -4.09 13.20 -9.05
N PRO A 18 -4.29 14.45 -8.72
CA PRO A 18 -3.17 15.44 -8.67
C PRO A 18 -2.19 15.14 -7.52
N ARG A 19 -0.98 14.78 -7.86
CA ARG A 19 0.04 14.47 -6.82
C ARG A 19 0.53 15.75 -6.15
N ASP A 20 0.11 16.89 -6.66
CA ASP A 20 0.56 18.17 -6.06
C ASP A 20 -0.22 18.43 -4.77
N GLU A 21 -1.13 17.54 -4.42
CA GLU A 21 -1.92 17.73 -3.17
C GLU A 21 -1.34 16.88 -2.05
N LYS A 22 -0.87 17.50 -1.00
CA LYS A 22 -0.27 16.74 0.12
C LYS A 22 -1.38 16.14 0.97
N TRP A 23 -1.18 14.93 1.43
CA TRP A 23 -2.22 14.25 2.27
C TRP A 23 -1.79 14.27 3.73
N GLU A 24 -2.67 13.87 4.63
CA GLU A 24 -2.33 13.85 6.08
C GLU A 24 -2.20 12.39 6.55
N CYS A 25 -1.07 12.05 7.11
CA CYS A 25 -0.85 10.66 7.58
C CYS A 25 -1.10 10.57 9.08
N GLU A 26 -1.74 9.52 9.51
CA GLU A 26 -2.03 9.33 10.96
C GLU A 26 -1.49 7.96 11.38
N SER A 27 -0.58 7.93 12.32
CA SER A 27 0.00 6.64 12.76
C SER A 27 -0.80 6.09 13.93
N ILE A 28 -1.51 5.00 13.72
CA ILE A 28 -2.34 4.41 14.81
C ILE A 28 -1.88 2.97 15.06
N GLU A 29 -1.73 2.62 16.31
CA GLU A 29 -1.27 1.26 16.65
C GLU A 29 -2.44 0.28 16.58
N GLU A 30 -2.32 -0.75 15.80
CA GLU A 30 -3.44 -1.74 15.69
C GLU A 30 -2.89 -3.12 15.34
N VAL A 31 -3.61 -4.15 15.71
CA VAL A 31 -3.15 -5.53 15.41
C VAL A 31 -3.19 -5.78 13.90
N ALA A 32 -2.14 -6.36 13.37
CA ALA A 32 -2.09 -6.64 11.91
C ALA A 32 -3.22 -7.58 11.51
N ASP A 33 -3.52 -8.54 12.34
CA ASP A 33 -4.60 -9.52 12.01
C ASP A 33 -5.95 -8.79 11.87
N ASP A 34 -6.16 -7.77 12.65
CA ASP A 34 -7.46 -7.05 12.57
C ASP A 34 -7.57 -6.28 11.25
N ILE A 35 -6.50 -6.23 10.48
CA ILE A 35 -6.53 -5.50 9.17
C ILE A 35 -5.98 -6.39 8.06
N LEU A 36 -5.19 -7.39 8.41
CA LEU A 36 -4.62 -8.31 7.37
C LEU A 36 -5.22 -9.70 7.57
N PRO A 37 -6.14 -10.12 6.72
CA PRO A 37 -6.76 -11.47 6.83
C PRO A 37 -5.73 -12.60 6.98
N ASP A 38 -6.11 -13.66 7.64
CA ASP A 38 -5.17 -14.79 7.86
C ASP A 38 -4.55 -15.21 6.52
N GLN A 39 -5.05 -14.67 5.45
CA GLN A 39 -4.50 -15.02 4.11
C GLN A 39 -3.03 -14.59 4.00
N TYR A 40 -2.71 -13.42 4.51
CA TYR A 40 -1.29 -12.92 4.43
C TYR A 40 -0.65 -12.94 5.82
N VAL A 41 -1.37 -13.36 6.83
CA VAL A 41 -0.78 -13.40 8.21
C VAL A 41 -0.61 -14.84 8.66
N ARG A 42 0.59 -15.35 8.58
CA ARG A 42 0.86 -16.75 9.01
C ARG A 42 2.37 -16.99 9.00
N LEU A 43 3.12 -16.03 8.55
CA LEU A 43 4.60 -16.18 8.52
C LEU A 43 5.14 -16.31 9.95
N GLY A 44 4.63 -15.54 10.86
CA GLY A 44 5.11 -15.61 12.29
C GLY A 44 5.43 -14.20 12.80
N PRO A 45 6.43 -13.56 12.24
CA PRO A 45 6.85 -12.18 12.67
C PRO A 45 5.68 -11.18 12.69
N LEU A 46 4.82 -11.25 11.71
CA LEU A 46 3.66 -10.30 11.65
C LEU A 46 2.49 -10.91 12.42
N SER A 47 2.66 -12.12 12.90
CA SER A 47 1.56 -12.78 13.65
C SER A 47 1.41 -12.22 15.06
N ASN A 48 0.19 -12.07 15.51
CA ASN A 48 -0.08 -11.55 16.88
C ASN A 48 0.85 -10.39 17.23
N LYS A 49 1.16 -9.56 16.27
CA LYS A 49 2.06 -8.39 16.53
C LYS A 49 1.33 -7.09 16.20
N ILE A 50 1.59 -6.05 16.95
CA ILE A 50 0.92 -4.74 16.69
C ILE A 50 1.71 -3.95 15.65
N LEU A 51 1.13 -3.76 14.50
CA LEU A 51 1.82 -2.99 13.41
C LEU A 51 1.31 -1.56 13.40
N GLN A 52 2.19 -0.62 13.17
CA GLN A 52 1.76 0.80 13.14
C GLN A 52 0.98 1.06 11.85
N THR A 53 -0.27 1.42 11.96
CA THR A 53 -1.10 1.67 10.75
C THR A 53 -1.03 3.14 10.35
N ASN A 54 -0.53 3.41 9.18
CA ASN A 54 -0.44 4.82 8.69
C ASN A 54 -1.50 5.03 7.62
N THR A 55 -2.58 5.68 7.97
CA THR A 55 -3.67 5.91 6.99
C THR A 55 -3.56 7.33 6.44
N TYR A 56 -3.71 7.48 5.14
CA TYR A 56 -3.60 8.84 4.53
C TYR A 56 -5.00 9.40 4.31
N TYR A 57 -5.26 10.58 4.83
CA TYR A 57 -6.60 11.21 4.66
C TYR A 57 -6.47 12.46 3.82
N SER A 58 -7.12 12.50 2.68
CA SER A 58 -7.04 13.69 1.80
C SER A 58 -8.43 14.02 1.24
N ASP A 59 -8.65 15.26 0.90
CA ASP A 59 -9.98 15.66 0.35
C ASP A 59 -10.24 14.89 -0.95
N THR A 60 -9.25 14.81 -1.80
CA THR A 60 -9.42 14.08 -3.09
C THR A 60 -9.69 12.59 -2.82
N LEU A 61 -8.93 12.01 -1.94
CA LEU A 61 -9.12 10.56 -1.62
C LEU A 61 -10.50 10.37 -0.99
N HIS A 62 -10.92 11.28 -0.15
CA HIS A 62 -12.25 11.15 0.49
C HIS A 62 -13.33 11.04 -0.59
N LYS A 63 -13.23 11.82 -1.62
CA LYS A 63 -14.24 11.77 -2.71
C LYS A 63 -14.19 10.39 -3.39
N SER A 64 -13.01 9.88 -3.62
CA SER A 64 -12.90 8.55 -4.27
C SER A 64 -13.20 7.45 -3.28
N ASN A 65 -13.43 7.81 -2.05
CA ASN A 65 -13.75 6.80 -0.99
C ASN A 65 -12.63 5.77 -0.89
N ILE A 66 -11.39 6.19 -1.07
CA ILE A 66 -10.23 5.26 -0.96
C ILE A 66 -9.34 5.70 0.20
N TYR A 67 -8.99 4.78 1.08
CA TYR A 67 -8.13 5.13 2.24
C TYR A 67 -6.80 4.35 2.14
N PRO A 68 -5.78 4.95 1.57
CA PRO A 68 -4.44 4.29 1.42
C PRO A 68 -3.94 3.76 2.76
N PHE A 69 -3.41 2.54 2.77
CA PHE A 69 -2.92 1.94 4.05
C PHE A 69 -1.46 1.48 3.90
N ILE A 70 -0.63 1.90 4.82
CA ILE A 70 0.80 1.49 4.80
C ILE A 70 1.19 1.12 6.23
N LEU A 71 1.86 0.01 6.42
CA LEU A 71 2.25 -0.41 7.80
C LEU A 71 3.74 -0.16 8.03
N TYR A 72 4.08 0.28 9.21
CA TYR A 72 5.50 0.57 9.56
C TYR A 72 5.89 -0.18 10.82
N TYR A 73 7.13 -0.57 10.92
CA TYR A 73 7.59 -1.29 12.14
C TYR A 73 9.11 -1.30 12.18
N GLN A 74 9.69 -0.26 12.71
CA GLN A 74 11.19 -0.17 12.82
C GLN A 74 11.83 -0.25 11.43
N LYS A 75 11.73 -1.37 10.77
CA LYS A 75 12.36 -1.52 9.44
C LYS A 75 11.48 -0.86 8.36
N GLN A 76 11.49 0.44 8.31
CA GLN A 76 10.68 1.18 7.29
C GLN A 76 9.29 0.54 7.14
N LEU A 77 8.70 0.68 5.98
CA LEU A 77 7.34 0.12 5.75
C LEU A 77 7.41 -1.40 5.63
N ILE A 78 6.37 -2.07 6.05
CA ILE A 78 6.34 -3.57 5.98
C ILE A 78 5.40 -4.01 4.87
N ALA A 79 4.26 -3.38 4.74
CA ALA A 79 3.31 -3.78 3.65
C ALA A 79 2.52 -2.55 3.18
N ILE A 80 2.01 -2.62 1.97
CA ILE A 80 1.22 -1.50 1.41
C ILE A 80 -0.11 -2.02 0.88
N GLY A 81 -1.18 -1.30 1.12
CA GLY A 81 -2.50 -1.78 0.63
C GLY A 81 -3.53 -0.65 0.75
N PHE A 82 -4.36 -0.49 -0.25
CA PHE A 82 -5.39 0.60 -0.24
C PHE A 82 -6.76 -0.01 0.01
N ILE A 83 -7.64 0.72 0.65
CA ILE A 83 -9.01 0.19 0.91
C ILE A 83 -10.00 0.80 -0.09
N ASP A 84 -10.59 -0.02 -0.92
CA ASP A 84 -11.55 0.48 -1.94
C ASP A 84 -12.97 0.56 -1.36
N GLU A 85 -13.92 0.93 -2.17
CA GLU A 85 -15.34 1.03 -1.71
C GLU A 85 -15.87 -0.36 -1.34
N ASN A 86 -15.41 -1.37 -2.03
CA ASN A 86 -15.90 -2.75 -1.72
C ASN A 86 -15.14 -3.30 -0.51
N HIS A 87 -14.51 -2.42 0.24
CA HIS A 87 -13.75 -2.86 1.45
C HIS A 87 -12.68 -3.87 1.04
N ASP A 88 -12.50 -4.08 -0.23
CA ASP A 88 -11.47 -5.06 -0.70
C ASP A 88 -10.08 -4.43 -0.61
N MET A 89 -9.20 -5.01 0.16
CA MET A 89 -7.83 -4.45 0.30
C MET A 89 -6.99 -4.85 -0.90
N ASP A 90 -6.49 -3.90 -1.64
CA ASP A 90 -5.66 -4.20 -2.84
C ASP A 90 -4.17 -4.10 -2.47
N PHE A 91 -3.47 -5.20 -2.51
CA PHE A 91 -2.03 -5.18 -2.17
C PHE A 91 -1.22 -4.80 -3.40
N LEU A 92 -0.37 -3.82 -3.27
CA LEU A 92 0.47 -3.37 -4.43
C LEU A 92 1.91 -3.78 -4.17
N TYR A 93 2.32 -3.79 -2.93
CA TYR A 93 3.71 -4.19 -2.60
C TYR A 93 3.73 -4.81 -1.21
N LEU A 94 4.15 -6.05 -1.12
CA LEU A 94 4.19 -6.73 0.20
C LEU A 94 5.62 -7.20 0.49
N HIS A 95 6.14 -6.86 1.65
CA HIS A 95 7.51 -7.29 2.02
C HIS A 95 7.53 -7.65 3.50
N ASN A 96 8.01 -8.82 3.83
CA ASN A 96 8.06 -9.26 5.25
C ASN A 96 9.39 -8.85 5.89
N THR A 97 9.58 -9.18 7.13
CA THR A 97 10.85 -8.83 7.83
C THR A 97 12.03 -9.56 7.19
N VAL A 98 11.80 -10.73 6.67
CA VAL A 98 12.92 -11.48 6.03
C VAL A 98 12.32 -12.59 5.16
N MET A 99 11.22 -12.31 4.52
CA MET A 99 10.60 -13.35 3.64
C MET A 99 9.59 -12.67 2.71
N PRO A 100 10.07 -12.04 1.67
CA PRO A 100 9.19 -11.35 0.68
C PRO A 100 8.24 -12.34 -0.01
N LEU A 101 7.04 -11.90 -0.31
CA LEU A 101 6.04 -12.79 -0.97
C LEU A 101 5.55 -12.15 -2.26
N LEU A 102 4.66 -11.21 -2.16
CA LEU A 102 4.14 -10.52 -3.38
C LEU A 102 5.04 -9.34 -3.71
N ASP A 103 6.31 -9.48 -3.49
CA ASP A 103 7.25 -8.36 -3.77
C ASP A 103 7.63 -8.37 -5.25
N GLN A 104 6.97 -7.58 -6.05
CA GLN A 104 7.29 -7.52 -7.51
C GLN A 104 7.68 -6.10 -7.90
N ARG A 105 8.91 -5.92 -8.31
CA ARG A 105 9.40 -4.58 -8.71
C ARG A 105 8.68 -4.12 -9.98
N TYR A 106 8.41 -5.04 -10.86
CA TYR A 106 7.73 -4.66 -12.14
C TYR A 106 6.38 -4.02 -11.84
N LEU A 107 5.62 -4.61 -10.96
CA LEU A 107 4.29 -4.03 -10.62
C LEU A 107 4.49 -2.65 -9.97
N LEU A 108 5.42 -2.54 -9.07
CA LEU A 108 5.65 -1.25 -8.38
C LEU A 108 6.31 -0.24 -9.33
N THR A 109 7.53 -0.50 -9.69
CA THR A 109 8.24 0.45 -10.59
C THR A 109 7.75 0.24 -12.03
N GLY A 110 6.57 -0.28 -12.17
CA GLY A 110 6.02 -0.55 -13.53
C GLY A 110 5.87 0.73 -14.36
N GLY A 111 5.98 0.61 -15.65
CA GLY A 111 5.82 1.79 -16.55
C GLY A 111 7.16 2.52 -16.71
N GLN A 112 7.98 2.09 -17.64
CA GLN A 112 9.29 2.76 -17.84
C GLN A 112 9.07 4.20 -18.34
N LEU A 113 8.71 5.09 -17.44
CA LEU A 113 8.49 6.50 -17.85
C LEU A 113 9.81 7.09 -18.35
N GLU A 114 10.88 6.79 -17.67
CA GLU A 114 12.21 7.34 -18.08
C GLU A 114 12.07 8.83 -18.43
N HIS A 115 12.23 9.69 -17.44
CA HIS A 115 12.10 11.16 -17.68
C HIS A 115 13.49 11.79 -17.65
N HIS A 116 13.98 12.21 -18.79
CA HIS A 116 15.32 12.85 -18.83
C HIS A 116 15.54 13.49 -20.21
N HIS A 117 15.71 14.77 -20.25
CA HIS A 117 15.94 15.47 -21.54
C HIS A 117 16.37 16.91 -21.23
N HIS A 118 15.78 17.51 -20.23
CA HIS A 118 16.12 18.91 -19.87
C HIS A 118 17.54 18.97 -19.27
N HIS A 119 18.24 20.04 -19.52
CA HIS A 119 19.62 20.18 -18.96
C HIS A 119 19.91 21.66 -18.67
N HIS A 120 20.41 21.95 -17.51
CA HIS A 120 20.71 23.36 -17.15
C HIS A 120 22.05 23.78 -17.76
N MET A 1 15.16 2.75 -2.63
CA MET A 1 13.81 2.12 -2.61
C MET A 1 12.74 3.17 -2.89
N THR A 2 12.79 4.28 -2.19
CA THR A 2 11.79 5.37 -2.39
C THR A 2 10.39 4.77 -2.57
N LEU A 3 10.14 3.68 -1.90
CA LEU A 3 8.80 3.02 -1.99
C LEU A 3 7.72 3.96 -1.46
N GLU A 4 7.98 4.65 -0.40
CA GLU A 4 6.96 5.57 0.17
C GLU A 4 6.55 6.61 -0.89
N LEU A 5 7.51 7.33 -1.41
CA LEU A 5 7.19 8.36 -2.45
C LEU A 5 6.61 7.68 -3.69
N GLN A 6 7.17 6.57 -4.08
CA GLN A 6 6.66 5.86 -5.29
C GLN A 6 5.24 5.36 -5.02
N LEU A 7 4.95 4.97 -3.80
CA LEU A 7 3.60 4.46 -3.47
C LEU A 7 2.56 5.56 -3.71
N LYS A 8 2.84 6.75 -3.26
CA LYS A 8 1.87 7.87 -3.46
C LYS A 8 1.68 8.09 -4.96
N HIS A 9 2.75 8.02 -5.71
CA HIS A 9 2.65 8.22 -7.18
C HIS A 9 1.85 7.08 -7.82
N TYR A 10 2.00 5.88 -7.32
CA TYR A 10 1.28 4.72 -7.91
C TYR A 10 -0.23 4.95 -7.83
N ILE A 11 -0.72 5.37 -6.69
CA ILE A 11 -2.19 5.60 -6.54
C ILE A 11 -2.62 6.74 -7.48
N THR A 12 -1.86 7.81 -7.51
CA THR A 12 -2.23 8.95 -8.39
C THR A 12 -2.29 8.48 -9.84
N ASN A 13 -1.31 7.77 -10.28
CA ASN A 13 -1.30 7.27 -11.68
C ASN A 13 -2.45 6.28 -11.89
N LEU A 14 -2.71 5.45 -10.91
CA LEU A 14 -3.79 4.43 -11.06
C LEU A 14 -5.14 5.12 -11.30
N PHE A 15 -5.44 6.12 -10.51
CA PHE A 15 -6.73 6.85 -10.67
C PHE A 15 -6.47 8.18 -11.37
N ASN A 16 -5.26 8.38 -11.81
CA ASN A 16 -4.91 9.65 -12.52
C ASN A 16 -5.28 10.85 -11.64
N LEU A 17 -5.13 10.72 -10.35
CA LEU A 17 -5.47 11.85 -9.44
C LEU A 17 -4.24 12.76 -9.29
N PRO A 18 -4.44 14.04 -9.09
CA PRO A 18 -3.31 15.01 -8.94
C PRO A 18 -2.48 14.76 -7.68
N ARG A 19 -1.19 14.90 -7.77
CA ARG A 19 -0.29 14.70 -6.60
C ARG A 19 -0.03 16.06 -5.95
N ASP A 20 -0.63 17.10 -6.47
CA ASP A 20 -0.42 18.45 -5.91
C ASP A 20 -1.35 18.65 -4.71
N GLU A 21 -2.11 17.65 -4.37
CA GLU A 21 -3.05 17.77 -3.22
C GLU A 21 -2.32 17.37 -1.93
N LYS A 22 -2.58 18.07 -0.85
CA LYS A 22 -1.90 17.74 0.43
C LYS A 22 -2.58 16.55 1.09
N TRP A 23 -1.82 15.66 1.66
CA TRP A 23 -2.41 14.45 2.34
C TRP A 23 -2.35 14.63 3.86
N GLU A 24 -3.23 13.98 4.56
CA GLU A 24 -3.26 14.07 6.05
C GLU A 24 -2.79 12.74 6.63
N CYS A 25 -1.70 12.75 7.35
CA CYS A 25 -1.15 11.50 7.94
C CYS A 25 -1.88 11.17 9.23
N GLU A 26 -2.09 9.90 9.49
CA GLU A 26 -2.78 9.46 10.74
C GLU A 26 -1.98 8.32 11.37
N SER A 27 -1.26 8.58 12.42
CA SER A 27 -0.44 7.51 13.06
C SER A 27 -1.25 6.82 14.16
N ILE A 28 -1.67 5.60 13.92
CA ILE A 28 -2.46 4.85 14.94
C ILE A 28 -1.90 3.44 15.07
N GLU A 29 -2.09 2.81 16.21
CA GLU A 29 -1.57 1.43 16.41
C GLU A 29 -2.68 0.41 16.09
N GLU A 30 -2.39 -0.54 15.25
CA GLU A 30 -3.42 -1.56 14.90
C GLU A 30 -2.76 -2.93 14.74
N VAL A 31 -3.46 -3.96 15.15
CA VAL A 31 -2.90 -5.33 15.05
C VAL A 31 -2.99 -5.84 13.60
N ALA A 32 -1.96 -6.48 13.15
CA ALA A 32 -1.96 -6.99 11.74
C ALA A 32 -3.24 -7.78 11.48
N ASP A 33 -3.86 -8.28 12.51
CA ASP A 33 -5.11 -9.06 12.35
C ASP A 33 -6.20 -8.19 11.69
N ASP A 34 -6.42 -7.03 12.22
CA ASP A 34 -7.46 -6.14 11.64
C ASP A 34 -6.98 -5.57 10.29
N ILE A 35 -5.71 -5.32 10.17
CA ILE A 35 -5.19 -4.75 8.90
C ILE A 35 -5.20 -5.81 7.80
N LEU A 36 -4.27 -6.71 7.83
CA LEU A 36 -4.19 -7.77 6.78
C LEU A 36 -5.33 -8.78 7.00
N PRO A 37 -5.84 -9.39 5.94
CA PRO A 37 -6.95 -10.38 6.04
C PRO A 37 -6.50 -11.65 6.79
N ASP A 38 -7.42 -12.31 7.45
CA ASP A 38 -7.05 -13.54 8.20
C ASP A 38 -6.27 -14.49 7.29
N GLN A 39 -6.26 -14.22 6.01
CA GLN A 39 -5.53 -15.10 5.06
C GLN A 39 -4.03 -14.74 5.07
N TYR A 40 -3.71 -13.49 5.27
CA TYR A 40 -2.28 -13.06 5.28
C TYR A 40 -1.83 -12.79 6.72
N VAL A 41 -2.63 -13.15 7.69
CA VAL A 41 -2.25 -12.93 9.12
C VAL A 41 -1.64 -14.22 9.68
N ARG A 42 -2.40 -15.27 9.69
CA ARG A 42 -1.87 -16.56 10.22
C ARG A 42 -0.72 -17.04 9.33
N LEU A 43 -0.87 -16.93 8.04
CA LEU A 43 0.21 -17.38 7.12
C LEU A 43 1.46 -16.53 7.34
N GLY A 44 1.30 -15.24 7.46
CA GLY A 44 2.48 -14.35 7.67
C GLY A 44 2.94 -14.43 9.14
N PRO A 45 4.21 -14.22 9.39
CA PRO A 45 4.78 -14.26 10.76
C PRO A 45 4.24 -13.11 11.62
N LEU A 46 3.62 -12.16 10.99
CA LEU A 46 3.07 -11.00 11.73
C LEU A 46 1.98 -11.49 12.69
N SER A 47 1.16 -12.41 12.25
CA SER A 47 0.07 -12.94 13.13
C SER A 47 -0.60 -11.79 13.89
N ASN A 48 -0.54 -11.82 15.20
CA ASN A 48 -1.17 -10.75 16.02
C ASN A 48 -0.13 -9.72 16.42
N LYS A 49 0.84 -9.47 15.57
CA LYS A 49 1.89 -8.49 15.90
C LYS A 49 1.32 -7.07 15.81
N ILE A 50 1.71 -6.22 16.72
CA ILE A 50 1.21 -4.81 16.70
C ILE A 50 2.10 -3.99 15.75
N LEU A 51 1.51 -3.42 14.72
CA LEU A 51 2.29 -2.62 13.74
C LEU A 51 1.76 -1.20 13.69
N GLN A 52 2.65 -0.24 13.61
CA GLN A 52 2.21 1.18 13.54
C GLN A 52 1.56 1.40 12.18
N THR A 53 0.29 1.71 12.14
CA THR A 53 -0.40 1.93 10.84
C THR A 53 -0.49 3.42 10.56
N ASN A 54 0.15 3.86 9.51
CA ASN A 54 0.11 5.31 9.13
C ASN A 54 -0.74 5.46 7.87
N THR A 55 -1.97 5.88 8.03
CA THR A 55 -2.87 6.02 6.84
C THR A 55 -2.88 7.46 6.36
N TYR A 56 -2.67 7.65 5.09
CA TYR A 56 -2.66 9.03 4.51
C TYR A 56 -3.88 9.17 3.61
N TYR A 57 -4.78 10.08 3.92
CA TYR A 57 -6.01 10.25 3.08
C TYR A 57 -6.34 11.73 2.93
N SER A 58 -7.01 12.07 1.87
CA SER A 58 -7.39 13.49 1.63
C SER A 58 -8.82 13.55 1.10
N ASP A 59 -9.29 14.74 0.78
CA ASP A 59 -10.67 14.87 0.25
C ASP A 59 -10.80 14.13 -1.09
N THR A 60 -9.84 14.29 -1.95
CA THR A 60 -9.90 13.59 -3.28
C THR A 60 -9.85 12.08 -3.08
N LEU A 61 -8.94 11.60 -2.27
CA LEU A 61 -8.83 10.13 -2.03
C LEU A 61 -10.14 9.62 -1.42
N HIS A 62 -10.69 10.35 -0.48
CA HIS A 62 -11.96 9.91 0.16
C HIS A 62 -13.04 9.81 -0.92
N LYS A 63 -13.08 10.76 -1.82
CA LYS A 63 -14.09 10.72 -2.91
C LYS A 63 -13.88 9.46 -3.76
N SER A 64 -12.66 9.17 -4.08
CA SER A 64 -12.36 7.97 -4.90
C SER A 64 -12.48 6.73 -4.01
N ASN A 65 -12.80 6.92 -2.76
CA ASN A 65 -12.94 5.79 -1.80
C ASN A 65 -11.61 5.02 -1.73
N ILE A 66 -10.51 5.71 -1.79
CA ILE A 66 -9.17 5.05 -1.72
C ILE A 66 -8.49 5.48 -0.42
N TYR A 67 -8.02 4.54 0.35
CA TYR A 67 -7.35 4.85 1.65
C TYR A 67 -6.00 4.14 1.71
N PRO A 68 -4.95 4.75 1.21
CA PRO A 68 -3.59 4.13 1.22
C PRO A 68 -2.92 4.23 2.59
N PHE A 69 -2.16 3.22 2.96
CA PHE A 69 -1.49 3.26 4.29
C PHE A 69 -0.23 2.39 4.26
N ILE A 70 0.64 2.59 5.22
CA ILE A 70 1.91 1.81 5.29
C ILE A 70 2.13 1.32 6.72
N LEU A 71 2.78 0.21 6.88
CA LEU A 71 3.05 -0.35 8.24
C LEU A 71 4.51 -0.11 8.60
N TYR A 72 4.75 0.42 9.78
CA TYR A 72 6.15 0.71 10.22
C TYR A 72 6.43 0.03 11.56
N TYR A 73 7.50 -0.70 11.65
CA TYR A 73 7.84 -1.39 12.93
C TYR A 73 9.28 -1.93 12.87
N GLN A 74 10.16 -1.41 13.68
CA GLN A 74 11.57 -1.88 13.67
C GLN A 74 12.14 -1.81 12.25
N LYS A 75 11.86 -2.82 11.45
CA LYS A 75 12.38 -2.82 10.06
C LYS A 75 11.70 -1.71 9.25
N GLN A 76 11.03 -0.81 9.93
CA GLN A 76 10.36 0.32 9.23
C GLN A 76 9.40 -0.22 8.17
N LEU A 77 9.63 0.15 6.93
CA LEU A 77 8.75 -0.31 5.83
C LEU A 77 8.64 -1.83 5.81
N ILE A 78 7.49 -2.35 6.14
CA ILE A 78 7.28 -3.83 6.14
C ILE A 78 6.29 -4.20 5.03
N ALA A 79 5.22 -3.47 4.94
CA ALA A 79 4.21 -3.77 3.88
C ALA A 79 3.42 -2.52 3.54
N ILE A 80 2.91 -2.44 2.34
CA ILE A 80 2.12 -1.25 1.92
C ILE A 80 0.85 -1.74 1.22
N GLY A 81 -0.20 -0.97 1.23
CA GLY A 81 -1.44 -1.42 0.55
C GLY A 81 -2.50 -0.33 0.62
N PHE A 82 -3.63 -0.54 0.00
CA PHE A 82 -4.71 0.49 0.04
C PHE A 82 -6.07 -0.19 -0.05
N ILE A 83 -7.09 0.46 0.48
CA ILE A 83 -8.46 -0.11 0.44
C ILE A 83 -9.30 0.62 -0.61
N ASP A 84 -9.80 -0.10 -1.58
CA ASP A 84 -10.60 0.53 -2.67
C ASP A 84 -12.10 0.44 -2.35
N GLU A 85 -12.88 1.30 -2.94
CA GLU A 85 -14.35 1.28 -2.69
C GLU A 85 -14.61 1.24 -1.19
N ASN A 86 -13.63 1.58 -0.40
CA ASN A 86 -13.82 1.57 1.08
C ASN A 86 -14.26 0.18 1.54
N HIS A 87 -13.73 -0.86 0.94
CA HIS A 87 -14.10 -2.23 1.35
C HIS A 87 -13.06 -3.22 0.86
N ASP A 88 -12.85 -3.29 -0.42
CA ASP A 88 -11.85 -4.23 -0.98
C ASP A 88 -10.44 -3.83 -0.54
N MET A 89 -9.70 -4.75 0.03
CA MET A 89 -8.31 -4.44 0.48
C MET A 89 -7.31 -5.00 -0.53
N ASP A 90 -6.67 -4.13 -1.27
CA ASP A 90 -5.67 -4.58 -2.30
C ASP A 90 -4.26 -4.32 -1.80
N PHE A 91 -3.35 -5.24 -2.02
CA PHE A 91 -1.94 -5.05 -1.57
C PHE A 91 -1.03 -4.95 -2.79
N LEU A 92 -0.10 -4.01 -2.76
CA LEU A 92 0.81 -3.83 -3.92
C LEU A 92 2.14 -4.54 -3.65
N TYR A 93 2.88 -4.07 -2.68
CA TYR A 93 4.20 -4.70 -2.34
C TYR A 93 4.17 -5.21 -0.90
N LEU A 94 4.48 -6.47 -0.72
CA LEU A 94 4.49 -7.07 0.66
C LEU A 94 5.90 -7.57 0.99
N HIS A 95 6.45 -7.10 2.08
CA HIS A 95 7.82 -7.54 2.50
C HIS A 95 7.75 -8.01 3.95
N ASN A 96 7.79 -9.30 4.16
CA ASN A 96 7.71 -9.83 5.54
C ASN A 96 9.06 -9.71 6.25
N THR A 97 9.10 -10.01 7.50
CA THR A 97 10.36 -9.91 8.29
C THR A 97 11.39 -10.93 7.76
N VAL A 98 10.94 -12.07 7.31
CA VAL A 98 11.90 -13.11 6.82
C VAL A 98 12.11 -12.96 5.30
N MET A 99 11.06 -12.98 4.52
CA MET A 99 11.24 -12.86 3.04
C MET A 99 9.92 -12.37 2.41
N PRO A 100 9.99 -11.61 1.34
CA PRO A 100 8.79 -11.09 0.64
C PRO A 100 7.98 -12.20 -0.05
N LEU A 101 6.69 -12.04 -0.11
CA LEU A 101 5.82 -13.07 -0.77
C LEU A 101 5.29 -12.55 -2.10
N LEU A 102 4.82 -11.33 -2.16
CA LEU A 102 4.29 -10.75 -3.43
C LEU A 102 5.04 -9.46 -3.77
N ASP A 103 5.31 -9.25 -5.03
CA ASP A 103 6.03 -8.02 -5.44
C ASP A 103 5.95 -7.87 -6.96
N GLN A 104 5.26 -6.87 -7.45
CA GLN A 104 5.14 -6.67 -8.93
C GLN A 104 5.98 -5.46 -9.34
N ARG A 105 6.99 -5.68 -10.13
CA ARG A 105 7.86 -4.56 -10.58
C ARG A 105 7.06 -3.62 -11.49
N TYR A 106 6.18 -4.16 -12.28
CA TYR A 106 5.38 -3.31 -13.21
C TYR A 106 4.64 -2.23 -12.42
N LEU A 107 3.98 -2.62 -11.36
CA LEU A 107 3.23 -1.62 -10.54
C LEU A 107 4.20 -0.63 -9.89
N LEU A 108 5.33 -1.08 -9.42
CA LEU A 108 6.30 -0.15 -8.76
C LEU A 108 7.14 0.56 -9.83
N THR A 109 6.94 0.24 -11.07
CA THR A 109 7.73 0.90 -12.16
C THR A 109 6.90 2.07 -12.72
N GLY A 110 5.63 2.10 -12.42
CA GLY A 110 4.77 3.21 -12.91
C GLY A 110 4.60 3.13 -14.43
N GLY A 111 3.81 4.00 -14.99
CA GLY A 111 3.61 4.00 -16.46
C GLY A 111 2.65 2.87 -16.87
N GLN A 112 2.14 2.92 -18.06
CA GLN A 112 1.21 1.86 -18.54
C GLN A 112 2.01 0.75 -19.23
N LEU A 113 1.41 -0.39 -19.45
CA LEU A 113 2.14 -1.50 -20.11
C LEU A 113 2.15 -1.25 -21.63
N GLU A 114 3.30 -1.07 -22.21
CA GLU A 114 3.39 -0.83 -23.68
C GLU A 114 3.64 -2.16 -24.39
N HIS A 115 3.12 -2.31 -25.58
CA HIS A 115 3.32 -3.58 -26.35
C HIS A 115 3.70 -3.24 -27.79
N HIS A 116 4.85 -3.69 -28.23
CA HIS A 116 5.30 -3.40 -29.63
C HIS A 116 5.33 -1.89 -29.88
N HIS A 117 6.09 -1.46 -30.85
CA HIS A 117 6.17 0.00 -31.16
C HIS A 117 5.19 0.36 -32.27
N HIS A 118 4.03 0.83 -31.89
CA HIS A 118 3.02 1.22 -32.91
C HIS A 118 3.53 2.42 -33.71
N HIS A 119 4.16 3.35 -33.06
CA HIS A 119 4.68 4.55 -33.75
C HIS A 119 5.95 4.19 -34.53
N HIS A 120 6.18 4.86 -35.64
CA HIS A 120 7.40 4.57 -36.45
C HIS A 120 7.75 5.78 -37.29
N MET A 1 12.07 4.27 1.87
CA MET A 1 12.99 4.42 0.71
C MET A 1 12.27 5.17 -0.42
N THR A 2 12.23 4.59 -1.59
CA THR A 2 11.54 5.25 -2.74
C THR A 2 10.16 4.61 -2.93
N LEU A 3 9.85 3.65 -2.10
CA LEU A 3 8.51 2.98 -2.20
C LEU A 3 7.41 4.00 -1.92
N GLU A 4 7.62 4.84 -0.95
CA GLU A 4 6.60 5.85 -0.59
C GLU A 4 6.32 6.76 -1.79
N LEU A 5 7.35 7.30 -2.39
CA LEU A 5 7.16 8.20 -3.56
C LEU A 5 6.56 7.42 -4.73
N GLN A 6 7.05 6.25 -4.98
CA GLN A 6 6.51 5.44 -6.11
C GLN A 6 5.06 5.05 -5.81
N LEU A 7 4.77 4.80 -4.56
CA LEU A 7 3.38 4.42 -4.19
C LEU A 7 2.42 5.58 -4.52
N LYS A 8 2.81 6.77 -4.18
CA LYS A 8 1.95 7.96 -4.46
C LYS A 8 1.84 8.17 -5.97
N HIS A 9 2.95 8.06 -6.65
CA HIS A 9 2.94 8.26 -8.12
C HIS A 9 2.15 7.15 -8.81
N TYR A 10 2.35 5.93 -8.38
CA TYR A 10 1.61 4.79 -9.01
C TYR A 10 0.11 4.96 -8.78
N ILE A 11 -0.27 5.20 -7.56
CA ILE A 11 -1.73 5.36 -7.24
C ILE A 11 -2.29 6.60 -7.94
N THR A 12 -1.57 7.68 -7.89
CA THR A 12 -2.07 8.93 -8.52
C THR A 12 -2.13 8.77 -10.04
N ASN A 13 -1.25 8.00 -10.60
CA ASN A 13 -1.24 7.80 -12.08
C ASN A 13 -2.54 7.11 -12.52
N LEU A 14 -2.88 6.04 -11.87
CA LEU A 14 -4.12 5.28 -12.24
C LEU A 14 -5.38 6.13 -11.98
N PHE A 15 -5.43 6.82 -10.88
CA PHE A 15 -6.64 7.63 -10.57
C PHE A 15 -6.42 9.07 -11.05
N ASN A 16 -5.26 9.35 -11.58
CA ASN A 16 -4.95 10.73 -12.08
C ASN A 16 -5.17 11.76 -10.97
N LEU A 17 -4.80 11.40 -9.77
CA LEU A 17 -4.99 12.35 -8.62
C LEU A 17 -3.83 13.35 -8.61
N PRO A 18 -4.08 14.55 -8.15
CA PRO A 18 -3.03 15.61 -8.10
C PRO A 18 -1.88 15.23 -7.15
N ARG A 19 -0.66 15.38 -7.61
CA ARG A 19 0.52 15.03 -6.76
C ARG A 19 0.97 16.27 -5.97
N ASP A 20 0.49 17.43 -6.35
CA ASP A 20 0.90 18.68 -5.62
C ASP A 20 0.00 18.87 -4.40
N GLU A 21 -0.91 17.96 -4.17
CA GLU A 21 -1.82 18.09 -2.99
C GLU A 21 -1.32 17.20 -1.84
N LYS A 22 -1.00 17.80 -0.72
CA LYS A 22 -0.52 17.04 0.45
C LYS A 22 -1.69 16.38 1.18
N TRP A 23 -1.49 15.17 1.63
CA TRP A 23 -2.58 14.44 2.36
C TRP A 23 -2.30 14.44 3.86
N GLU A 24 -3.31 14.17 4.65
CA GLU A 24 -3.14 14.15 6.13
C GLU A 24 -3.21 12.70 6.60
N CYS A 25 -2.14 12.21 7.15
CA CYS A 25 -2.10 10.79 7.63
C CYS A 25 -2.31 10.72 9.14
N GLU A 26 -3.03 9.73 9.56
CA GLU A 26 -3.30 9.54 11.02
C GLU A 26 -2.50 8.34 11.51
N SER A 27 -1.78 8.52 12.59
CA SER A 27 -0.93 7.43 13.14
C SER A 27 -1.65 6.73 14.30
N ILE A 28 -1.86 5.45 14.16
CA ILE A 28 -2.54 4.66 15.24
C ILE A 28 -1.88 3.29 15.35
N GLU A 29 -1.90 2.73 16.52
CA GLU A 29 -1.30 1.39 16.74
C GLU A 29 -2.39 0.31 16.72
N GLU A 30 -2.29 -0.64 15.83
CA GLU A 30 -3.32 -1.71 15.75
C GLU A 30 -2.64 -3.06 15.49
N VAL A 31 -3.32 -4.13 15.80
CA VAL A 31 -2.75 -5.48 15.59
C VAL A 31 -2.86 -5.87 14.11
N ALA A 32 -1.81 -6.43 13.58
CA ALA A 32 -1.81 -6.84 12.14
C ALA A 32 -2.97 -7.81 11.87
N ASP A 33 -3.31 -8.64 12.83
CA ASP A 33 -4.43 -9.60 12.62
C ASP A 33 -5.78 -8.87 12.63
N ASP A 34 -5.76 -7.59 12.92
CA ASP A 34 -7.02 -6.79 12.97
C ASP A 34 -7.12 -5.91 11.70
N ILE A 35 -6.23 -6.09 10.77
CA ILE A 35 -6.26 -5.26 9.53
C ILE A 35 -5.80 -6.10 8.33
N LEU A 36 -4.91 -7.03 8.58
CA LEU A 36 -4.42 -7.89 7.46
C LEU A 36 -5.14 -9.24 7.47
N PRO A 37 -5.72 -9.66 6.37
CA PRO A 37 -6.42 -10.97 6.28
C PRO A 37 -5.57 -12.13 6.83
N ASP A 38 -6.22 -13.11 7.40
CA ASP A 38 -5.47 -14.27 7.95
C ASP A 38 -4.60 -14.89 6.84
N GLN A 39 -4.77 -14.40 5.64
CA GLN A 39 -3.96 -14.93 4.50
C GLN A 39 -2.48 -14.60 4.73
N TYR A 40 -2.20 -13.44 5.26
CA TYR A 40 -0.78 -13.03 5.51
C TYR A 40 -0.61 -12.61 6.97
N VAL A 41 -0.85 -13.52 7.89
CA VAL A 41 -0.69 -13.19 9.34
C VAL A 41 -0.24 -14.45 10.09
N ARG A 42 -0.79 -15.59 9.74
CA ARG A 42 -0.41 -16.86 10.41
C ARG A 42 0.92 -17.36 9.87
N LEU A 43 1.38 -16.77 8.81
CA LEU A 43 2.67 -17.20 8.19
C LEU A 43 3.81 -17.05 9.20
N GLY A 44 4.58 -16.01 9.06
CA GLY A 44 5.73 -15.78 9.98
C GLY A 44 5.26 -15.13 11.27
N PRO A 45 6.18 -14.56 12.02
CA PRO A 45 5.87 -13.89 13.30
C PRO A 45 4.82 -12.79 13.10
N LEU A 46 4.48 -12.52 11.88
CA LEU A 46 3.45 -11.49 11.59
C LEU A 46 2.19 -11.83 12.40
N SER A 47 2.18 -12.99 12.99
CA SER A 47 1.01 -13.42 13.79
C SER A 47 0.88 -12.62 15.09
N ASN A 48 -0.25 -12.00 15.28
CA ASN A 48 -0.51 -11.21 16.52
C ASN A 48 0.58 -10.15 16.72
N LYS A 49 1.05 -9.57 15.66
CA LYS A 49 2.10 -8.52 15.78
C LYS A 49 1.46 -7.13 15.81
N ILE A 50 1.98 -6.26 16.63
CA ILE A 50 1.42 -4.89 16.73
C ILE A 50 2.21 -3.97 15.81
N LEU A 51 1.60 -3.55 14.73
CA LEU A 51 2.30 -2.66 13.74
C LEU A 51 1.63 -1.29 13.70
N GLN A 52 2.40 -0.28 13.41
CA GLN A 52 1.85 1.10 13.34
C GLN A 52 1.10 1.29 12.02
N THR A 53 -0.19 1.30 12.08
CA THR A 53 -1.01 1.47 10.86
C THR A 53 -1.09 2.95 10.49
N ASN A 54 -0.76 3.29 9.27
CA ASN A 54 -0.83 4.71 8.82
C ASN A 54 -1.90 4.85 7.74
N THR A 55 -2.98 5.50 8.07
CA THR A 55 -4.09 5.68 7.08
C THR A 55 -4.00 7.08 6.49
N TYR A 56 -4.05 7.19 5.19
CA TYR A 56 -3.97 8.53 4.53
C TYR A 56 -5.35 8.95 4.06
N TYR A 57 -5.72 10.16 4.35
CA TYR A 57 -7.07 10.66 3.93
C TYR A 57 -6.94 12.12 3.51
N SER A 58 -7.43 12.44 2.34
CA SER A 58 -7.35 13.84 1.83
C SER A 58 -8.68 14.23 1.17
N ASP A 59 -8.76 15.42 0.67
CA ASP A 59 -10.02 15.87 0.00
C ASP A 59 -10.30 15.00 -1.23
N THR A 60 -9.34 14.89 -2.10
CA THR A 60 -9.51 14.09 -3.34
C THR A 60 -9.70 12.60 -3.00
N LEU A 61 -8.94 12.11 -2.06
CA LEU A 61 -9.06 10.67 -1.68
C LEU A 61 -10.43 10.40 -1.06
N HIS A 62 -10.92 11.33 -0.29
CA HIS A 62 -12.25 11.13 0.36
C HIS A 62 -13.33 10.91 -0.72
N LYS A 63 -13.34 11.74 -1.73
CA LYS A 63 -14.35 11.59 -2.82
C LYS A 63 -14.11 10.29 -3.58
N SER A 64 -12.88 9.95 -3.82
CA SER A 64 -12.59 8.69 -4.57
C SER A 64 -12.89 7.50 -3.66
N ASN A 65 -13.14 7.77 -2.41
CA ASN A 65 -13.46 6.67 -1.44
C ASN A 65 -12.29 5.68 -1.36
N ILE A 66 -11.08 6.18 -1.48
CA ILE A 66 -9.87 5.30 -1.39
C ILE A 66 -8.97 5.79 -0.26
N TYR A 67 -8.55 4.89 0.59
CA TYR A 67 -7.66 5.27 1.74
C TYR A 67 -6.35 4.44 1.68
N PRO A 68 -5.28 5.01 1.17
CA PRO A 68 -3.97 4.29 1.11
C PRO A 68 -3.56 3.73 2.46
N PHE A 69 -3.00 2.54 2.47
CA PHE A 69 -2.59 1.91 3.77
C PHE A 69 -1.11 1.54 3.74
N ILE A 70 -0.36 2.01 4.70
CA ILE A 70 1.09 1.68 4.77
C ILE A 70 1.43 1.29 6.20
N LEU A 71 2.05 0.17 6.39
CA LEU A 71 2.41 -0.29 7.77
C LEU A 71 3.90 -0.05 8.02
N TYR A 72 4.22 0.38 9.21
CA TYR A 72 5.64 0.65 9.58
C TYR A 72 6.03 -0.19 10.79
N TYR A 73 7.25 -0.65 10.80
CA TYR A 73 7.75 -1.47 11.94
C TYR A 73 9.20 -1.06 12.23
N GLN A 74 9.44 -0.58 13.42
CA GLN A 74 10.81 -0.14 13.82
C GLN A 74 11.31 0.93 12.84
N LYS A 75 11.74 0.54 11.68
CA LYS A 75 12.25 1.54 10.69
C LYS A 75 11.84 1.12 9.28
N GLN A 76 11.68 -0.16 9.05
CA GLN A 76 11.31 -0.64 7.68
C GLN A 76 9.81 -0.93 7.59
N LEU A 77 9.27 -0.80 6.41
CA LEU A 77 7.82 -1.06 6.20
C LEU A 77 7.53 -2.56 6.21
N ILE A 78 6.31 -2.91 6.47
CA ILE A 78 5.91 -4.35 6.51
C ILE A 78 5.03 -4.69 5.30
N ALA A 79 4.21 -3.76 4.88
CA ALA A 79 3.33 -4.07 3.71
C ALA A 79 2.77 -2.78 3.10
N ILE A 80 2.42 -2.85 1.85
CA ILE A 80 1.85 -1.66 1.14
C ILE A 80 0.61 -2.07 0.38
N GLY A 81 -0.41 -1.26 0.42
CA GLY A 81 -1.66 -1.60 -0.32
C GLY A 81 -2.68 -0.46 -0.19
N PHE A 82 -3.59 -0.38 -1.11
CA PHE A 82 -4.62 0.71 -1.09
C PHE A 82 -5.99 0.09 -0.83
N ILE A 83 -6.80 0.73 -0.02
CA ILE A 83 -8.15 0.18 0.28
C ILE A 83 -9.20 0.86 -0.58
N ASP A 84 -9.87 0.10 -1.40
CA ASP A 84 -10.92 0.67 -2.29
C ASP A 84 -12.27 0.70 -1.58
N GLU A 85 -12.95 1.81 -1.66
CA GLU A 85 -14.29 1.94 -1.00
C GLU A 85 -14.18 1.59 0.48
N ASN A 86 -14.62 0.42 0.85
CA ASN A 86 -14.57 0.00 2.28
C ASN A 86 -13.67 -1.24 2.41
N HIS A 87 -13.41 -1.90 1.31
CA HIS A 87 -12.55 -3.13 1.36
C HIS A 87 -11.95 -3.40 -0.02
N ASP A 88 -11.78 -4.66 -0.37
CA ASP A 88 -11.20 -5.01 -1.70
C ASP A 88 -9.82 -4.35 -1.83
N MET A 89 -9.08 -4.33 -0.76
CA MET A 89 -7.74 -3.70 -0.78
C MET A 89 -6.72 -4.63 -1.47
N ASP A 90 -5.83 -4.06 -2.22
CA ASP A 90 -4.79 -4.87 -2.91
C ASP A 90 -3.41 -4.52 -2.37
N PHE A 91 -2.51 -5.47 -2.39
CA PHE A 91 -1.13 -5.22 -1.88
C PHE A 91 -0.18 -5.05 -3.07
N LEU A 92 0.16 -3.84 -3.37
CA LEU A 92 1.10 -3.57 -4.50
C LEU A 92 2.49 -4.11 -4.14
N TYR A 93 2.89 -3.95 -2.91
CA TYR A 93 4.23 -4.45 -2.50
C TYR A 93 4.17 -4.97 -1.07
N LEU A 94 4.61 -6.18 -0.88
CA LEU A 94 4.59 -6.80 0.48
C LEU A 94 6.02 -7.01 0.98
N HIS A 95 6.30 -6.59 2.18
CA HIS A 95 7.68 -6.76 2.75
C HIS A 95 7.61 -7.46 4.10
N ASN A 96 8.01 -8.70 4.15
CA ASN A 96 7.98 -9.46 5.43
C ASN A 96 9.38 -9.43 6.07
N THR A 97 9.56 -8.58 7.04
CA THR A 97 10.88 -8.46 7.73
C THR A 97 12.01 -8.41 6.70
N VAL A 98 12.67 -9.52 6.50
CA VAL A 98 13.81 -9.58 5.54
C VAL A 98 13.56 -10.72 4.53
N MET A 99 12.33 -11.12 4.37
CA MET A 99 12.01 -12.22 3.41
C MET A 99 10.66 -11.93 2.73
N PRO A 100 10.65 -10.99 1.81
CA PRO A 100 9.41 -10.61 1.07
C PRO A 100 8.82 -11.78 0.26
N LEU A 101 7.52 -11.87 0.21
CA LEU A 101 6.85 -12.97 -0.55
C LEU A 101 6.42 -12.46 -1.93
N LEU A 102 5.50 -11.54 -1.96
CA LEU A 102 5.01 -11.01 -3.27
C LEU A 102 6.03 -10.03 -3.84
N ASP A 103 6.04 -8.82 -3.31
CA ASP A 103 6.99 -7.79 -3.80
C ASP A 103 7.14 -7.86 -5.33
N GLN A 104 6.26 -7.20 -6.04
CA GLN A 104 6.33 -7.22 -7.54
C GLN A 104 6.61 -5.81 -8.07
N ARG A 105 7.74 -5.67 -8.70
CA ARG A 105 8.13 -4.35 -9.27
C ARG A 105 7.16 -3.99 -10.40
N TYR A 106 6.69 -4.97 -11.10
CA TYR A 106 5.76 -4.71 -12.22
C TYR A 106 4.57 -3.90 -11.72
N LEU A 107 4.03 -4.29 -10.60
CA LEU A 107 2.86 -3.55 -10.02
C LEU A 107 3.30 -2.15 -9.61
N LEU A 108 4.45 -2.03 -9.02
CA LEU A 108 4.93 -0.68 -8.60
C LEU A 108 5.14 0.20 -9.83
N THR A 109 5.68 -0.34 -10.88
CA THR A 109 5.91 0.44 -12.12
C THR A 109 4.79 0.17 -13.12
N GLY A 110 3.81 -0.59 -12.71
CA GLY A 110 2.67 -0.90 -13.62
C GLY A 110 3.06 -1.93 -14.68
N GLY A 111 2.11 -2.31 -15.49
CA GLY A 111 2.38 -3.33 -16.56
C GLY A 111 3.16 -2.69 -17.71
N GLN A 112 4.14 -3.38 -18.21
CA GLN A 112 4.96 -2.83 -19.34
C GLN A 112 4.46 -3.40 -20.67
N LEU A 113 4.25 -2.54 -21.63
CA LEU A 113 3.76 -2.99 -22.97
C LEU A 113 4.88 -3.67 -23.75
N GLU A 114 4.55 -4.75 -24.41
CA GLU A 114 5.57 -5.50 -25.21
C GLU A 114 5.69 -4.93 -26.62
N HIS A 115 6.29 -5.69 -27.50
CA HIS A 115 6.47 -5.23 -28.91
C HIS A 115 7.16 -3.86 -28.91
N HIS A 116 7.86 -3.57 -27.85
CA HIS A 116 8.59 -2.27 -27.77
C HIS A 116 9.86 -2.34 -28.64
N HIS A 117 9.95 -3.33 -29.48
CA HIS A 117 11.15 -3.44 -30.37
C HIS A 117 11.24 -2.21 -31.26
N HIS A 118 10.13 -1.79 -31.80
CA HIS A 118 10.14 -0.59 -32.69
C HIS A 118 8.77 0.07 -32.68
N HIS A 119 8.73 1.36 -32.90
CA HIS A 119 7.43 2.09 -32.91
C HIS A 119 7.57 3.34 -33.78
N HIS A 120 8.75 3.90 -33.82
CA HIS A 120 8.98 5.13 -34.65
C HIS A 120 9.07 4.74 -36.13
N MET A 1 13.46 3.71 -4.74
CA MET A 1 13.82 4.29 -3.42
C MET A 1 12.62 5.01 -2.83
N THR A 2 12.72 5.39 -1.57
CA THR A 2 11.60 6.10 -0.88
C THR A 2 10.25 5.51 -1.29
N LEU A 3 9.86 4.44 -0.66
CA LEU A 3 8.57 3.78 -1.00
C LEU A 3 7.40 4.73 -0.69
N GLU A 4 7.48 5.43 0.41
CA GLU A 4 6.39 6.36 0.78
C GLU A 4 6.04 7.28 -0.40
N LEU A 5 7.00 7.98 -0.91
CA LEU A 5 6.75 8.90 -2.06
C LEU A 5 6.30 8.10 -3.27
N GLN A 6 6.89 6.95 -3.47
CA GLN A 6 6.51 6.10 -4.64
C GLN A 6 5.05 5.69 -4.52
N LEU A 7 4.60 5.41 -3.33
CA LEU A 7 3.17 5.00 -3.14
C LEU A 7 2.25 6.14 -3.57
N LYS A 8 2.57 7.34 -3.14
CA LYS A 8 1.73 8.52 -3.50
C LYS A 8 1.78 8.73 -5.02
N HIS A 9 2.95 8.56 -5.59
CA HIS A 9 3.09 8.76 -7.05
C HIS A 9 2.34 7.64 -7.81
N TYR A 10 2.52 6.43 -7.36
CA TYR A 10 1.84 5.27 -8.03
C TYR A 10 0.32 5.38 -7.90
N ILE A 11 -0.16 5.57 -6.70
CA ILE A 11 -1.63 5.67 -6.49
C ILE A 11 -2.19 6.94 -7.13
N THR A 12 -1.49 8.03 -7.00
CA THR A 12 -1.97 9.32 -7.57
C THR A 12 -2.07 9.23 -9.10
N ASN A 13 -1.05 8.69 -9.73
CA ASN A 13 -1.06 8.58 -11.22
C ASN A 13 -2.11 7.57 -11.66
N LEU A 14 -2.29 6.52 -10.91
CA LEU A 14 -3.27 5.47 -11.29
C LEU A 14 -4.69 6.05 -11.37
N PHE A 15 -5.06 6.87 -10.43
CA PHE A 15 -6.43 7.46 -10.43
C PHE A 15 -6.41 8.82 -11.14
N ASN A 16 -5.32 9.12 -11.80
CA ASN A 16 -5.21 10.41 -12.54
C ASN A 16 -5.50 11.58 -11.60
N LEU A 17 -5.08 11.47 -10.36
CA LEU A 17 -5.32 12.55 -9.37
C LEU A 17 -4.12 13.53 -9.38
N PRO A 18 -4.36 14.78 -9.10
CA PRO A 18 -3.29 15.83 -9.08
C PRO A 18 -2.27 15.60 -7.95
N ARG A 19 -1.03 15.88 -8.22
CA ARG A 19 0.04 15.71 -7.18
C ARG A 19 0.13 16.98 -6.34
N ASP A 20 -0.52 18.03 -6.75
CA ASP A 20 -0.47 19.30 -5.98
C ASP A 20 -1.43 19.20 -4.79
N GLU A 21 -2.10 18.08 -4.65
CA GLU A 21 -3.05 17.90 -3.52
C GLU A 21 -2.29 17.42 -2.28
N LYS A 22 -2.30 18.22 -1.24
CA LYS A 22 -1.58 17.84 0.01
C LYS A 22 -2.33 16.73 0.74
N TRP A 23 -1.61 15.77 1.23
CA TRP A 23 -2.24 14.62 1.95
C TRP A 23 -2.13 14.82 3.46
N GLU A 24 -3.04 14.23 4.20
CA GLU A 24 -3.02 14.35 5.68
C GLU A 24 -2.60 13.01 6.28
N CYS A 25 -1.47 13.00 6.94
CA CYS A 25 -0.96 11.73 7.55
C CYS A 25 -1.65 11.45 8.88
N GLU A 26 -1.91 10.20 9.15
CA GLU A 26 -2.57 9.82 10.43
C GLU A 26 -1.93 8.52 10.93
N SER A 27 -0.96 8.65 11.81
CA SER A 27 -0.27 7.44 12.34
C SER A 27 -1.10 6.79 13.44
N ILE A 28 -1.23 5.50 13.39
CA ILE A 28 -2.01 4.76 14.42
C ILE A 28 -1.48 3.33 14.52
N GLU A 29 -1.39 2.80 15.70
CA GLU A 29 -0.87 1.42 15.89
C GLU A 29 -2.03 0.42 15.95
N GLU A 30 -2.00 -0.57 15.09
CA GLU A 30 -3.10 -1.58 15.06
C GLU A 30 -2.54 -2.97 14.82
N VAL A 31 -3.29 -3.98 15.17
CA VAL A 31 -2.83 -5.38 14.99
C VAL A 31 -2.79 -5.72 13.50
N ALA A 32 -1.75 -6.39 13.09
CA ALA A 32 -1.62 -6.78 11.65
C ALA A 32 -2.84 -7.57 11.20
N ASP A 33 -3.32 -8.46 12.03
CA ASP A 33 -4.50 -9.28 11.66
C ASP A 33 -5.72 -8.37 11.44
N ASP A 34 -5.84 -7.34 12.22
CA ASP A 34 -7.03 -6.43 12.09
C ASP A 34 -6.99 -5.69 10.75
N ILE A 35 -5.85 -5.18 10.36
CA ILE A 35 -5.76 -4.43 9.06
C ILE A 35 -5.27 -5.36 7.96
N LEU A 36 -4.73 -6.51 8.32
CA LEU A 36 -4.23 -7.47 7.29
C LEU A 36 -4.96 -8.81 7.47
N PRO A 37 -5.94 -9.09 6.67
CA PRO A 37 -6.70 -10.36 6.76
C PRO A 37 -5.78 -11.59 6.87
N ASP A 38 -6.31 -12.68 7.33
CA ASP A 38 -5.50 -13.93 7.49
C ASP A 38 -5.05 -14.40 6.10
N GLN A 39 -5.70 -13.92 5.08
CA GLN A 39 -5.33 -14.33 3.69
C GLN A 39 -3.82 -14.31 3.53
N TYR A 40 -3.15 -13.39 4.16
CA TYR A 40 -1.66 -13.31 4.06
C TYR A 40 -1.04 -13.47 5.45
N VAL A 41 -1.87 -13.68 6.45
CA VAL A 41 -1.35 -13.85 7.84
C VAL A 41 -1.97 -15.12 8.43
N ARG A 42 -1.66 -16.24 7.84
CA ARG A 42 -2.20 -17.54 8.33
C ARG A 42 -1.67 -17.81 9.74
N LEU A 43 -0.39 -17.59 9.95
CA LEU A 43 0.20 -17.82 11.30
C LEU A 43 1.65 -17.32 11.31
N GLY A 44 1.96 -16.38 10.45
CA GLY A 44 3.36 -15.84 10.38
C GLY A 44 3.64 -14.95 11.60
N PRO A 45 4.77 -14.28 11.58
CA PRO A 45 5.19 -13.36 12.69
C PRO A 45 4.14 -12.26 12.92
N LEU A 46 3.37 -11.95 11.91
CA LEU A 46 2.33 -10.89 12.03
C LEU A 46 1.05 -11.53 12.58
N SER A 47 1.16 -12.72 13.10
CA SER A 47 -0.04 -13.43 13.65
C SER A 47 -0.72 -12.53 14.69
N ASN A 48 0.05 -11.85 15.49
CA ASN A 48 -0.55 -10.95 16.53
C ASN A 48 0.42 -9.82 16.83
N LYS A 49 1.29 -9.51 15.90
CA LYS A 49 2.28 -8.42 16.11
C LYS A 49 1.66 -7.06 15.78
N ILE A 50 1.90 -6.09 16.62
CA ILE A 50 1.34 -4.72 16.38
C ILE A 50 2.21 -3.98 15.36
N LEU A 51 1.59 -3.53 14.30
CA LEU A 51 2.34 -2.79 13.23
C LEU A 51 1.93 -1.32 13.22
N GLN A 52 2.89 -0.45 13.17
CA GLN A 52 2.59 1.01 13.16
C GLN A 52 2.04 1.39 11.79
N THR A 53 0.75 1.48 11.68
CA THR A 53 0.12 1.83 10.38
C THR A 53 0.06 3.34 10.20
N ASN A 54 -0.07 3.79 8.98
CA ASN A 54 -0.14 5.25 8.69
C ASN A 54 -1.03 5.46 7.48
N THR A 55 -2.25 5.88 7.70
CA THR A 55 -3.20 6.11 6.57
C THR A 55 -3.21 7.57 6.17
N TYR A 56 -3.27 7.82 4.89
CA TYR A 56 -3.28 9.22 4.38
C TYR A 56 -4.70 9.55 3.91
N TYR A 57 -5.21 10.71 4.26
CA TYR A 57 -6.59 11.07 3.85
C TYR A 57 -6.59 12.37 3.05
N SER A 58 -7.25 12.33 1.92
CA SER A 58 -7.36 13.52 1.03
C SER A 58 -8.81 13.66 0.56
N ASP A 59 -9.18 14.82 0.10
CA ASP A 59 -10.56 15.03 -0.40
C ASP A 59 -10.83 14.12 -1.59
N THR A 60 -9.92 14.10 -2.54
CA THR A 60 -10.09 13.25 -3.74
C THR A 60 -10.04 11.76 -3.33
N LEU A 61 -9.21 11.45 -2.37
CA LEU A 61 -9.10 10.03 -1.91
C LEU A 61 -10.42 9.56 -1.31
N HIS A 62 -11.05 10.41 -0.55
CA HIS A 62 -12.35 10.03 0.07
C HIS A 62 -13.40 9.84 -1.03
N LYS A 63 -13.41 10.72 -1.99
CA LYS A 63 -14.41 10.62 -3.10
C LYS A 63 -14.16 9.34 -3.90
N SER A 64 -12.92 9.03 -4.16
CA SER A 64 -12.61 7.80 -4.95
C SER A 64 -12.89 6.56 -4.10
N ASN A 65 -13.06 6.75 -2.82
CA ASN A 65 -13.35 5.62 -1.89
C ASN A 65 -12.08 4.79 -1.67
N ILE A 66 -10.94 5.39 -1.89
CA ILE A 66 -9.64 4.67 -1.69
C ILE A 66 -8.92 5.23 -0.48
N TYR A 67 -8.50 4.36 0.40
CA TYR A 67 -7.77 4.79 1.63
C TYR A 67 -6.44 4.04 1.71
N PRO A 68 -5.35 4.67 1.30
CA PRO A 68 -4.00 4.04 1.31
C PRO A 68 -3.31 4.10 2.68
N PHE A 69 -2.59 3.06 3.02
CA PHE A 69 -1.86 3.03 4.32
C PHE A 69 -0.61 2.18 4.19
N ILE A 70 0.34 2.40 5.05
CA ILE A 70 1.62 1.63 5.00
C ILE A 70 1.93 1.05 6.37
N LEU A 71 2.57 -0.08 6.39
CA LEU A 71 2.91 -0.76 7.68
C LEU A 71 4.40 -0.56 7.96
N TYR A 72 4.72 -0.08 9.13
CA TYR A 72 6.15 0.14 9.51
C TYR A 72 6.48 -0.65 10.78
N TYR A 73 7.67 -1.17 10.82
CA TYR A 73 8.11 -1.96 12.00
C TYR A 73 9.58 -1.66 12.29
N GLN A 74 9.88 -1.26 13.50
CA GLN A 74 11.28 -0.93 13.89
C GLN A 74 11.77 0.26 13.08
N LYS A 75 11.97 0.06 11.81
CA LYS A 75 12.45 1.17 10.94
C LYS A 75 12.15 0.80 9.49
N GLN A 76 12.22 -0.46 9.16
CA GLN A 76 11.95 -0.91 7.76
C GLN A 76 10.46 -1.19 7.57
N LEU A 77 9.98 -0.99 6.37
CA LEU A 77 8.54 -1.24 6.08
C LEU A 77 8.26 -2.73 5.98
N ILE A 78 7.05 -3.12 6.29
CA ILE A 78 6.66 -4.56 6.21
C ILE A 78 5.86 -4.80 4.93
N ALA A 79 4.86 -4.01 4.70
CA ALA A 79 4.03 -4.19 3.46
C ALA A 79 3.32 -2.90 3.10
N ILE A 80 2.88 -2.79 1.88
CA ILE A 80 2.18 -1.55 1.42
C ILE A 80 0.89 -1.94 0.68
N GLY A 81 -0.18 -1.23 0.95
CA GLY A 81 -1.46 -1.56 0.28
C GLY A 81 -2.50 -0.47 0.56
N PHE A 82 -3.68 -0.64 0.02
CA PHE A 82 -4.76 0.36 0.23
C PHE A 82 -6.12 -0.34 0.31
N ILE A 83 -7.11 0.32 0.86
CA ILE A 83 -8.46 -0.29 1.00
C ILE A 83 -9.32 0.10 -0.19
N ASP A 84 -9.83 -0.88 -0.89
CA ASP A 84 -10.70 -0.60 -2.07
C ASP A 84 -12.14 -0.39 -1.61
N GLU A 85 -12.81 0.55 -2.21
CA GLU A 85 -14.22 0.84 -1.82
C GLU A 85 -14.35 0.92 -0.31
N ASN A 86 -14.61 -0.20 0.32
CA ASN A 86 -14.74 -0.21 1.81
C ASN A 86 -14.29 -1.59 2.32
N HIS A 87 -13.64 -2.36 1.49
CA HIS A 87 -13.16 -3.70 1.92
C HIS A 87 -12.20 -4.29 0.87
N ASP A 88 -11.64 -5.44 1.17
CA ASP A 88 -10.69 -6.09 0.23
C ASP A 88 -9.54 -5.14 -0.08
N MET A 89 -8.49 -5.21 0.68
CA MET A 89 -7.32 -4.31 0.46
C MET A 89 -6.37 -4.92 -0.58
N ASP A 90 -5.97 -4.13 -1.53
CA ASP A 90 -5.05 -4.61 -2.60
C ASP A 90 -3.60 -4.46 -2.17
N PHE A 91 -2.77 -5.40 -2.54
CA PHE A 91 -1.33 -5.36 -2.14
C PHE A 91 -0.45 -4.84 -3.28
N LEU A 92 0.53 -4.03 -2.92
CA LEU A 92 1.49 -3.47 -3.92
C LEU A 92 2.87 -4.03 -3.57
N TYR A 93 3.12 -4.23 -2.31
CA TYR A 93 4.43 -4.78 -1.86
C TYR A 93 4.19 -5.61 -0.62
N LEU A 94 4.61 -6.86 -0.63
CA LEU A 94 4.39 -7.74 0.55
C LEU A 94 5.72 -8.30 1.04
N HIS A 95 6.10 -7.92 2.22
CA HIS A 95 7.37 -8.43 2.81
C HIS A 95 7.16 -8.67 4.31
N ASN A 96 7.01 -9.91 4.68
CA ASN A 96 6.79 -10.24 6.12
C ASN A 96 8.12 -10.62 6.75
N THR A 97 8.75 -9.68 7.43
CA THR A 97 10.05 -9.93 8.11
C THR A 97 10.87 -10.98 7.35
N VAL A 98 11.65 -10.54 6.40
CA VAL A 98 12.48 -11.50 5.60
C VAL A 98 11.60 -12.57 4.96
N MET A 99 10.66 -12.17 4.14
CA MET A 99 9.77 -13.16 3.48
C MET A 99 8.87 -12.46 2.43
N PRO A 100 9.39 -12.21 1.25
CA PRO A 100 8.62 -11.55 0.15
C PRO A 100 7.66 -12.52 -0.53
N LEU A 101 6.38 -12.33 -0.33
CA LEU A 101 5.37 -13.24 -0.95
C LEU A 101 4.99 -12.71 -2.34
N LEU A 102 5.40 -11.51 -2.68
CA LEU A 102 5.07 -10.94 -4.02
C LEU A 102 6.25 -10.14 -4.55
N ASP A 103 6.50 -9.00 -3.96
CA ASP A 103 7.63 -8.14 -4.40
C ASP A 103 7.49 -7.84 -5.90
N GLN A 104 6.27 -7.72 -6.36
CA GLN A 104 6.04 -7.44 -7.81
C GLN A 104 6.49 -6.01 -8.13
N ARG A 105 7.51 -5.90 -8.95
CA ARG A 105 8.03 -4.56 -9.34
C ARG A 105 7.10 -3.90 -10.36
N TYR A 106 6.60 -4.67 -11.30
CA TYR A 106 5.70 -4.09 -12.33
C TYR A 106 4.45 -3.55 -11.66
N LEU A 107 3.90 -4.28 -10.73
CA LEU A 107 2.68 -3.82 -10.04
C LEU A 107 3.00 -2.56 -9.23
N LEU A 108 4.15 -2.53 -8.63
CA LEU A 108 4.54 -1.36 -7.80
C LEU A 108 4.57 -0.09 -8.65
N THR A 109 5.17 -0.16 -9.82
CA THR A 109 5.24 1.04 -10.71
C THR A 109 4.59 0.70 -12.05
N GLY A 110 3.54 -0.07 -12.01
CA GLY A 110 2.82 -0.46 -13.26
C GLY A 110 2.19 0.76 -13.92
N GLY A 111 1.93 0.66 -15.20
CA GLY A 111 1.30 1.79 -15.93
C GLY A 111 1.34 1.49 -17.43
N GLN A 112 2.33 0.76 -17.88
CA GLN A 112 2.43 0.42 -19.32
C GLN A 112 1.47 -0.71 -19.68
N LEU A 113 0.85 -0.60 -20.82
CA LEU A 113 -0.11 -1.65 -21.27
C LEU A 113 0.63 -2.76 -22.02
N GLU A 114 0.36 -3.98 -21.66
CA GLU A 114 1.01 -5.15 -22.31
C GLU A 114 0.14 -5.61 -23.49
N HIS A 115 -0.73 -4.75 -23.95
CA HIS A 115 -1.62 -5.10 -25.09
C HIS A 115 -2.43 -6.35 -24.75
N HIS A 116 -3.41 -6.19 -23.90
CA HIS A 116 -4.26 -7.35 -23.50
C HIS A 116 -5.02 -7.89 -24.72
N HIS A 117 -5.53 -7.01 -25.54
CA HIS A 117 -6.29 -7.46 -26.74
C HIS A 117 -5.34 -8.06 -27.77
N HIS A 118 -5.68 -9.21 -28.28
CA HIS A 118 -4.82 -9.88 -29.30
C HIS A 118 -5.24 -9.40 -30.69
N HIS A 119 -6.35 -8.71 -30.78
CA HIS A 119 -6.82 -8.19 -32.09
C HIS A 119 -5.77 -7.24 -32.68
N HIS A 120 -5.22 -6.39 -31.86
CA HIS A 120 -4.20 -5.42 -32.35
C HIS A 120 -2.94 -6.17 -32.79
N MET A 1 9.11 7.37 2.83
CA MET A 1 10.13 7.96 1.93
C MET A 1 10.48 6.98 0.82
N THR A 2 11.22 7.42 -0.16
CA THR A 2 11.63 6.54 -1.29
C THR A 2 10.40 5.83 -1.87
N LEU A 3 10.06 4.71 -1.29
CA LEU A 3 8.90 3.91 -1.77
C LEU A 3 7.63 4.71 -1.58
N GLU A 4 7.53 5.39 -0.46
CA GLU A 4 6.31 6.20 -0.16
C GLU A 4 6.13 7.24 -1.25
N LEU A 5 7.21 7.85 -1.68
CA LEU A 5 7.15 8.89 -2.74
C LEU A 5 6.67 8.25 -4.03
N GLN A 6 7.19 7.08 -4.34
CA GLN A 6 6.79 6.36 -5.59
C GLN A 6 5.33 5.92 -5.47
N LEU A 7 4.93 5.52 -4.27
CA LEU A 7 3.54 5.05 -4.06
C LEU A 7 2.57 6.19 -4.34
N LYS A 8 2.91 7.38 -3.87
CA LYS A 8 2.02 8.55 -4.08
C LYS A 8 1.89 8.81 -5.57
N HIS A 9 2.99 8.77 -6.28
CA HIS A 9 2.97 9.02 -7.75
C HIS A 9 2.20 7.91 -8.43
N TYR A 10 2.42 6.68 -8.00
CA TYR A 10 1.74 5.51 -8.63
C TYR A 10 0.23 5.61 -8.41
N ILE A 11 -0.18 5.85 -7.19
CA ILE A 11 -1.63 5.94 -6.88
C ILE A 11 -2.23 7.14 -7.58
N THR A 12 -1.56 8.26 -7.52
CA THR A 12 -2.06 9.51 -8.16
C THR A 12 -2.05 9.36 -9.67
N ASN A 13 -1.02 8.74 -10.22
CA ASN A 13 -0.92 8.57 -11.70
C ASN A 13 -2.06 7.68 -12.20
N LEU A 14 -2.36 6.62 -11.47
CA LEU A 14 -3.44 5.69 -11.89
C LEU A 14 -4.78 6.40 -11.85
N PHE A 15 -5.01 7.17 -10.80
CA PHE A 15 -6.31 7.90 -10.66
C PHE A 15 -6.14 9.35 -11.06
N ASN A 16 -5.01 9.67 -11.66
CA ASN A 16 -4.73 11.06 -12.13
C ASN A 16 -5.14 12.06 -11.07
N LEU A 17 -4.72 11.84 -9.84
CA LEU A 17 -5.07 12.76 -8.73
C LEU A 17 -3.93 13.78 -8.54
N PRO A 18 -4.27 14.96 -8.12
CA PRO A 18 -3.30 16.06 -7.90
C PRO A 18 -2.24 15.70 -6.86
N ARG A 19 -0.98 15.92 -7.20
CA ARG A 19 0.14 15.61 -6.28
C ARG A 19 0.49 16.85 -5.46
N ASP A 20 -0.04 17.98 -5.85
CA ASP A 20 0.26 19.26 -5.12
C ASP A 20 -0.68 19.38 -3.92
N GLU A 21 -1.47 18.37 -3.68
CA GLU A 21 -2.43 18.39 -2.53
C GLU A 21 -1.88 17.52 -1.40
N LYS A 22 -1.62 18.13 -0.27
CA LYS A 22 -1.08 17.41 0.91
C LYS A 22 -2.22 16.73 1.65
N TRP A 23 -2.02 15.50 2.02
CA TRP A 23 -3.07 14.71 2.73
C TRP A 23 -2.78 14.74 4.22
N GLU A 24 -3.62 14.10 4.99
CA GLU A 24 -3.47 14.08 6.48
C GLU A 24 -3.08 12.68 6.94
N CYS A 25 -1.92 12.57 7.52
CA CYS A 25 -1.41 11.25 8.00
C CYS A 25 -2.03 10.88 9.34
N GLU A 26 -2.20 9.61 9.56
CA GLU A 26 -2.79 9.12 10.85
C GLU A 26 -1.97 7.94 11.37
N SER A 27 -1.23 8.19 12.41
CA SER A 27 -0.36 7.14 13.03
C SER A 27 -1.06 6.55 14.25
N ILE A 28 -1.20 5.25 14.25
CA ILE A 28 -1.87 4.55 15.38
C ILE A 28 -1.40 3.08 15.42
N GLU A 29 -1.37 2.50 16.60
CA GLU A 29 -0.91 1.08 16.74
C GLU A 29 -2.09 0.15 16.64
N GLU A 30 -2.03 -0.78 15.72
CA GLU A 30 -3.16 -1.76 15.53
C GLU A 30 -2.59 -3.17 15.30
N VAL A 31 -3.36 -4.15 15.68
CA VAL A 31 -2.95 -5.58 15.52
C VAL A 31 -3.03 -5.97 14.04
N ALA A 32 -2.13 -6.81 13.62
CA ALA A 32 -2.09 -7.24 12.20
C ALA A 32 -3.38 -7.97 11.85
N ASP A 33 -3.90 -8.74 12.77
CA ASP A 33 -5.15 -9.51 12.52
C ASP A 33 -6.35 -8.56 12.50
N ASP A 34 -6.15 -7.34 12.95
CA ASP A 34 -7.27 -6.34 12.98
C ASP A 34 -7.22 -5.51 11.71
N ILE A 35 -6.27 -5.77 10.84
CA ILE A 35 -6.15 -5.01 9.56
C ILE A 35 -5.80 -5.96 8.44
N LEU A 36 -4.80 -6.81 8.63
CA LEU A 36 -4.38 -7.75 7.57
C LEU A 36 -5.24 -9.02 7.65
N PRO A 37 -5.91 -9.37 6.57
CA PRO A 37 -6.77 -10.56 6.51
C PRO A 37 -6.04 -11.81 7.01
N ASP A 38 -6.76 -12.69 7.67
CA ASP A 38 -6.15 -13.92 8.25
C ASP A 38 -5.33 -14.64 7.19
N GLN A 39 -5.73 -14.49 5.94
CA GLN A 39 -5.01 -15.16 4.82
C GLN A 39 -3.60 -14.60 4.71
N TYR A 40 -3.42 -13.31 4.95
CA TYR A 40 -2.06 -12.70 4.83
C TYR A 40 -1.37 -12.71 6.19
N VAL A 41 -2.00 -13.30 7.18
CA VAL A 41 -1.40 -13.37 8.55
C VAL A 41 -1.03 -14.83 8.87
N ARG A 42 -1.23 -15.73 7.93
CA ARG A 42 -0.91 -17.16 8.15
C ARG A 42 0.57 -17.30 8.51
N LEU A 43 1.36 -16.30 8.16
CA LEU A 43 2.83 -16.35 8.45
C LEU A 43 3.07 -16.75 9.90
N GLY A 44 3.33 -15.79 10.75
CA GLY A 44 3.59 -16.09 12.18
C GLY A 44 4.18 -14.86 12.88
N PRO A 45 5.38 -14.47 12.52
CA PRO A 45 6.07 -13.31 13.14
C PRO A 45 5.18 -12.07 13.12
N LEU A 46 4.39 -11.93 12.07
CA LEU A 46 3.47 -10.77 11.94
C LEU A 46 2.15 -11.08 12.63
N SER A 47 1.98 -12.33 13.02
CA SER A 47 0.72 -12.77 13.69
C SER A 47 0.62 -12.18 15.10
N ASN A 48 -0.55 -11.71 15.43
CA ASN A 48 -0.82 -11.10 16.77
C ASN A 48 0.19 -10.01 17.07
N LYS A 49 1.05 -9.70 16.12
CA LYS A 49 2.07 -8.65 16.34
C LYS A 49 1.47 -7.27 16.07
N ILE A 50 1.81 -6.32 16.89
CA ILE A 50 1.28 -4.94 16.74
C ILE A 50 2.13 -4.18 15.74
N LEU A 51 1.54 -3.79 14.64
CA LEU A 51 2.26 -3.04 13.58
C LEU A 51 1.79 -1.57 13.58
N GLN A 52 2.72 -0.67 13.42
CA GLN A 52 2.38 0.78 13.41
C GLN A 52 1.68 1.12 12.10
N THR A 53 0.39 1.27 12.18
CA THR A 53 -0.43 1.58 10.97
C THR A 53 -0.33 3.07 10.65
N ASN A 54 -0.16 3.37 9.39
CA ASN A 54 -0.07 4.80 8.95
C ASN A 54 -0.95 4.99 7.74
N THR A 55 -2.14 5.48 7.96
CA THR A 55 -3.12 5.68 6.85
C THR A 55 -3.30 7.17 6.59
N TYR A 56 -3.27 7.54 5.34
CA TYR A 56 -3.45 8.97 4.95
C TYR A 56 -4.76 9.13 4.20
N TYR A 57 -5.47 10.19 4.46
CA TYR A 57 -6.78 10.43 3.79
C TYR A 57 -6.87 11.86 3.30
N SER A 58 -7.43 12.03 2.13
CA SER A 58 -7.60 13.37 1.51
C SER A 58 -8.99 13.49 0.91
N ASP A 59 -9.37 14.69 0.56
CA ASP A 59 -10.73 14.94 -0.02
C ASP A 59 -10.85 14.21 -1.35
N THR A 60 -9.83 14.29 -2.17
CA THR A 60 -9.86 13.63 -3.52
C THR A 60 -9.84 12.12 -3.34
N LEU A 61 -9.11 11.64 -2.36
CA LEU A 61 -9.00 10.18 -2.11
C LEU A 61 -10.35 9.61 -1.72
N HIS A 62 -11.09 10.32 -0.90
CA HIS A 62 -12.42 9.84 -0.45
C HIS A 62 -13.38 9.79 -1.62
N LYS A 63 -13.33 10.81 -2.47
CA LYS A 63 -14.24 10.86 -3.65
C LYS A 63 -13.93 9.70 -4.58
N SER A 64 -12.66 9.42 -4.76
CA SER A 64 -12.24 8.31 -5.67
C SER A 64 -12.41 6.98 -4.94
N ASN A 65 -12.77 7.05 -3.68
CA ASN A 65 -12.99 5.82 -2.85
C ASN A 65 -11.70 5.03 -2.76
N ILE A 66 -10.57 5.71 -2.80
CA ILE A 66 -9.25 5.01 -2.70
C ILE A 66 -8.57 5.45 -1.41
N TYR A 67 -8.14 4.50 -0.61
CA TYR A 67 -7.49 4.82 0.68
C TYR A 67 -6.06 4.22 0.71
N PRO A 68 -5.06 5.06 0.77
CA PRO A 68 -3.65 4.63 0.82
C PRO A 68 -3.26 4.14 2.22
N PHE A 69 -2.86 2.89 2.30
CA PHE A 69 -2.48 2.31 3.62
C PHE A 69 -1.04 1.80 3.58
N ILE A 70 -0.27 2.20 4.55
CA ILE A 70 1.16 1.77 4.62
C ILE A 70 1.46 1.27 6.03
N LEU A 71 2.12 0.14 6.13
CA LEU A 71 2.45 -0.45 7.45
C LEU A 71 3.92 -0.22 7.79
N TYR A 72 4.16 0.19 9.00
CA TYR A 72 5.56 0.47 9.47
C TYR A 72 5.77 -0.23 10.82
N TYR A 73 7.01 -0.47 11.15
CA TYR A 73 7.36 -1.13 12.45
C TYR A 73 8.67 -0.56 12.98
N GLN A 74 8.58 0.15 14.08
CA GLN A 74 9.77 0.77 14.75
C GLN A 74 10.47 1.71 13.78
N LYS A 75 11.11 1.18 12.78
CA LYS A 75 11.81 2.03 11.78
C LYS A 75 12.13 1.19 10.54
N GLN A 76 11.11 0.71 9.86
CA GLN A 76 11.32 -0.10 8.63
C GLN A 76 9.99 -0.38 7.94
N LEU A 77 10.03 -0.49 6.63
CA LEU A 77 8.80 -0.75 5.83
C LEU A 77 8.43 -2.23 5.91
N ILE A 78 7.19 -2.51 6.19
CA ILE A 78 6.71 -3.91 6.29
C ILE A 78 5.89 -4.26 5.05
N ALA A 79 4.97 -3.41 4.65
CA ALA A 79 4.14 -3.70 3.45
C ALA A 79 3.47 -2.43 2.94
N ILE A 80 3.08 -2.45 1.69
CA ILE A 80 2.40 -1.27 1.07
C ILE A 80 1.15 -1.75 0.32
N GLY A 81 0.06 -1.06 0.51
CA GLY A 81 -1.20 -1.45 -0.18
C GLY A 81 -2.31 -0.46 0.13
N PHE A 82 -3.20 -0.28 -0.81
CA PHE A 82 -4.35 0.66 -0.64
C PHE A 82 -5.65 -0.12 -0.68
N ILE A 83 -6.66 0.39 0.00
CA ILE A 83 -7.97 -0.32 0.06
C ILE A 83 -8.92 0.29 -0.95
N ASP A 84 -9.37 -0.52 -1.87
CA ASP A 84 -10.32 -0.07 -2.94
C ASP A 84 -11.75 -0.12 -2.43
N GLU A 85 -12.54 0.81 -2.89
CA GLU A 85 -13.97 0.88 -2.49
C GLU A 85 -14.11 0.67 -1.00
N ASN A 86 -14.70 -0.45 -0.63
CA ASN A 86 -14.91 -0.77 0.81
C ASN A 86 -14.12 -2.03 1.18
N HIS A 87 -13.59 -2.72 0.18
CA HIS A 87 -12.79 -3.96 0.45
C HIS A 87 -11.73 -4.13 -0.64
N ASP A 88 -11.42 -5.36 -0.95
CA ASP A 88 -10.39 -5.69 -1.99
C ASP A 88 -9.09 -4.97 -1.67
N MET A 89 -8.23 -5.61 -0.92
CA MET A 89 -6.92 -4.99 -0.56
C MET A 89 -5.91 -5.23 -1.67
N ASP A 90 -5.29 -4.18 -2.12
CA ASP A 90 -4.28 -4.29 -3.23
C ASP A 90 -2.90 -3.92 -2.70
N PHE A 91 -2.04 -4.91 -2.58
CA PHE A 91 -0.65 -4.67 -2.07
C PHE A 91 0.31 -4.58 -3.26
N LEU A 92 1.14 -3.58 -3.25
CA LEU A 92 2.12 -3.36 -4.37
C LEU A 92 3.48 -3.82 -3.92
N TYR A 93 3.68 -3.97 -2.63
CA TYR A 93 5.00 -4.42 -2.11
C TYR A 93 4.84 -5.00 -0.72
N LEU A 94 5.10 -6.27 -0.57
CA LEU A 94 4.98 -6.95 0.75
C LEU A 94 6.36 -7.40 1.22
N HIS A 95 6.76 -6.96 2.38
CA HIS A 95 8.09 -7.34 2.96
C HIS A 95 7.90 -7.78 4.40
N ASN A 96 8.01 -9.07 4.63
CA ASN A 96 7.86 -9.62 6.00
C ASN A 96 9.22 -9.51 6.70
N THR A 97 9.24 -9.76 7.98
CA THR A 97 10.50 -9.67 8.76
C THR A 97 11.48 -10.72 8.27
N VAL A 98 10.98 -11.83 7.79
CA VAL A 98 11.86 -12.93 7.30
C VAL A 98 12.20 -12.72 5.83
N MET A 99 11.18 -12.56 5.00
CA MET A 99 11.44 -12.37 3.54
C MET A 99 10.12 -12.00 2.84
N PRO A 100 10.19 -11.21 1.80
CA PRO A 100 9.01 -10.80 1.01
C PRO A 100 8.37 -11.99 0.32
N LEU A 101 7.06 -11.97 0.17
CA LEU A 101 6.35 -13.12 -0.48
C LEU A 101 6.02 -12.79 -1.93
N LEU A 102 5.12 -11.85 -2.16
CA LEU A 102 4.71 -11.50 -3.56
C LEU A 102 5.69 -10.50 -4.18
N ASP A 103 5.55 -9.23 -3.83
CA ASP A 103 6.44 -8.14 -4.37
C ASP A 103 6.34 -8.10 -5.89
N GLN A 104 5.17 -8.33 -6.42
CA GLN A 104 4.98 -8.34 -7.91
C GLN A 104 5.23 -6.94 -8.46
N ARG A 105 6.24 -6.83 -9.29
CA ARG A 105 6.61 -5.53 -9.90
C ARG A 105 5.53 -5.10 -10.89
N TYR A 106 4.79 -6.05 -11.42
CA TYR A 106 3.73 -5.71 -12.42
C TYR A 106 2.70 -4.81 -11.77
N LEU A 107 2.24 -5.18 -10.59
CA LEU A 107 1.23 -4.36 -9.86
C LEU A 107 1.86 -3.03 -9.48
N LEU A 108 3.10 -3.08 -9.04
CA LEU A 108 3.80 -1.83 -8.61
C LEU A 108 3.93 -0.91 -9.81
N THR A 109 4.31 -1.46 -10.95
CA THR A 109 4.48 -0.63 -12.19
C THR A 109 3.19 -0.64 -12.98
N GLY A 110 2.20 -1.35 -12.51
CA GLY A 110 0.89 -1.41 -13.21
C GLY A 110 0.93 -2.40 -14.36
N GLY A 111 -0.14 -2.49 -15.09
CA GLY A 111 -0.23 -3.44 -16.24
C GLY A 111 0.45 -2.80 -17.46
N GLN A 112 0.96 -1.61 -17.31
CA GLN A 112 1.63 -0.90 -18.43
C GLN A 112 2.86 -1.66 -18.88
N LEU A 113 3.23 -1.49 -20.13
CA LEU A 113 4.40 -2.21 -20.71
C LEU A 113 5.69 -1.72 -20.08
N GLU A 114 6.53 -2.64 -19.70
CA GLU A 114 7.83 -2.29 -19.04
C GLU A 114 8.74 -1.55 -20.03
N HIS A 115 9.39 -0.51 -19.54
CA HIS A 115 10.30 0.31 -20.39
C HIS A 115 11.70 -0.28 -20.35
N HIS A 116 11.81 -1.53 -19.99
CA HIS A 116 13.12 -2.22 -19.92
C HIS A 116 14.03 -1.54 -18.91
N HIS A 117 14.95 -2.27 -18.35
CA HIS A 117 15.88 -1.71 -17.34
C HIS A 117 16.99 -0.93 -18.03
N HIS A 118 17.29 0.23 -17.51
CA HIS A 118 18.36 1.07 -18.09
C HIS A 118 18.88 2.03 -17.03
N HIS A 119 19.76 1.55 -16.18
CA HIS A 119 20.36 2.39 -15.11
C HIS A 119 21.88 2.40 -15.23
N HIS A 120 22.45 3.57 -15.28
CA HIS A 120 23.93 3.72 -15.39
C HIS A 120 24.33 5.17 -15.03
N MET A 1 13.51 7.85 2.77
CA MET A 1 12.55 6.84 2.23
C MET A 1 11.92 7.38 0.94
N THR A 2 12.03 6.64 -0.14
CA THR A 2 11.46 7.10 -1.44
C THR A 2 10.13 6.36 -1.67
N LEU A 3 9.82 5.40 -0.84
CA LEU A 3 8.54 4.64 -0.98
C LEU A 3 7.36 5.59 -0.79
N GLU A 4 7.47 6.48 0.17
CA GLU A 4 6.35 7.43 0.42
C GLU A 4 6.09 8.22 -0.85
N LEU A 5 7.11 8.73 -1.47
CA LEU A 5 6.91 9.51 -2.73
C LEU A 5 6.37 8.58 -3.82
N GLN A 6 6.91 7.40 -3.93
CA GLN A 6 6.46 6.46 -4.97
C GLN A 6 5.01 6.05 -4.71
N LEU A 7 4.63 5.91 -3.47
CA LEU A 7 3.23 5.50 -3.17
C LEU A 7 2.26 6.56 -3.68
N LYS A 8 2.52 7.80 -3.39
CA LYS A 8 1.61 8.88 -3.85
C LYS A 8 1.63 8.94 -5.37
N HIS A 9 2.80 8.80 -5.95
CA HIS A 9 2.92 8.84 -7.44
C HIS A 9 2.19 7.64 -8.03
N TYR A 10 2.35 6.49 -7.44
CA TYR A 10 1.67 5.27 -7.96
C TYR A 10 0.16 5.44 -7.89
N ILE A 11 -0.35 5.87 -6.76
CA ILE A 11 -1.82 6.04 -6.61
C ILE A 11 -2.31 7.16 -7.55
N THR A 12 -1.61 8.25 -7.59
CA THR A 12 -2.04 9.37 -8.47
C THR A 12 -1.95 8.96 -9.94
N ASN A 13 -0.86 8.35 -10.33
CA ASN A 13 -0.72 7.93 -11.74
C ASN A 13 -1.75 6.84 -12.07
N LEU A 14 -1.96 5.93 -11.15
CA LEU A 14 -2.92 4.83 -11.40
C LEU A 14 -4.33 5.41 -11.59
N PHE A 15 -4.72 6.34 -10.76
CA PHE A 15 -6.07 6.94 -10.87
C PHE A 15 -5.95 8.27 -11.62
N ASN A 16 -4.76 8.61 -12.05
CA ASN A 16 -4.55 9.87 -12.81
C ASN A 16 -5.03 11.06 -11.98
N LEU A 17 -4.81 11.02 -10.68
CA LEU A 17 -5.27 12.15 -9.82
C LEU A 17 -4.18 13.22 -9.72
N PRO A 18 -4.53 14.47 -9.50
CA PRO A 18 -3.53 15.58 -9.37
C PRO A 18 -2.50 15.33 -8.26
N ARG A 19 -1.29 15.75 -8.48
CA ARG A 19 -0.21 15.56 -7.46
C ARG A 19 -0.20 16.75 -6.50
N ASP A 20 -1.03 17.73 -6.74
CA ASP A 20 -1.07 18.93 -5.84
C ASP A 20 -2.01 18.65 -4.66
N GLU A 21 -2.52 17.45 -4.57
CA GLU A 21 -3.45 17.11 -3.46
C GLU A 21 -2.70 17.06 -2.13
N LYS A 22 -3.32 17.50 -1.07
CA LYS A 22 -2.65 17.48 0.26
C LYS A 22 -2.89 16.13 0.94
N TRP A 23 -1.87 15.53 1.48
CA TRP A 23 -2.02 14.21 2.17
C TRP A 23 -1.89 14.42 3.68
N GLU A 24 -2.72 13.79 4.46
CA GLU A 24 -2.66 13.95 5.94
C GLU A 24 -2.11 12.67 6.57
N CYS A 25 -0.99 12.77 7.23
CA CYS A 25 -0.39 11.58 7.87
C CYS A 25 -1.11 11.28 9.18
N GLU A 26 -1.65 10.10 9.31
CA GLU A 26 -2.37 9.72 10.57
C GLU A 26 -1.76 8.42 11.11
N SER A 27 -0.89 8.52 12.07
CA SER A 27 -0.24 7.30 12.62
C SER A 27 -1.17 6.65 13.66
N ILE A 28 -1.32 5.36 13.59
CA ILE A 28 -2.18 4.65 14.58
C ILE A 28 -1.62 3.24 14.81
N GLU A 29 -1.78 2.73 16.00
CA GLU A 29 -1.25 1.36 16.30
C GLU A 29 -2.42 0.37 16.39
N GLU A 30 -2.41 -0.63 15.55
CA GLU A 30 -3.52 -1.63 15.56
C GLU A 30 -2.97 -3.03 15.27
N VAL A 31 -3.71 -4.05 15.59
CA VAL A 31 -3.25 -5.43 15.34
C VAL A 31 -3.19 -5.72 13.84
N ALA A 32 -2.18 -6.41 13.40
CA ALA A 32 -2.05 -6.72 11.94
C ALA A 32 -3.25 -7.55 11.46
N ASP A 33 -3.69 -8.48 12.24
CA ASP A 33 -4.85 -9.33 11.81
C ASP A 33 -6.14 -8.51 11.81
N ASP A 34 -6.10 -7.32 12.37
CA ASP A 34 -7.32 -6.46 12.41
C ASP A 34 -7.30 -5.48 11.24
N ILE A 35 -6.32 -5.58 10.38
CA ILE A 35 -6.23 -4.65 9.22
C ILE A 35 -5.80 -5.43 7.97
N LEU A 36 -5.01 -6.46 8.14
CA LEU A 36 -4.55 -7.24 6.95
C LEU A 36 -5.47 -8.44 6.69
N PRO A 37 -5.49 -8.95 5.47
CA PRO A 37 -6.34 -10.13 5.10
C PRO A 37 -6.09 -11.35 6.00
N ASP A 38 -7.13 -12.08 6.29
CA ASP A 38 -6.99 -13.29 7.15
C ASP A 38 -6.18 -14.37 6.40
N GLN A 39 -6.31 -14.42 5.10
CA GLN A 39 -5.56 -15.45 4.32
C GLN A 39 -4.06 -15.18 4.44
N TYR A 40 -3.67 -13.93 4.41
CA TYR A 40 -2.22 -13.61 4.51
C TYR A 40 -1.81 -13.57 5.98
N VAL A 41 -2.76 -13.69 6.88
CA VAL A 41 -2.43 -13.67 8.34
C VAL A 41 -2.94 -14.96 8.99
N ARG A 42 -2.05 -15.89 9.24
CA ARG A 42 -2.46 -17.18 9.87
C ARG A 42 -1.51 -17.51 11.02
N LEU A 43 -0.57 -18.40 10.80
CA LEU A 43 0.39 -18.76 11.89
C LEU A 43 1.69 -17.96 11.68
N GLY A 44 1.73 -17.14 10.67
CA GLY A 44 2.96 -16.35 10.41
C GLY A 44 3.30 -15.51 11.65
N PRO A 45 4.48 -14.95 11.67
CA PRO A 45 4.93 -14.10 12.81
C PRO A 45 4.19 -12.76 12.83
N LEU A 46 3.52 -12.44 11.76
CA LEU A 46 2.76 -11.16 11.70
C LEU A 46 1.39 -11.37 12.36
N SER A 47 1.07 -12.59 12.70
CA SER A 47 -0.24 -12.87 13.34
C SER A 47 -0.23 -12.40 14.80
N ASN A 48 -1.31 -11.79 15.24
CA ASN A 48 -1.39 -11.31 16.65
C ASN A 48 -0.19 -10.41 16.95
N LYS A 49 0.31 -9.70 15.97
CA LYS A 49 1.47 -8.79 16.20
C LYS A 49 1.02 -7.34 16.09
N ILE A 50 1.42 -6.51 17.02
CA ILE A 50 0.99 -5.08 16.97
C ILE A 50 1.92 -4.32 16.02
N LEU A 51 1.36 -3.74 14.98
CA LEU A 51 2.18 -2.98 13.99
C LEU A 51 1.68 -1.55 13.87
N GLN A 52 2.57 -0.63 13.62
CA GLN A 52 2.17 0.79 13.49
C GLN A 52 1.60 1.00 12.09
N THR A 53 0.32 1.25 12.00
CA THR A 53 -0.31 1.47 10.66
C THR A 53 -0.50 2.96 10.42
N ASN A 54 0.09 3.47 9.36
CA ASN A 54 -0.04 4.92 9.04
C ASN A 54 -1.02 5.09 7.89
N THR A 55 -2.22 5.51 8.19
CA THR A 55 -3.24 5.70 7.12
C THR A 55 -3.21 7.15 6.64
N TYR A 56 -3.32 7.35 5.36
CA TYR A 56 -3.31 8.75 4.81
C TYR A 56 -4.72 9.15 4.42
N TYR A 57 -5.14 10.33 4.81
CA TYR A 57 -6.52 10.81 4.46
C TYR A 57 -6.42 12.04 3.58
N SER A 58 -7.04 12.00 2.43
CA SER A 58 -7.01 13.17 1.49
C SER A 58 -8.42 13.41 0.93
N ASP A 59 -8.73 14.62 0.59
CA ASP A 59 -10.08 14.93 0.05
C ASP A 59 -10.29 14.18 -1.27
N THR A 60 -9.32 14.18 -2.15
CA THR A 60 -9.47 13.48 -3.45
C THR A 60 -9.59 11.97 -3.22
N LEU A 61 -8.75 11.42 -2.40
CA LEU A 61 -8.80 9.96 -2.13
C LEU A 61 -10.13 9.61 -1.46
N HIS A 62 -10.59 10.43 -0.56
CA HIS A 62 -11.87 10.14 0.13
C HIS A 62 -12.98 9.99 -0.92
N LYS A 63 -13.02 10.86 -1.88
CA LYS A 63 -14.06 10.76 -2.95
C LYS A 63 -13.87 9.46 -3.72
N SER A 64 -12.65 9.09 -3.98
CA SER A 64 -12.37 7.84 -4.72
C SER A 64 -12.59 6.64 -3.78
N ASN A 65 -12.87 6.90 -2.54
CA ASN A 65 -13.09 5.80 -1.56
C ASN A 65 -11.83 4.96 -1.45
N ILE A 66 -10.68 5.59 -1.48
CA ILE A 66 -9.38 4.85 -1.37
C ILE A 66 -8.63 5.35 -0.14
N TYR A 67 -8.16 4.45 0.70
CA TYR A 67 -7.43 4.85 1.93
C TYR A 67 -6.04 4.20 1.96
N PRO A 68 -5.04 4.84 1.39
CA PRO A 68 -3.66 4.30 1.36
C PRO A 68 -3.08 4.10 2.77
N PHE A 69 -2.26 3.09 2.97
CA PHE A 69 -1.69 2.88 4.33
C PHE A 69 -0.35 2.14 4.23
N ILE A 70 0.50 2.33 5.21
CA ILE A 70 1.83 1.65 5.22
C ILE A 70 2.08 1.12 6.62
N LEU A 71 2.66 -0.04 6.74
CA LEU A 71 2.92 -0.63 8.09
C LEU A 71 4.39 -0.46 8.44
N TYR A 72 4.67 -0.13 9.68
CA TYR A 72 6.08 0.05 10.13
C TYR A 72 6.34 -0.79 11.37
N TYR A 73 7.57 -1.16 11.59
CA TYR A 73 7.91 -1.97 12.79
C TYR A 73 9.34 -1.66 13.21
N GLN A 74 9.53 -0.56 13.90
CA GLN A 74 10.90 -0.15 14.36
C GLN A 74 11.86 -0.08 13.16
N LYS A 75 12.34 -1.21 12.70
CA LYS A 75 13.29 -1.21 11.55
C LYS A 75 12.81 -0.26 10.46
N GLN A 76 11.81 -0.64 9.71
CA GLN A 76 11.31 0.25 8.62
C GLN A 76 9.93 -0.21 8.17
N LEU A 77 9.55 0.13 6.97
CA LEU A 77 8.23 -0.29 6.45
C LEU A 77 8.18 -1.80 6.28
N ILE A 78 7.08 -2.42 6.61
CA ILE A 78 6.96 -3.90 6.48
C ILE A 78 6.00 -4.24 5.32
N ALA A 79 5.13 -3.33 4.96
CA ALA A 79 4.20 -3.64 3.83
C ALA A 79 3.60 -2.35 3.29
N ILE A 80 3.22 -2.36 2.04
CA ILE A 80 2.59 -1.15 1.42
C ILE A 80 1.33 -1.58 0.69
N GLY A 81 0.24 -0.88 0.88
CA GLY A 81 -1.01 -1.28 0.19
C GLY A 81 -2.09 -0.25 0.46
N PHE A 82 -3.17 -0.30 -0.27
CA PHE A 82 -4.28 0.69 -0.06
C PHE A 82 -5.62 -0.03 -0.15
N ILE A 83 -6.61 0.49 0.53
CA ILE A 83 -7.95 -0.18 0.48
C ILE A 83 -8.76 0.39 -0.67
N ASP A 84 -9.18 -0.45 -1.58
CA ASP A 84 -9.99 -0.01 -2.75
C ASP A 84 -11.36 0.44 -2.26
N GLU A 85 -12.33 0.45 -3.15
CA GLU A 85 -13.72 0.88 -2.77
C GLU A 85 -14.10 0.29 -1.41
N ASN A 86 -13.74 0.98 -0.35
CA ASN A 86 -14.04 0.53 1.04
C ASN A 86 -13.88 -1.00 1.16
N HIS A 87 -12.97 -1.59 0.41
CA HIS A 87 -12.74 -3.07 0.50
C HIS A 87 -11.58 -3.48 -0.41
N ASP A 88 -11.22 -4.74 -0.39
CA ASP A 88 -10.10 -5.25 -1.24
C ASP A 88 -8.81 -4.49 -0.97
N MET A 89 -7.80 -5.19 -0.54
CA MET A 89 -6.48 -4.56 -0.25
C MET A 89 -5.50 -4.91 -1.37
N ASP A 90 -5.04 -3.93 -2.09
CA ASP A 90 -4.07 -4.17 -3.20
C ASP A 90 -2.66 -3.87 -2.71
N PHE A 91 -1.80 -4.86 -2.71
CA PHE A 91 -0.39 -4.65 -2.25
C PHE A 91 0.53 -4.54 -3.46
N LEU A 92 1.44 -3.60 -3.44
CA LEU A 92 2.38 -3.42 -4.58
C LEU A 92 3.77 -3.89 -4.14
N TYR A 93 4.05 -3.81 -2.86
CA TYR A 93 5.36 -4.26 -2.35
C TYR A 93 5.15 -4.86 -0.96
N LEU A 94 5.31 -6.15 -0.82
CA LEU A 94 5.13 -6.80 0.52
C LEU A 94 6.46 -7.38 0.99
N HIS A 95 6.89 -6.99 2.17
CA HIS A 95 8.19 -7.51 2.71
C HIS A 95 7.99 -7.92 4.17
N ASN A 96 7.96 -9.21 4.43
CA ASN A 96 7.77 -9.70 5.82
C ASN A 96 9.14 -10.02 6.43
N THR A 97 9.15 -10.47 7.65
CA THR A 97 10.46 -10.80 8.31
C THR A 97 11.10 -11.99 7.60
N VAL A 98 10.36 -12.70 6.79
CA VAL A 98 10.91 -13.89 6.06
C VAL A 98 10.87 -13.63 4.55
N MET A 99 11.65 -12.70 4.09
CA MET A 99 11.70 -12.37 2.63
C MET A 99 10.31 -11.98 2.12
N PRO A 100 10.26 -11.24 1.05
CA PRO A 100 8.96 -10.83 0.42
C PRO A 100 8.24 -12.01 -0.24
N LEU A 101 6.93 -12.03 -0.17
CA LEU A 101 6.15 -13.15 -0.78
C LEU A 101 5.56 -12.66 -2.11
N LEU A 102 4.86 -11.56 -2.08
CA LEU A 102 4.24 -11.02 -3.33
C LEU A 102 5.25 -10.17 -4.09
N ASP A 103 5.43 -8.94 -3.67
CA ASP A 103 6.39 -8.03 -4.36
C ASP A 103 6.30 -8.19 -5.87
N GLN A 104 5.21 -7.78 -6.45
CA GLN A 104 5.03 -7.89 -7.93
C GLN A 104 5.25 -6.51 -8.56
N ARG A 105 6.26 -6.39 -9.36
CA ARG A 105 6.57 -5.09 -10.01
C ARG A 105 5.40 -4.68 -10.92
N TYR A 106 4.70 -5.61 -11.47
CA TYR A 106 3.56 -5.26 -12.37
C TYR A 106 2.58 -4.37 -11.61
N LEU A 107 2.21 -4.76 -10.42
CA LEU A 107 1.26 -3.93 -9.62
C LEU A 107 1.93 -2.60 -9.26
N LEU A 108 3.19 -2.65 -8.91
CA LEU A 108 3.90 -1.40 -8.54
C LEU A 108 3.94 -0.46 -9.74
N THR A 109 4.24 -1.00 -10.91
CA THR A 109 4.31 -0.17 -12.14
C THR A 109 2.96 -0.23 -12.87
N GLY A 110 2.01 -0.92 -12.31
CA GLY A 110 0.67 -1.01 -12.96
C GLY A 110 0.64 -2.11 -14.02
N GLY A 111 -0.54 -2.47 -14.46
CA GLY A 111 -0.66 -3.54 -15.48
C GLY A 111 -0.19 -3.05 -16.86
N GLN A 112 0.40 -3.93 -17.62
CA GLN A 112 0.89 -3.55 -18.98
C GLN A 112 1.60 -2.20 -18.93
N LEU A 113 2.90 -2.22 -18.83
CA LEU A 113 3.68 -0.96 -18.79
C LEU A 113 4.01 -0.55 -20.22
N GLU A 114 3.70 -1.39 -21.18
CA GLU A 114 4.01 -1.07 -22.60
C GLU A 114 2.91 -0.18 -23.19
N HIS A 115 3.26 0.60 -24.18
CA HIS A 115 2.26 1.51 -24.81
C HIS A 115 1.30 0.72 -25.72
N HIS A 116 0.32 1.39 -26.25
CA HIS A 116 -0.65 0.72 -27.15
C HIS A 116 0.08 0.16 -28.38
N HIS A 117 0.99 0.92 -28.94
CA HIS A 117 1.73 0.43 -30.13
C HIS A 117 2.90 -0.46 -29.70
N HIS A 118 3.03 -1.61 -30.31
CA HIS A 118 4.13 -2.54 -29.92
C HIS A 118 5.39 -2.21 -30.72
N HIS A 119 6.46 -1.83 -30.05
CA HIS A 119 7.72 -1.50 -30.78
C HIS A 119 8.90 -1.70 -29.84
N HIS A 120 10.00 -2.19 -30.35
CA HIS A 120 11.20 -2.38 -29.49
C HIS A 120 12.39 -2.76 -30.39
N MET A 1 13.05 9.23 -3.51
CA MET A 1 12.50 7.88 -3.80
C MET A 1 11.97 7.27 -2.50
N THR A 2 11.15 8.02 -1.79
CA THR A 2 10.60 7.51 -0.50
C THR A 2 9.38 6.62 -0.77
N LEU A 3 8.97 5.85 0.21
CA LEU A 3 7.79 4.96 0.04
C LEU A 3 6.54 5.81 -0.22
N GLU A 4 6.39 6.88 0.50
CA GLU A 4 5.19 7.74 0.31
C GLU A 4 5.19 8.35 -1.09
N LEU A 5 6.32 8.85 -1.52
CA LEU A 5 6.38 9.45 -2.88
C LEU A 5 6.11 8.37 -3.94
N GLN A 6 6.70 7.23 -3.77
CA GLN A 6 6.49 6.13 -4.76
C GLN A 6 5.06 5.62 -4.65
N LEU A 7 4.57 5.50 -3.46
CA LEU A 7 3.18 5.00 -3.28
C LEU A 7 2.18 5.97 -3.91
N LYS A 8 2.37 7.25 -3.68
CA LYS A 8 1.44 8.26 -4.25
C LYS A 8 1.54 8.24 -5.77
N HIS A 9 2.73 8.09 -6.29
CA HIS A 9 2.91 8.07 -7.77
C HIS A 9 2.11 6.90 -8.37
N TYR A 10 2.22 5.73 -7.79
CA TYR A 10 1.46 4.56 -8.34
C TYR A 10 -0.04 4.82 -8.23
N ILE A 11 -0.50 5.22 -7.08
CA ILE A 11 -1.96 5.47 -6.89
C ILE A 11 -2.40 6.63 -7.78
N THR A 12 -1.64 7.67 -7.82
CA THR A 12 -2.02 8.85 -8.66
C THR A 12 -2.08 8.45 -10.13
N ASN A 13 -1.06 7.79 -10.60
CA ASN A 13 -1.03 7.37 -12.02
C ASN A 13 -2.09 6.29 -12.25
N LEU A 14 -2.27 5.42 -11.30
CA LEU A 14 -3.27 4.33 -11.47
C LEU A 14 -4.66 4.92 -11.61
N PHE A 15 -5.00 5.88 -10.79
CA PHE A 15 -6.36 6.50 -10.85
C PHE A 15 -6.24 7.88 -11.51
N ASN A 16 -5.06 8.23 -11.94
CA ASN A 16 -4.85 9.55 -12.59
C ASN A 16 -5.27 10.67 -11.64
N LEU A 17 -5.03 10.49 -10.37
CA LEU A 17 -5.43 11.55 -9.38
C LEU A 17 -4.27 12.53 -9.18
N PRO A 18 -4.56 13.77 -8.85
CA PRO A 18 -3.48 14.79 -8.64
C PRO A 18 -2.40 14.32 -7.66
N ARG A 19 -1.17 14.43 -8.07
CA ARG A 19 -0.01 14.02 -7.21
C ARG A 19 0.48 15.24 -6.43
N ASP A 20 0.09 16.42 -6.85
CA ASP A 20 0.55 17.65 -6.15
C ASP A 20 -0.36 17.89 -4.95
N GLU A 21 -1.32 17.04 -4.72
CA GLU A 21 -2.23 17.22 -3.56
C GLU A 21 -1.66 16.48 -2.34
N LYS A 22 -1.34 17.19 -1.30
CA LYS A 22 -0.78 16.54 -0.09
C LYS A 22 -1.90 15.96 0.76
N TRP A 23 -1.68 14.80 1.33
CA TRP A 23 -2.73 14.15 2.18
C TRP A 23 -2.38 14.32 3.64
N GLU A 24 -3.19 13.78 4.51
CA GLU A 24 -2.95 13.90 5.99
C GLU A 24 -2.48 12.57 6.54
N CYS A 25 -1.30 12.56 7.11
CA CYS A 25 -0.74 11.30 7.68
C CYS A 25 -1.20 11.13 9.13
N GLU A 26 -1.58 9.93 9.50
CA GLU A 26 -2.03 9.68 10.90
C GLU A 26 -1.32 8.43 11.42
N SER A 27 -0.58 8.56 12.49
CA SER A 27 0.16 7.40 13.06
C SER A 27 -0.64 6.81 14.22
N ILE A 28 -0.99 5.55 14.10
CA ILE A 28 -1.77 4.89 15.20
C ILE A 28 -1.32 3.44 15.31
N GLU A 29 -1.29 2.92 16.49
CA GLU A 29 -0.87 1.50 16.69
C GLU A 29 -2.09 0.59 16.55
N GLU A 30 -2.02 -0.41 15.71
CA GLU A 30 -3.18 -1.32 15.51
C GLU A 30 -2.70 -2.76 15.27
N VAL A 31 -3.53 -3.71 15.57
CA VAL A 31 -3.15 -5.13 15.37
C VAL A 31 -2.98 -5.43 13.87
N ALA A 32 -1.95 -6.13 13.52
CA ALA A 32 -1.70 -6.46 12.07
C ALA A 32 -2.91 -7.21 11.51
N ASP A 33 -3.44 -8.15 12.25
CA ASP A 33 -4.60 -8.94 11.75
C ASP A 33 -5.81 -8.02 11.53
N ASP A 34 -5.95 -7.01 12.35
CA ASP A 34 -7.11 -6.08 12.19
C ASP A 34 -7.01 -5.29 10.88
N ILE A 35 -5.83 -5.27 10.28
CA ILE A 35 -5.64 -4.51 9.00
C ILE A 35 -5.24 -5.47 7.88
N LEU A 36 -4.61 -6.56 8.23
CA LEU A 36 -4.16 -7.54 7.20
C LEU A 36 -5.02 -8.80 7.29
N PRO A 37 -5.96 -8.99 6.39
CA PRO A 37 -6.82 -10.21 6.39
C PRO A 37 -6.01 -11.50 6.52
N ASP A 38 -6.66 -12.56 6.92
CA ASP A 38 -5.94 -13.86 7.08
C ASP A 38 -5.23 -14.20 5.76
N GLN A 39 -5.47 -13.43 4.75
CA GLN A 39 -4.82 -13.68 3.43
C GLN A 39 -3.30 -13.63 3.59
N TYR A 40 -2.81 -12.72 4.40
CA TYR A 40 -1.33 -12.61 4.60
C TYR A 40 -1.05 -12.38 6.08
N VAL A 41 -1.31 -13.39 6.89
CA VAL A 41 -1.06 -13.27 8.36
C VAL A 41 -0.88 -14.67 8.95
N ARG A 42 -1.38 -15.68 8.28
CA ARG A 42 -1.22 -17.07 8.78
C ARG A 42 0.28 -17.39 8.89
N LEU A 43 1.12 -16.47 8.51
CA LEU A 43 2.58 -16.72 8.57
C LEU A 43 2.99 -16.93 10.02
N GLY A 44 2.46 -16.14 10.93
CA GLY A 44 2.81 -16.29 12.39
C GLY A 44 3.34 -14.96 12.93
N PRO A 45 4.50 -14.54 12.49
CA PRO A 45 5.11 -13.26 12.96
C PRO A 45 4.14 -12.08 12.80
N LEU A 46 3.37 -12.07 11.75
CA LEU A 46 2.40 -10.96 11.54
C LEU A 46 1.13 -11.29 12.31
N SER A 47 1.08 -12.47 12.88
CA SER A 47 -0.13 -12.90 13.64
C SER A 47 -0.15 -12.28 15.05
N ASN A 48 -1.26 -11.68 15.40
CA ASN A 48 -1.41 -11.06 16.74
C ASN A 48 -0.22 -10.14 17.03
N LYS A 49 0.33 -9.52 16.01
CA LYS A 49 1.49 -8.60 16.23
C LYS A 49 1.07 -7.16 16.02
N ILE A 50 1.28 -6.33 17.00
CA ILE A 50 0.90 -4.90 16.90
C ILE A 50 2.00 -4.14 16.16
N LEU A 51 1.64 -3.38 15.15
CA LEU A 51 2.66 -2.61 14.38
C LEU A 51 2.18 -1.17 14.14
N GLN A 52 3.07 -0.34 13.69
CA GLN A 52 2.70 1.08 13.44
C GLN A 52 1.98 1.17 12.11
N THR A 53 0.76 1.67 12.11
CA THR A 53 -0.01 1.80 10.85
C THR A 53 -0.18 3.27 10.50
N ASN A 54 0.38 3.69 9.40
CA ASN A 54 0.26 5.12 8.99
C ASN A 54 -0.78 5.21 7.87
N THR A 55 -1.95 5.68 8.20
CA THR A 55 -3.03 5.79 7.20
C THR A 55 -3.08 7.22 6.66
N TYR A 56 -3.10 7.37 5.36
CA TYR A 56 -3.15 8.73 4.75
C TYR A 56 -4.53 8.95 4.13
N TYR A 57 -5.09 10.12 4.30
CA TYR A 57 -6.45 10.38 3.72
C TYR A 57 -6.60 11.87 3.40
N SER A 58 -7.20 12.17 2.28
CA SER A 58 -7.41 13.60 1.88
C SER A 58 -8.81 13.76 1.30
N ASP A 59 -9.15 14.94 0.88
CA ASP A 59 -10.51 15.19 0.30
C ASP A 59 -10.70 14.33 -0.97
N THR A 60 -9.73 14.34 -1.85
CA THR A 60 -9.86 13.54 -3.10
C THR A 60 -9.89 12.04 -2.78
N LEU A 61 -9.00 11.58 -1.94
CA LEU A 61 -8.98 10.13 -1.58
C LEU A 61 -10.30 9.77 -0.89
N HIS A 62 -10.74 10.63 -0.02
CA HIS A 62 -12.00 10.37 0.72
C HIS A 62 -13.16 10.34 -0.29
N LYS A 63 -13.19 11.27 -1.19
CA LYS A 63 -14.28 11.31 -2.21
C LYS A 63 -14.19 10.09 -3.12
N SER A 64 -13.01 9.73 -3.53
CA SER A 64 -12.85 8.56 -4.43
C SER A 64 -13.01 7.28 -3.61
N ASN A 65 -13.28 7.41 -2.34
CA ASN A 65 -13.46 6.21 -1.47
C ASN A 65 -12.17 5.39 -1.45
N ILE A 66 -11.04 6.05 -1.47
CA ILE A 66 -9.73 5.33 -1.46
C ILE A 66 -9.00 5.62 -0.16
N TYR A 67 -8.54 4.59 0.51
CA TYR A 67 -7.81 4.79 1.81
C TYR A 67 -6.49 4.03 1.78
N PRO A 68 -5.42 4.65 1.34
CA PRO A 68 -4.09 3.99 1.28
C PRO A 68 -3.40 3.92 2.65
N PHE A 69 -2.64 2.88 2.90
CA PHE A 69 -1.96 2.75 4.21
C PHE A 69 -0.59 2.11 4.03
N ILE A 70 0.33 2.48 4.88
CA ILE A 70 1.71 1.91 4.83
C ILE A 70 2.02 1.34 6.21
N LEU A 71 2.53 0.14 6.27
CA LEU A 71 2.84 -0.49 7.58
C LEU A 71 4.32 -0.40 7.90
N TYR A 72 4.63 0.00 9.11
CA TYR A 72 6.03 0.13 9.55
C TYR A 72 6.23 -0.65 10.84
N TYR A 73 7.37 -1.26 11.00
CA TYR A 73 7.65 -2.03 12.24
C TYR A 73 9.07 -1.70 12.68
N GLN A 74 9.19 -1.00 13.79
CA GLN A 74 10.53 -0.60 14.30
C GLN A 74 11.29 0.15 13.21
N LYS A 75 11.87 -0.57 12.29
CA LYS A 75 12.63 0.08 11.19
C LYS A 75 12.65 -0.86 9.99
N GLN A 76 11.52 -1.10 9.38
CA GLN A 76 11.47 -2.01 8.20
C GLN A 76 10.06 -1.98 7.59
N LEU A 77 9.98 -2.08 6.29
CA LEU A 77 8.64 -2.06 5.62
C LEU A 77 7.99 -3.44 5.73
N ILE A 78 6.73 -3.47 6.09
CA ILE A 78 6.00 -4.78 6.22
C ILE A 78 5.11 -4.99 4.99
N ALA A 79 4.27 -4.04 4.68
CA ALA A 79 3.39 -4.23 3.49
C ALA A 79 2.74 -2.90 3.10
N ILE A 80 2.32 -2.79 1.87
CA ILE A 80 1.64 -1.53 1.39
C ILE A 80 0.39 -1.89 0.60
N GLY A 81 -0.69 -1.19 0.81
CA GLY A 81 -1.93 -1.52 0.06
C GLY A 81 -2.96 -0.42 0.27
N PHE A 82 -4.13 -0.55 -0.31
CA PHE A 82 -5.18 0.49 -0.14
C PHE A 82 -6.56 -0.13 -0.26
N ILE A 83 -7.58 0.57 0.19
CA ILE A 83 -8.97 0.03 0.12
C ILE A 83 -9.75 0.73 -0.98
N ASP A 84 -10.32 -0.03 -1.89
CA ASP A 84 -11.08 0.57 -3.03
C ASP A 84 -12.55 0.79 -2.64
N GLU A 85 -13.32 1.35 -3.54
CA GLU A 85 -14.77 1.59 -3.27
C GLU A 85 -15.46 0.24 -3.06
N ASN A 86 -15.05 -0.77 -3.77
CA ASN A 86 -15.68 -2.12 -3.63
C ASN A 86 -14.85 -2.95 -2.64
N HIS A 87 -14.34 -2.34 -1.62
CA HIS A 87 -13.54 -3.08 -0.59
C HIS A 87 -12.38 -3.84 -1.26
N ASP A 88 -12.31 -5.13 -1.02
CA ASP A 88 -11.21 -5.96 -1.60
C ASP A 88 -9.87 -5.22 -1.45
N MET A 89 -9.17 -5.49 -0.38
CA MET A 89 -7.87 -4.81 -0.14
C MET A 89 -6.91 -5.13 -1.28
N ASP A 90 -6.27 -4.12 -1.81
CA ASP A 90 -5.31 -4.34 -2.94
C ASP A 90 -3.88 -4.31 -2.40
N PHE A 91 -3.09 -5.29 -2.75
CA PHE A 91 -1.69 -5.34 -2.27
C PHE A 91 -0.76 -4.82 -3.36
N LEU A 92 0.04 -3.83 -3.03
CA LEU A 92 0.98 -3.25 -4.03
C LEU A 92 2.39 -3.72 -3.69
N TYR A 93 2.65 -3.95 -2.44
CA TYR A 93 4.01 -4.42 -2.04
C TYR A 93 3.90 -5.18 -0.73
N LEU A 94 4.22 -6.45 -0.75
CA LEU A 94 4.15 -7.27 0.48
C LEU A 94 5.56 -7.64 0.91
N HIS A 95 5.90 -7.35 2.13
CA HIS A 95 7.27 -7.68 2.64
C HIS A 95 7.15 -8.42 3.96
N ASN A 96 7.57 -9.64 4.01
CA ASN A 96 7.50 -10.43 5.26
C ASN A 96 8.80 -10.22 6.04
N THR A 97 8.68 -9.83 7.29
CA THR A 97 9.89 -9.59 8.13
C THR A 97 10.97 -10.63 7.83
N VAL A 98 10.58 -11.79 7.37
CA VAL A 98 11.57 -12.86 7.05
C VAL A 98 12.00 -12.74 5.59
N MET A 99 11.05 -12.70 4.69
CA MET A 99 11.40 -12.58 3.26
C MET A 99 10.11 -12.32 2.45
N PRO A 100 10.04 -11.25 1.69
CA PRO A 100 8.82 -10.94 0.86
C PRO A 100 8.33 -12.15 0.05
N LEU A 101 7.04 -12.33 -0.04
CA LEU A 101 6.48 -13.48 -0.80
C LEU A 101 6.21 -13.04 -2.25
N LEU A 102 6.33 -11.77 -2.51
CA LEU A 102 6.10 -11.28 -3.90
C LEU A 102 6.47 -9.80 -3.96
N ASP A 103 7.33 -9.44 -4.87
CA ASP A 103 7.75 -8.01 -5.02
C ASP A 103 7.98 -7.74 -6.51
N GLN A 104 7.01 -7.17 -7.17
CA GLN A 104 7.15 -6.88 -8.63
C GLN A 104 7.37 -5.39 -8.86
N ARG A 105 8.52 -5.05 -9.39
CA ARG A 105 8.84 -3.62 -9.66
C ARG A 105 7.91 -3.08 -10.75
N TYR A 106 7.58 -3.88 -11.72
CA TYR A 106 6.70 -3.40 -12.82
C TYR A 106 5.37 -2.91 -12.23
N LEU A 107 4.79 -3.65 -11.32
CA LEU A 107 3.50 -3.21 -10.72
C LEU A 107 3.73 -1.93 -9.90
N LEU A 108 4.85 -1.83 -9.25
CA LEU A 108 5.12 -0.62 -8.42
C LEU A 108 5.09 0.63 -9.31
N THR A 109 5.77 0.58 -10.42
CA THR A 109 5.80 1.75 -11.35
C THR A 109 4.80 1.50 -12.48
N GLY A 110 4.06 0.43 -12.40
CA GLY A 110 3.04 0.11 -13.46
C GLY A 110 3.59 0.43 -14.85
N GLY A 111 4.40 -0.45 -15.39
CA GLY A 111 4.97 -0.21 -16.74
C GLY A 111 3.87 -0.23 -17.81
N GLN A 112 3.82 0.77 -18.63
CA GLN A 112 2.76 0.84 -19.70
C GLN A 112 3.30 0.26 -21.00
N LEU A 113 2.65 0.54 -22.10
CA LEU A 113 3.10 0.00 -23.41
C LEU A 113 4.28 0.81 -23.95
N GLU A 114 5.30 0.14 -24.37
CA GLU A 114 6.49 0.83 -24.93
C GLU A 114 6.11 1.58 -26.21
N HIS A 115 6.55 2.81 -26.34
CA HIS A 115 6.24 3.61 -27.56
C HIS A 115 7.37 3.40 -28.57
N HIS A 116 8.19 2.41 -28.35
CA HIS A 116 9.33 2.14 -29.27
C HIS A 116 8.80 1.84 -30.69
N HIS A 117 9.59 1.16 -31.46
CA HIS A 117 9.17 0.84 -32.86
C HIS A 117 7.91 -0.02 -32.82
N HIS A 118 7.84 -0.97 -31.92
CA HIS A 118 6.64 -1.85 -31.83
C HIS A 118 6.39 -2.56 -33.17
N HIS A 119 5.89 -1.85 -34.13
CA HIS A 119 5.61 -2.47 -35.46
C HIS A 119 6.91 -2.76 -36.20
N HIS A 120 6.98 -3.87 -36.86
CA HIS A 120 8.21 -4.23 -37.61
C HIS A 120 7.94 -5.47 -38.46
N MET A 1 15.51 6.97 -2.51
CA MET A 1 14.49 5.91 -2.76
C MET A 1 13.45 5.95 -1.64
N THR A 2 12.50 6.84 -1.74
CA THR A 2 11.45 6.96 -0.69
C THR A 2 10.18 6.23 -1.13
N LEU A 3 9.78 5.25 -0.37
CA LEU A 3 8.54 4.49 -0.71
C LEU A 3 7.33 5.41 -0.63
N GLU A 4 7.32 6.30 0.32
CA GLU A 4 6.17 7.23 0.48
C GLU A 4 5.87 7.91 -0.86
N LEU A 5 6.88 8.45 -1.49
CA LEU A 5 6.66 9.12 -2.81
C LEU A 5 6.21 8.08 -3.83
N GLN A 6 6.78 6.91 -3.80
CA GLN A 6 6.38 5.85 -4.77
C GLN A 6 4.91 5.48 -4.56
N LEU A 7 4.49 5.32 -3.34
CA LEU A 7 3.07 4.96 -3.09
C LEU A 7 2.15 6.08 -3.56
N LYS A 8 2.48 7.30 -3.26
CA LYS A 8 1.63 8.44 -3.69
C LYS A 8 1.62 8.52 -5.22
N HIS A 9 2.76 8.32 -5.82
CA HIS A 9 2.84 8.38 -7.31
C HIS A 9 2.05 7.22 -7.92
N TYR A 10 2.15 6.05 -7.34
CA TYR A 10 1.42 4.87 -7.89
C TYR A 10 -0.08 5.12 -7.85
N ILE A 11 -0.59 5.56 -6.73
CA ILE A 11 -2.06 5.82 -6.61
C ILE A 11 -2.47 6.97 -7.53
N THR A 12 -1.69 8.03 -7.59
CA THR A 12 -2.07 9.17 -8.45
C THR A 12 -2.31 8.70 -9.89
N ASN A 13 -1.40 7.95 -10.44
CA ASN A 13 -1.59 7.47 -11.83
C ASN A 13 -2.76 6.48 -11.88
N LEU A 14 -2.99 5.80 -10.80
CA LEU A 14 -4.09 4.79 -10.78
C LEU A 14 -5.43 5.49 -11.02
N PHE A 15 -5.67 6.58 -10.34
CA PHE A 15 -6.97 7.31 -10.52
C PHE A 15 -6.68 8.67 -11.15
N ASN A 16 -5.46 8.89 -11.58
CA ASN A 16 -5.10 10.18 -12.23
C ASN A 16 -5.39 11.33 -11.29
N LEU A 17 -5.15 11.16 -10.02
CA LEU A 17 -5.44 12.25 -9.05
C LEU A 17 -4.25 13.25 -9.05
N PRO A 18 -4.50 14.50 -8.71
CA PRO A 18 -3.42 15.54 -8.66
C PRO A 18 -2.19 15.10 -7.85
N ARG A 19 -1.02 15.34 -8.38
CA ARG A 19 0.24 14.94 -7.68
C ARG A 19 0.75 16.09 -6.82
N ASP A 20 0.30 17.29 -7.08
CA ASP A 20 0.76 18.46 -6.28
C ASP A 20 -0.12 18.62 -5.05
N GLU A 21 -1.08 17.75 -4.87
CA GLU A 21 -1.98 17.87 -3.67
C GLU A 21 -1.45 16.99 -2.55
N LYS A 22 -1.12 17.59 -1.44
CA LYS A 22 -0.58 16.80 -0.29
C LYS A 22 -1.74 16.22 0.52
N TRP A 23 -1.54 15.05 1.08
CA TRP A 23 -2.62 14.40 1.87
C TRP A 23 -2.29 14.51 3.36
N GLU A 24 -3.14 13.96 4.20
CA GLU A 24 -2.89 14.03 5.68
C GLU A 24 -2.52 12.62 6.18
N CYS A 25 -1.44 12.53 6.91
CA CYS A 25 -1.00 11.20 7.42
C CYS A 25 -1.60 10.93 8.80
N GLU A 26 -1.88 9.69 9.10
CA GLU A 26 -2.45 9.33 10.42
C GLU A 26 -1.70 8.10 10.94
N SER A 27 -0.78 8.31 11.85
CA SER A 27 0.02 7.17 12.40
C SER A 27 -0.68 6.60 13.63
N ILE A 28 -0.91 5.32 13.66
CA ILE A 28 -1.57 4.71 14.84
C ILE A 28 -1.19 3.21 14.92
N GLU A 29 -1.03 2.70 16.11
CA GLU A 29 -0.65 1.27 16.25
C GLU A 29 -1.90 0.38 16.21
N GLU A 30 -1.91 -0.59 15.33
CA GLU A 30 -3.09 -1.50 15.23
C GLU A 30 -2.62 -2.92 14.93
N VAL A 31 -3.43 -3.89 15.23
CA VAL A 31 -3.04 -5.31 14.97
C VAL A 31 -3.11 -5.61 13.47
N ALA A 32 -2.13 -6.28 12.94
CA ALA A 32 -2.12 -6.60 11.49
C ALA A 32 -3.39 -7.37 11.10
N ASP A 33 -3.76 -8.36 11.86
CA ASP A 33 -4.97 -9.16 11.52
C ASP A 33 -6.21 -8.25 11.51
N ASP A 34 -6.06 -7.01 11.85
CA ASP A 34 -7.23 -6.07 11.86
C ASP A 34 -7.36 -5.40 10.49
N ILE A 35 -6.28 -5.35 9.75
CA ILE A 35 -6.31 -4.71 8.39
C ILE A 35 -5.70 -5.67 7.38
N LEU A 36 -5.41 -6.88 7.79
CA LEU A 36 -4.82 -7.88 6.85
C LEU A 36 -5.58 -9.21 6.98
N PRO A 37 -6.24 -9.67 5.94
CA PRO A 37 -7.01 -10.95 5.99
C PRO A 37 -6.19 -12.10 6.59
N ASP A 38 -6.82 -12.93 7.38
CA ASP A 38 -6.10 -14.07 8.01
C ASP A 38 -5.29 -14.80 6.93
N GLN A 39 -5.63 -14.61 5.70
CA GLN A 39 -4.91 -15.29 4.59
C GLN A 39 -3.49 -14.74 4.47
N TYR A 40 -3.31 -13.45 4.66
CA TYR A 40 -1.96 -12.84 4.52
C TYR A 40 -1.35 -12.60 5.91
N VAL A 41 -1.89 -13.23 6.93
CA VAL A 41 -1.35 -13.06 8.31
C VAL A 41 -0.69 -14.38 8.75
N ARG A 42 -1.27 -15.49 8.38
CA ARG A 42 -0.68 -16.81 8.77
C ARG A 42 0.73 -16.95 8.19
N LEU A 43 0.90 -16.60 6.95
CA LEU A 43 2.25 -16.71 6.32
C LEU A 43 3.22 -15.72 6.98
N GLY A 44 2.75 -14.55 7.25
CA GLY A 44 3.62 -13.52 7.88
C GLY A 44 3.54 -13.61 9.42
N PRO A 45 4.63 -13.95 10.10
CA PRO A 45 4.63 -14.02 11.59
C PRO A 45 4.03 -12.75 12.22
N LEU A 46 3.68 -11.80 11.41
CA LEU A 46 3.08 -10.54 11.92
C LEU A 46 1.79 -10.87 12.67
N SER A 47 1.44 -12.13 12.73
CA SER A 47 0.18 -12.53 13.43
C SER A 47 0.16 -11.97 14.85
N ASN A 48 -0.98 -11.45 15.25
CA ASN A 48 -1.12 -10.86 16.61
C ASN A 48 -0.03 -9.81 16.84
N LYS A 49 0.76 -9.53 15.84
CA LYS A 49 1.84 -8.51 16.00
C LYS A 49 1.28 -7.11 15.74
N ILE A 50 1.60 -6.17 16.58
CA ILE A 50 1.10 -4.78 16.40
C ILE A 50 2.09 -3.99 15.54
N LEU A 51 1.65 -3.57 14.38
CA LEU A 51 2.55 -2.80 13.45
C LEU A 51 2.12 -1.33 13.43
N GLN A 52 3.05 -0.44 13.21
CA GLN A 52 2.71 1.00 13.17
C GLN A 52 2.07 1.33 11.82
N THR A 53 0.77 1.50 11.80
CA THR A 53 0.08 1.80 10.52
C THR A 53 0.15 3.30 10.21
N ASN A 54 -0.07 3.66 8.98
CA ASN A 54 -0.02 5.10 8.59
C ASN A 54 -1.03 5.31 7.45
N THR A 55 -2.26 5.56 7.78
CA THR A 55 -3.30 5.74 6.73
C THR A 55 -3.29 7.18 6.22
N TYR A 56 -3.28 7.34 4.92
CA TYR A 56 -3.26 8.71 4.33
C TYR A 56 -4.63 8.98 3.72
N TYR A 57 -5.15 10.18 3.88
CA TYR A 57 -6.49 10.48 3.29
C TYR A 57 -6.57 11.97 2.94
N SER A 58 -7.19 12.28 1.83
CA SER A 58 -7.33 13.71 1.41
C SER A 58 -8.75 13.95 0.90
N ASP A 59 -9.07 15.16 0.57
CA ASP A 59 -10.44 15.47 0.07
C ASP A 59 -10.77 14.65 -1.17
N THR A 60 -9.98 14.79 -2.21
CA THR A 60 -10.24 14.02 -3.46
C THR A 60 -9.91 12.54 -3.26
N LEU A 61 -8.86 12.26 -2.55
CA LEU A 61 -8.49 10.84 -2.34
C LEU A 61 -9.59 10.11 -1.58
N HIS A 62 -10.14 10.74 -0.58
CA HIS A 62 -11.23 10.10 0.21
C HIS A 62 -12.46 9.90 -0.68
N LYS A 63 -12.75 10.86 -1.51
CA LYS A 63 -13.93 10.75 -2.40
C LYS A 63 -13.77 9.55 -3.34
N SER A 64 -12.58 9.34 -3.84
CA SER A 64 -12.35 8.19 -4.76
C SER A 64 -12.59 6.88 -4.02
N ASN A 65 -12.96 6.96 -2.77
CA ASN A 65 -13.22 5.73 -1.96
C ASN A 65 -11.94 4.89 -1.87
N ILE A 66 -10.80 5.54 -1.84
CA ILE A 66 -9.50 4.79 -1.73
C ILE A 66 -8.86 5.11 -0.39
N TYR A 67 -8.44 4.10 0.33
CA TYR A 67 -7.81 4.31 1.67
C TYR A 67 -6.42 3.65 1.70
N PRO A 68 -5.40 4.34 1.25
CA PRO A 68 -4.02 3.79 1.23
C PRO A 68 -3.33 3.89 2.59
N PHE A 69 -2.55 2.91 2.95
CA PHE A 69 -1.85 2.95 4.26
C PHE A 69 -0.54 2.17 4.17
N ILE A 70 0.39 2.47 5.06
CA ILE A 70 1.71 1.78 5.04
C ILE A 70 2.02 1.25 6.43
N LEU A 71 2.70 0.14 6.51
CA LEU A 71 3.05 -0.47 7.83
C LEU A 71 4.54 -0.29 8.08
N TYR A 72 4.90 0.10 9.28
CA TYR A 72 6.35 0.32 9.61
C TYR A 72 6.75 -0.52 10.82
N TYR A 73 7.92 -1.11 10.76
CA TYR A 73 8.42 -1.93 11.90
C TYR A 73 9.94 -1.86 11.94
N GLN A 74 10.48 -1.33 12.99
CA GLN A 74 11.97 -1.21 13.12
C GLN A 74 12.54 -0.42 11.94
N LYS A 75 12.18 0.84 11.84
CA LYS A 75 12.69 1.71 10.74
C LYS A 75 12.73 0.93 9.43
N GLN A 76 11.72 0.16 9.16
CA GLN A 76 11.68 -0.62 7.90
C GLN A 76 10.24 -1.01 7.59
N LEU A 77 9.78 -0.67 6.41
CA LEU A 77 8.37 -0.99 6.03
C LEU A 77 8.14 -2.50 6.09
N ILE A 78 6.89 -2.91 6.07
CA ILE A 78 6.55 -4.36 6.10
C ILE A 78 5.59 -4.67 4.96
N ALA A 79 4.64 -3.82 4.71
CA ALA A 79 3.68 -4.10 3.60
C ALA A 79 2.96 -2.81 3.20
N ILE A 80 2.50 -2.73 1.98
CA ILE A 80 1.78 -1.52 1.50
C ILE A 80 0.50 -1.94 0.78
N GLY A 81 -0.58 -1.24 0.97
CA GLY A 81 -1.84 -1.65 0.29
C GLY A 81 -2.91 -0.57 0.46
N PHE A 82 -4.06 -0.77 -0.13
CA PHE A 82 -5.16 0.23 0.01
C PHE A 82 -6.51 -0.49 -0.03
N ILE A 83 -7.54 0.13 0.48
CA ILE A 83 -8.90 -0.52 0.49
C ILE A 83 -9.86 0.29 -0.39
N ASP A 84 -10.52 -0.37 -1.30
CA ASP A 84 -11.48 0.33 -2.22
C ASP A 84 -12.91 -0.10 -1.91
N GLU A 85 -13.85 0.30 -2.73
CA GLU A 85 -15.27 -0.06 -2.51
C GLU A 85 -15.41 -1.52 -2.12
N ASN A 86 -16.47 -1.84 -1.43
CA ASN A 86 -16.70 -3.23 -0.98
C ASN A 86 -15.63 -3.58 0.05
N HIS A 87 -14.93 -2.58 0.53
CA HIS A 87 -13.87 -2.82 1.55
C HIS A 87 -12.94 -3.94 1.08
N ASP A 88 -12.54 -3.89 -0.17
CA ASP A 88 -11.62 -4.94 -0.70
C ASP A 88 -10.17 -4.59 -0.38
N MET A 89 -9.48 -5.46 0.30
CA MET A 89 -8.06 -5.18 0.66
C MET A 89 -7.16 -5.51 -0.54
N ASP A 90 -6.46 -4.52 -1.04
CA ASP A 90 -5.55 -4.75 -2.21
C ASP A 90 -4.09 -4.71 -1.75
N PHE A 91 -3.28 -5.59 -2.28
CA PHE A 91 -1.84 -5.63 -1.87
C PHE A 91 -0.97 -4.96 -2.93
N LEU A 92 -0.19 -4.00 -2.54
CA LEU A 92 0.71 -3.30 -3.51
C LEU A 92 2.10 -3.92 -3.42
N TYR A 93 2.69 -3.84 -2.26
CA TYR A 93 4.06 -4.39 -2.06
C TYR A 93 4.09 -5.11 -0.72
N LEU A 94 4.52 -6.36 -0.69
CA LEU A 94 4.55 -7.11 0.61
C LEU A 94 5.98 -7.51 0.96
N HIS A 95 6.42 -7.16 2.15
CA HIS A 95 7.80 -7.52 2.60
C HIS A 95 7.75 -7.96 4.06
N ASN A 96 7.90 -9.24 4.31
CA ASN A 96 7.85 -9.75 5.71
C ASN A 96 9.28 -9.90 6.26
N THR A 97 9.40 -10.25 7.51
CA THR A 97 10.74 -10.41 8.14
C THR A 97 11.61 -11.34 7.29
N VAL A 98 12.57 -10.79 6.59
CA VAL A 98 13.50 -11.61 5.74
C VAL A 98 12.76 -12.78 5.11
N MET A 99 11.50 -12.60 4.82
CA MET A 99 10.71 -13.71 4.20
C MET A 99 9.61 -13.12 3.31
N PRO A 100 9.99 -12.30 2.36
CA PRO A 100 9.02 -11.64 1.44
C PRO A 100 8.35 -12.64 0.48
N LEU A 101 7.10 -12.43 0.19
CA LEU A 101 6.37 -13.33 -0.74
C LEU A 101 6.23 -12.63 -2.09
N LEU A 102 5.72 -11.43 -2.08
CA LEU A 102 5.53 -10.67 -3.36
C LEU A 102 6.34 -9.37 -3.34
N ASP A 103 7.05 -9.12 -4.40
CA ASP A 103 7.86 -7.87 -4.49
C ASP A 103 8.06 -7.54 -5.98
N GLN A 104 7.03 -7.10 -6.65
CA GLN A 104 7.14 -6.76 -8.10
C GLN A 104 7.24 -5.24 -8.27
N ARG A 105 8.33 -4.79 -8.82
CA ARG A 105 8.53 -3.32 -9.02
C ARG A 105 7.53 -2.80 -10.06
N TYR A 106 7.24 -3.59 -11.06
CA TYR A 106 6.30 -3.14 -12.11
C TYR A 106 4.94 -2.85 -11.47
N LEU A 107 4.48 -3.71 -10.61
CA LEU A 107 3.18 -3.50 -9.93
C LEU A 107 3.27 -2.24 -9.06
N LEU A 108 4.37 -2.06 -8.38
CA LEU A 108 4.50 -0.88 -7.46
C LEU A 108 4.39 0.42 -8.28
N THR A 109 5.06 0.49 -9.39
CA THR A 109 5.02 1.73 -10.24
C THR A 109 4.08 1.48 -11.41
N GLY A 110 3.38 0.39 -11.40
CA GLY A 110 2.44 0.06 -12.53
C GLY A 110 1.46 1.20 -12.76
N GLY A 111 0.95 1.30 -13.97
CA GLY A 111 -0.02 2.38 -14.31
C GLY A 111 -0.50 2.17 -15.75
N GLN A 112 0.38 1.70 -16.60
CA GLN A 112 0.01 1.46 -18.03
C GLN A 112 -0.70 2.70 -18.58
N LEU A 113 0.06 3.72 -18.93
CA LEU A 113 -0.55 4.97 -19.48
C LEU A 113 -0.52 4.93 -21.00
N GLU A 114 -1.62 5.28 -21.63
CA GLU A 114 -1.69 5.28 -23.13
C GLU A 114 -2.36 6.58 -23.58
N HIS A 115 -3.19 7.14 -22.75
CA HIS A 115 -3.88 8.41 -23.12
C HIS A 115 -2.86 9.54 -23.22
N HIS A 116 -1.90 9.57 -22.32
CA HIS A 116 -0.88 10.67 -22.36
C HIS A 116 0.43 10.17 -21.75
N HIS A 117 1.51 10.89 -21.97
CA HIS A 117 2.82 10.47 -21.40
C HIS A 117 3.71 11.71 -21.20
N HIS A 118 4.63 11.63 -20.28
CA HIS A 118 5.53 12.80 -20.01
C HIS A 118 6.63 12.87 -21.06
N HIS A 119 7.02 14.06 -21.44
CA HIS A 119 8.09 14.23 -22.46
C HIS A 119 9.45 13.83 -21.88
N HIS A 120 10.26 13.17 -22.66
CA HIS A 120 11.61 12.75 -22.16
C HIS A 120 12.45 12.29 -23.35
N MET A 1 13.80 5.45 2.04
CA MET A 1 12.91 6.63 2.19
C MET A 1 12.49 7.10 0.80
N THR A 2 12.57 6.22 -0.17
CA THR A 2 12.19 6.56 -1.57
C THR A 2 11.00 5.68 -1.97
N LEU A 3 10.81 4.60 -1.26
CA LEU A 3 9.67 3.68 -1.59
C LEU A 3 8.35 4.43 -1.36
N GLU A 4 8.28 5.19 -0.30
CA GLU A 4 7.03 5.95 0.00
C GLU A 4 6.74 6.92 -1.14
N LEU A 5 7.76 7.53 -1.69
CA LEU A 5 7.57 8.50 -2.80
C LEU A 5 6.98 7.77 -4.02
N GLN A 6 7.48 6.59 -4.30
CA GLN A 6 6.96 5.83 -5.48
C GLN A 6 5.48 5.49 -5.26
N LEU A 7 5.13 5.19 -4.05
CA LEU A 7 3.70 4.84 -3.77
C LEU A 7 2.81 6.03 -4.09
N LYS A 8 3.23 7.20 -3.73
CA LYS A 8 2.41 8.42 -4.01
C LYS A 8 2.24 8.57 -5.53
N HIS A 9 3.29 8.37 -6.27
CA HIS A 9 3.22 8.49 -7.75
C HIS A 9 2.37 7.36 -8.33
N TYR A 10 2.55 6.17 -7.83
CA TYR A 10 1.78 5.01 -8.36
C TYR A 10 0.28 5.21 -8.12
N ILE A 11 -0.07 5.62 -6.94
CA ILE A 11 -1.52 5.82 -6.63
C ILE A 11 -2.11 6.94 -7.50
N THR A 12 -1.39 8.02 -7.66
CA THR A 12 -1.93 9.14 -8.48
C THR A 12 -2.10 8.69 -9.94
N ASN A 13 -1.12 8.03 -10.49
CA ASN A 13 -1.23 7.55 -11.90
C ASN A 13 -2.31 6.49 -12.01
N LEU A 14 -2.39 5.60 -11.06
CA LEU A 14 -3.42 4.52 -11.12
C LEU A 14 -4.83 5.13 -11.05
N PHE A 15 -5.04 6.07 -10.17
CA PHE A 15 -6.40 6.69 -10.04
C PHE A 15 -6.40 8.02 -10.80
N ASN A 16 -5.29 8.36 -11.40
CA ASN A 16 -5.20 9.63 -12.17
C ASN A 16 -5.56 10.80 -11.25
N LEU A 17 -5.08 10.78 -10.04
CA LEU A 17 -5.37 11.89 -9.09
C LEU A 17 -4.24 12.92 -9.14
N PRO A 18 -4.56 14.19 -8.93
CA PRO A 18 -3.54 15.27 -8.97
C PRO A 18 -2.52 15.17 -7.82
N ARG A 19 -1.30 15.52 -8.11
CA ARG A 19 -0.23 15.46 -7.07
C ARG A 19 -0.32 16.74 -6.21
N ASP A 20 -1.13 17.67 -6.60
CA ASP A 20 -1.27 18.93 -5.81
C ASP A 20 -2.23 18.68 -4.63
N GLU A 21 -2.70 17.48 -4.47
CA GLU A 21 -3.63 17.18 -3.36
C GLU A 21 -2.83 16.92 -2.07
N LYS A 22 -3.07 17.70 -1.05
CA LYS A 22 -2.34 17.51 0.22
C LYS A 22 -2.86 16.28 0.94
N TRP A 23 -1.98 15.45 1.43
CA TRP A 23 -2.39 14.21 2.15
C TRP A 23 -2.27 14.44 3.66
N GLU A 24 -3.10 13.80 4.42
CA GLU A 24 -3.06 13.95 5.90
C GLU A 24 -2.53 12.67 6.53
N CYS A 25 -1.48 12.77 7.29
CA CYS A 25 -0.88 11.57 7.93
C CYS A 25 -1.68 11.18 9.17
N GLU A 26 -1.96 9.91 9.32
CA GLU A 26 -2.72 9.42 10.50
C GLU A 26 -2.00 8.20 11.07
N SER A 27 -1.28 8.37 12.15
CA SER A 27 -0.52 7.23 12.74
C SER A 27 -1.30 6.65 13.92
N ILE A 28 -1.58 5.38 13.86
CA ILE A 28 -2.33 4.71 14.97
C ILE A 28 -1.79 3.29 15.15
N GLU A 29 -1.52 2.90 16.36
CA GLU A 29 -0.97 1.54 16.61
C GLU A 29 -2.12 0.54 16.79
N GLU A 30 -2.08 -0.55 16.07
CA GLU A 30 -3.16 -1.56 16.20
C GLU A 30 -2.66 -2.93 15.72
N VAL A 31 -3.42 -3.95 15.99
CA VAL A 31 -3.01 -5.32 15.57
C VAL A 31 -3.05 -5.44 14.05
N ALA A 32 -2.03 -6.04 13.48
CA ALA A 32 -1.97 -6.21 12.00
C ALA A 32 -3.23 -6.94 11.51
N ASP A 33 -3.58 -8.01 12.15
CA ASP A 33 -4.78 -8.79 11.72
C ASP A 33 -6.02 -7.90 11.72
N ASP A 34 -5.93 -6.74 12.32
CA ASP A 34 -7.11 -5.82 12.36
C ASP A 34 -7.42 -5.30 10.95
N ILE A 35 -6.42 -5.01 10.17
CA ILE A 35 -6.65 -4.50 8.77
C ILE A 35 -6.10 -5.48 7.77
N LEU A 36 -5.38 -6.48 8.23
CA LEU A 36 -4.81 -7.49 7.28
C LEU A 36 -5.63 -8.78 7.36
N PRO A 37 -6.29 -9.17 6.29
CA PRO A 37 -7.10 -10.42 6.27
C PRO A 37 -6.32 -11.63 6.81
N ASP A 38 -6.99 -12.46 7.56
CA ASP A 38 -6.32 -13.66 8.13
C ASP A 38 -5.66 -14.47 7.01
N GLN A 39 -5.91 -14.12 5.78
CA GLN A 39 -5.31 -14.86 4.64
C GLN A 39 -3.79 -14.73 4.68
N TYR A 40 -3.29 -13.56 4.92
CA TYR A 40 -1.80 -13.35 4.98
C TYR A 40 -1.36 -13.26 6.43
N VAL A 41 -2.29 -13.25 7.36
CA VAL A 41 -1.93 -13.16 8.80
C VAL A 41 -2.53 -14.35 9.55
N ARG A 42 -1.71 -15.05 10.27
CA ARG A 42 -2.18 -16.24 11.05
C ARG A 42 -1.21 -16.48 12.21
N LEU A 43 -0.47 -17.56 12.16
CA LEU A 43 0.51 -17.88 13.24
C LEU A 43 1.90 -17.42 12.78
N GLY A 44 1.96 -16.76 11.65
CA GLY A 44 3.27 -16.29 11.14
C GLY A 44 3.89 -15.26 12.10
N PRO A 45 5.01 -14.70 11.73
CA PRO A 45 5.71 -13.66 12.55
C PRO A 45 4.81 -12.45 12.83
N LEU A 46 3.94 -12.15 11.92
CA LEU A 46 3.02 -10.99 12.10
C LEU A 46 1.82 -11.42 12.95
N SER A 47 1.80 -12.65 13.37
CA SER A 47 0.65 -13.13 14.19
C SER A 47 0.49 -12.28 15.45
N ASN A 48 -0.73 -11.90 15.75
CA ASN A 48 -1.01 -11.06 16.95
C ASN A 48 0.08 -10.00 17.12
N LYS A 49 0.78 -9.68 16.07
CA LYS A 49 1.86 -8.67 16.17
C LYS A 49 1.27 -7.26 16.06
N ILE A 50 1.68 -6.37 16.91
CA ILE A 50 1.16 -4.97 16.87
C ILE A 50 2.02 -4.13 15.92
N LEU A 51 1.45 -3.72 14.81
CA LEU A 51 2.22 -2.90 13.82
C LEU A 51 1.64 -1.48 13.77
N GLN A 52 2.50 -0.53 13.52
CA GLN A 52 2.05 0.88 13.45
C GLN A 52 1.41 1.13 12.08
N THR A 53 0.13 1.38 12.07
CA THR A 53 -0.56 1.62 10.77
C THR A 53 -0.63 3.12 10.49
N ASN A 54 0.05 3.56 9.47
CA ASN A 54 0.04 5.01 9.09
C ASN A 54 -0.81 5.17 7.84
N THR A 55 -2.03 5.61 8.02
CA THR A 55 -2.95 5.77 6.85
C THR A 55 -2.90 7.22 6.37
N TYR A 56 -2.67 7.40 5.09
CA TYR A 56 -2.62 8.78 4.52
C TYR A 56 -3.82 8.97 3.60
N TYR A 57 -4.59 9.99 3.81
CA TYR A 57 -5.79 10.21 2.94
C TYR A 57 -6.11 11.70 2.87
N SER A 58 -6.84 12.10 1.87
CA SER A 58 -7.20 13.54 1.71
C SER A 58 -8.67 13.66 1.32
N ASP A 59 -9.10 14.85 1.00
CA ASP A 59 -10.53 15.06 0.59
C ASP A 59 -10.79 14.32 -0.72
N THR A 60 -9.89 14.39 -1.65
CA THR A 60 -10.09 13.70 -2.96
C THR A 60 -10.12 12.19 -2.74
N LEU A 61 -9.18 11.67 -2.00
CA LEU A 61 -9.15 10.19 -1.75
C LEU A 61 -10.41 9.76 -0.98
N HIS A 62 -10.79 10.54 -0.01
CA HIS A 62 -12.01 10.17 0.79
C HIS A 62 -13.25 10.22 -0.13
N LYS A 63 -13.31 11.19 -0.99
CA LYS A 63 -14.49 11.31 -1.90
C LYS A 63 -14.51 10.11 -2.87
N SER A 64 -13.37 9.71 -3.33
CA SER A 64 -13.31 8.55 -4.28
C SER A 64 -13.44 7.24 -3.51
N ASN A 65 -13.55 7.32 -2.20
CA ASN A 65 -13.69 6.09 -1.36
C ASN A 65 -12.38 5.29 -1.42
N ILE A 66 -11.26 5.97 -1.41
CA ILE A 66 -9.95 5.26 -1.45
C ILE A 66 -9.13 5.63 -0.21
N TYR A 67 -8.61 4.64 0.46
CA TYR A 67 -7.82 4.89 1.70
C TYR A 67 -6.46 4.16 1.61
N PRO A 68 -5.43 4.82 1.11
CA PRO A 68 -4.09 4.22 0.98
C PRO A 68 -3.33 4.27 2.31
N PHE A 69 -2.57 3.26 2.62
CA PHE A 69 -1.82 3.27 3.91
C PHE A 69 -0.56 2.42 3.81
N ILE A 70 0.34 2.61 4.76
CA ILE A 70 1.62 1.84 4.76
C ILE A 70 1.84 1.27 6.17
N LEU A 71 2.45 0.13 6.27
CA LEU A 71 2.71 -0.48 7.61
C LEU A 71 4.16 -0.25 8.00
N TYR A 72 4.39 0.07 9.25
CA TYR A 72 5.78 0.33 9.72
C TYR A 72 6.04 -0.46 10.99
N TYR A 73 7.21 -1.04 11.09
CA TYR A 73 7.57 -1.84 12.29
C TYR A 73 9.03 -1.56 12.66
N GLN A 74 9.24 -1.00 13.82
CA GLN A 74 10.62 -0.68 14.28
C GLN A 74 11.37 0.11 13.20
N LYS A 75 10.86 1.25 12.85
CA LYS A 75 11.52 2.11 11.82
C LYS A 75 11.82 1.28 10.57
N GLN A 76 10.92 0.41 10.19
CA GLN A 76 11.15 -0.42 8.97
C GLN A 76 9.80 -0.79 8.34
N LEU A 77 9.61 -0.44 7.09
CA LEU A 77 8.33 -0.76 6.40
C LEU A 77 8.18 -2.27 6.19
N ILE A 78 6.99 -2.78 6.41
CA ILE A 78 6.74 -4.25 6.23
C ILE A 78 5.91 -4.48 4.97
N ALA A 79 4.91 -3.68 4.73
CA ALA A 79 4.08 -3.91 3.52
C ALA A 79 3.34 -2.63 3.12
N ILE A 80 2.84 -2.60 1.91
CA ILE A 80 2.10 -1.41 1.40
C ILE A 80 0.80 -1.88 0.75
N GLY A 81 -0.24 -1.10 0.85
CA GLY A 81 -1.51 -1.51 0.22
C GLY A 81 -2.55 -0.40 0.33
N PHE A 82 -3.64 -0.51 -0.37
CA PHE A 82 -4.68 0.55 -0.32
C PHE A 82 -6.05 -0.08 -0.57
N ILE A 83 -7.10 0.56 -0.10
CA ILE A 83 -8.47 0.00 -0.31
C ILE A 83 -9.17 0.78 -1.42
N ASP A 84 -9.63 0.07 -2.43
CA ASP A 84 -10.32 0.75 -3.57
C ASP A 84 -11.84 0.71 -3.37
N GLU A 85 -12.56 1.19 -4.35
CA GLU A 85 -14.05 1.22 -4.27
C GLU A 85 -14.60 -0.21 -4.05
N ASN A 86 -13.81 -1.21 -4.31
CA ASN A 86 -14.29 -2.61 -4.13
C ASN A 86 -13.98 -3.07 -2.70
N HIS A 87 -13.57 -2.16 -1.86
CA HIS A 87 -13.25 -2.52 -0.44
C HIS A 87 -12.22 -3.66 -0.40
N ASP A 88 -11.70 -4.03 -1.53
CA ASP A 88 -10.69 -5.12 -1.57
C ASP A 88 -9.30 -4.57 -1.21
N MET A 89 -8.71 -5.07 -0.17
CA MET A 89 -7.36 -4.59 0.24
C MET A 89 -6.36 -4.87 -0.88
N ASP A 90 -6.17 -3.91 -1.75
CA ASP A 90 -5.21 -4.11 -2.87
C ASP A 90 -3.78 -4.07 -2.33
N PHE A 91 -2.94 -4.94 -2.82
CA PHE A 91 -1.52 -4.98 -2.34
C PHE A 91 -0.58 -4.62 -3.50
N LEU A 92 0.28 -3.67 -3.27
CA LEU A 92 1.24 -3.23 -4.34
C LEU A 92 2.63 -3.73 -3.99
N TYR A 93 2.95 -3.86 -2.73
CA TYR A 93 4.30 -4.35 -2.34
C TYR A 93 4.20 -5.04 -0.98
N LEU A 94 4.31 -6.33 -0.96
CA LEU A 94 4.21 -7.10 0.32
C LEU A 94 5.58 -7.67 0.69
N HIS A 95 6.04 -7.37 1.87
CA HIS A 95 7.37 -7.90 2.33
C HIS A 95 7.25 -8.42 3.75
N ASN A 96 7.36 -9.71 3.92
CA ASN A 96 7.24 -10.32 5.26
C ASN A 96 8.57 -10.17 6.02
N THR A 97 8.54 -10.43 7.30
CA THR A 97 9.79 -10.31 8.12
C THR A 97 10.83 -11.31 7.61
N VAL A 98 10.39 -12.42 7.10
CA VAL A 98 11.36 -13.44 6.58
C VAL A 98 11.72 -13.13 5.14
N MET A 99 10.79 -13.33 4.23
CA MET A 99 11.09 -13.06 2.79
C MET A 99 9.80 -12.62 2.08
N PRO A 100 9.89 -11.76 1.09
CA PRO A 100 8.69 -11.28 0.33
C PRO A 100 8.07 -12.37 -0.55
N LEU A 101 6.77 -12.31 -0.72
CA LEU A 101 6.08 -13.33 -1.56
C LEU A 101 5.80 -12.73 -2.93
N LEU A 102 5.89 -11.43 -3.04
CA LEU A 102 5.63 -10.75 -4.36
C LEU A 102 6.71 -9.72 -4.64
N ASP A 103 6.54 -8.53 -4.13
CA ASP A 103 7.55 -7.46 -4.36
C ASP A 103 7.75 -7.26 -5.87
N GLN A 104 6.68 -7.34 -6.62
CA GLN A 104 6.80 -7.17 -8.09
C GLN A 104 7.10 -5.71 -8.43
N ARG A 105 8.24 -5.48 -9.00
CA ARG A 105 8.63 -4.10 -9.39
C ARG A 105 7.74 -3.64 -10.55
N TYR A 106 7.46 -4.54 -11.45
CA TYR A 106 6.61 -4.19 -12.64
C TYR A 106 5.28 -3.58 -12.16
N LEU A 107 4.63 -4.24 -11.26
CA LEU A 107 3.33 -3.73 -10.74
C LEU A 107 3.59 -2.48 -9.90
N LEU A 108 4.72 -2.41 -9.26
CA LEU A 108 5.02 -1.23 -8.40
C LEU A 108 5.05 0.05 -9.26
N THR A 109 5.70 0.00 -10.39
CA THR A 109 5.78 1.20 -11.29
C THR A 109 5.49 0.77 -12.73
N GLY A 110 5.97 -0.39 -13.11
CA GLY A 110 5.71 -0.89 -14.50
C GLY A 110 6.21 0.12 -15.55
N GLY A 111 5.37 0.44 -16.50
CA GLY A 111 5.77 1.40 -17.56
C GLY A 111 6.65 0.68 -18.60
N GLN A 112 6.46 -0.60 -18.75
CA GLN A 112 7.29 -1.38 -19.73
C GLN A 112 7.45 -0.61 -21.05
N LEU A 113 8.45 -0.94 -21.81
CA LEU A 113 8.69 -0.23 -23.10
C LEU A 113 7.65 -0.67 -24.15
N GLU A 114 7.05 0.27 -24.81
CA GLU A 114 6.01 -0.05 -25.84
C GLU A 114 6.57 0.26 -27.24
N HIS A 115 6.54 -0.70 -28.12
CA HIS A 115 7.06 -0.47 -29.51
C HIS A 115 5.98 0.18 -30.38
N HIS A 116 6.21 1.39 -30.81
CA HIS A 116 5.22 2.10 -31.67
C HIS A 116 5.11 1.40 -33.02
N HIS A 117 6.22 0.98 -33.58
CA HIS A 117 6.17 0.30 -34.90
C HIS A 117 7.37 -0.65 -35.05
N HIS A 118 7.32 -1.53 -36.02
CA HIS A 118 8.45 -2.49 -36.24
C HIS A 118 9.27 -2.06 -37.46
N HIS A 119 10.57 -1.93 -37.30
CA HIS A 119 11.42 -1.50 -38.44
C HIS A 119 11.74 -2.70 -39.35
N HIS A 120 11.76 -2.46 -40.64
CA HIS A 120 12.06 -3.56 -41.61
C HIS A 120 13.48 -4.07 -41.39
#